data_5D7I
#
_entry.id   5D7I
#
_cell.length_a   214.300
_cell.length_b   69.660
_cell.length_c   141.190
_cell.angle_alpha   90.000
_cell.angle_beta   103.990
_cell.angle_gamma   90.000
#
_symmetry.space_group_name_H-M   'C 1 2 1'
#
loop_
_entity.id
_entity.type
_entity.pdbx_description
1 polymer 'Major histocompatibility complex class I-related gene protein'
2 polymer Beta-2-microglobulin
3 polymer 'M33.64 TCR Alpha Chain'
4 polymer 'M33.64 TCR Beta Chain'
5 non-polymer PROLINE
6 non-polymer N-(6-formyl-4-oxo-3,4-dihydropteridin-2-yl)acetamide
7 non-polymer GLYCEROL
8 water water
#
loop_
_entity_poly.entity_id
_entity_poly.type
_entity_poly.pdbx_seq_one_letter_code
_entity_poly.pdbx_strand_id
1 'polypeptide(L)'
;MRTHSLRYFRLGVSDPIHGVPEFISVGYVDSHPITTYDSVTRQKEPRAPWMAENLAPDHWERYTQLLRGWQQMFKVELKR
LQRHYNHSGSHTYQRMIGCELLEDGSTTGFLQYAYDGQDFLIFNKDTLSWLAVDNVAHTIKQAWEANQHELLYQKNWLEE
ECIAWLKRFLEYGKDTLQRTEPPLVRVNRKETFPGVTALFCKAHGFYPPEIYMTWMKNGEEIVQEIDYGDILPSGDGTYQ
AWASIELDPQSSNLYSCHVEHSGVHMVLQVP
;
A,C
2 'polypeptide(L)'
;MIQRTPKIQVYSRHPAENGKSNFLNCYVSGFHPSDIEVDLLKNGERIEKVEHSDLSFSKDWSFYLLYYTEFTPTEKDEYA
CRVNHVTLSQPKIVKWDRDM
;
B,D
3 'polypeptide(L)'
;MGQNIDQPTEMTATEGAIVQINCTYQTSGFNGLFWYQQHAGEAPTFLSYNVLDGLEEKGRFSSFLSRSKGYSYLLLKELQ
MKDSASYLCAVMDSNYQLIWGAGTKLIIKPDIQNPDPAVYQLRDSKSSDKSVCLFTDFDSQTNVSQSKDSDVYITDKCVL
DMRSMDFKSNSAVAWSNKSDFACANAFNNSIIPEDTFFPSPESS
;
G,E
4 'polypeptide(L)'
;MIAGITQAPTSQILAAGRRMTLRCTQDMRHNAMYWYRQDLGLGLRLIHYSNTAGTTGKGEVPDGYSVSRANTDDFPLTLA
SAVPSQTSVYFCASSEAGGNTGELFFGEGSRLTVLEDLKNVFPPEVAVFEPSEAEISHTQKATLVCLATGFYPDHVELSW
WVNGKEVHSGVCTDPQPLKEQPALNDSRYALSSRLRVSATFWQNPRNHFRCQVQFYGLSENDEWTQDRAKPVTQIVSAEA
WGRAD
;
H,F
#
# COMPACT_ATOMS: atom_id res chain seq x y z
N ARG A 2 12.56 -26.87 9.53
CA ARG A 2 11.43 -26.08 9.03
C ARG A 2 11.93 -24.75 8.45
N THR A 3 11.00 -23.85 8.11
CA THR A 3 11.35 -22.53 7.58
C THR A 3 11.80 -21.55 8.68
N HIS A 4 12.97 -20.95 8.51
CA HIS A 4 13.39 -19.93 9.46
C HIS A 4 13.75 -18.65 8.74
N SER A 5 13.68 -17.54 9.46
CA SER A 5 14.00 -16.25 8.87
C SER A 5 14.77 -15.36 9.83
N LEU A 6 15.56 -14.46 9.27
CA LEU A 6 16.20 -13.40 10.04
C LEU A 6 15.82 -12.08 9.40
N ARG A 7 15.39 -11.09 10.19
CA ARG A 7 15.15 -9.78 9.62
CA ARG A 7 15.18 -9.77 9.62
C ARG A 7 15.44 -8.64 10.59
N TYR A 8 15.82 -7.50 10.04
CA TYR A 8 16.02 -6.30 10.84
C TYR A 8 15.11 -5.23 10.30
N PHE A 9 14.35 -4.60 11.19
CA PHE A 9 13.51 -3.46 10.85
C PHE A 9 14.14 -2.16 11.36
N ARG A 10 13.90 -1.06 10.65
CA ARG A 10 14.11 0.29 11.17
C ARG A 10 12.79 1.08 11.06
N LEU A 11 12.52 1.92 12.06
CA LEU A 11 11.39 2.83 12.01
C LEU A 11 11.85 4.24 12.35
N GLY A 12 11.53 5.19 11.50
CA GLY A 12 11.82 6.59 11.76
C GLY A 12 10.50 7.36 11.81
N VAL A 13 10.36 8.21 12.81
CA VAL A 13 9.16 9.01 12.98
C VAL A 13 9.57 10.49 13.06
N SER A 14 9.03 11.32 12.18
CA SER A 14 9.36 12.73 12.24
C SER A 14 8.44 13.43 13.25
N ASP A 15 8.96 14.46 13.90
CA ASP A 15 8.25 15.19 14.95
C ASP A 15 7.42 14.30 15.88
N PRO A 16 8.09 13.33 16.52
CA PRO A 16 7.38 12.37 17.37
C PRO A 16 6.80 13.02 18.63
N ILE A 17 5.74 12.43 19.18
CA ILE A 17 5.17 12.81 20.47
C ILE A 17 6.27 12.70 21.54
N HIS A 18 6.03 13.31 22.70
CA HIS A 18 7.01 13.33 23.79
C HIS A 18 7.50 11.93 24.18
N GLY A 19 6.68 10.90 23.98
CA GLY A 19 7.04 9.54 24.36
C GLY A 19 7.66 8.68 23.28
N VAL A 20 7.22 8.86 22.03
CA VAL A 20 7.69 8.04 20.93
C VAL A 20 9.10 8.43 20.48
N PRO A 21 10.03 7.46 20.46
CA PRO A 21 11.38 7.76 19.98
C PRO A 21 11.41 8.06 18.49
N GLU A 22 12.41 8.82 18.07
CA GLU A 22 12.53 9.24 16.69
C GLU A 22 12.97 8.08 15.78
N PHE A 23 13.62 7.09 16.37
CA PHE A 23 14.18 5.99 15.59
C PHE A 23 14.20 4.73 16.44
N ILE A 24 13.79 3.62 15.84
CA ILE A 24 13.83 2.30 16.50
C ILE A 24 14.31 1.27 15.51
N SER A 25 15.18 0.38 15.95
CA SER A 25 15.55 -0.76 15.15
C SER A 25 15.41 -2.02 15.96
N VAL A 26 14.74 -3.02 15.40
CA VAL A 26 14.53 -4.31 16.08
C VAL A 26 14.79 -5.47 15.12
N GLY A 27 15.53 -6.47 15.57
CA GLY A 27 15.77 -7.65 14.76
C GLY A 27 14.95 -8.82 15.24
N TYR A 28 14.62 -9.71 14.31
CA TYR A 28 13.90 -10.94 14.63
C TYR A 28 14.55 -12.17 14.05
N VAL A 29 14.48 -13.27 14.79
CA VAL A 29 14.63 -14.57 14.17
C VAL A 29 13.28 -15.28 14.32
N ASP A 30 12.68 -15.66 13.18
CA ASP A 30 11.32 -16.17 13.16
C ASP A 30 10.40 -15.17 13.86
N SER A 31 9.60 -15.61 14.84
CA SER A 31 8.74 -14.67 15.56
C SER A 31 9.42 -14.03 16.79
N HIS A 32 10.70 -14.30 17.00
CA HIS A 32 11.35 -13.91 18.25
C HIS A 32 12.20 -12.65 18.07
N PRO A 33 11.91 -11.60 18.87
CA PRO A 33 12.82 -10.44 18.89
C PRO A 33 14.22 -10.89 19.35
N ILE A 34 15.26 -10.42 18.65
CA ILE A 34 16.61 -10.78 19.07
C ILE A 34 17.46 -9.57 19.46
N THR A 35 17.18 -8.41 18.87
CA THR A 35 17.96 -7.20 19.10
C THR A 35 17.07 -5.96 19.13
N THR A 36 17.51 -4.93 19.84
CA THR A 36 16.77 -3.68 19.87
C THR A 36 17.73 -2.48 19.97
N TYR A 37 17.33 -1.37 19.38
CA TYR A 37 18.09 -0.13 19.44
C TYR A 37 17.08 1.00 19.29
N ASP A 38 17.27 2.12 19.99
CA ASP A 38 16.48 3.28 19.65
C ASP A 38 17.25 4.56 19.96
N SER A 39 16.66 5.69 19.55
CA SER A 39 17.31 6.98 19.65
C SER A 39 17.37 7.52 21.08
N VAL A 40 16.74 6.82 22.01
CA VAL A 40 16.78 7.22 23.41
C VAL A 40 17.89 6.45 24.13
N THR A 41 17.87 5.12 24.05
CA THR A 41 18.95 4.33 24.65
C THR A 41 20.28 4.58 23.92
N ARG A 42 20.16 4.78 22.61
CA ARG A 42 21.31 4.88 21.70
C ARG A 42 22.29 3.71 21.87
N GLN A 43 21.76 2.56 22.29
CA GLN A 43 22.55 1.33 22.46
C GLN A 43 21.82 0.15 21.82
N LYS A 44 22.54 -0.68 21.07
CA LYS A 44 21.95 -1.93 20.59
C LYS A 44 22.13 -3.01 21.66
N GLU A 45 21.01 -3.63 22.06
CA GLU A 45 21.01 -4.63 23.11
C GLU A 45 20.32 -5.93 22.67
N PRO A 46 20.69 -7.07 23.26
CA PRO A 46 19.98 -8.33 22.94
C PRO A 46 18.58 -8.39 23.56
N ARG A 47 17.69 -9.11 22.90
CA ARG A 47 16.29 -9.16 23.33
C ARG A 47 15.90 -10.62 23.56
N ALA A 48 16.89 -11.50 23.46
CA ALA A 48 16.73 -12.89 23.78
C ALA A 48 17.98 -13.36 24.50
N PRO A 49 17.81 -14.15 25.55
CA PRO A 49 18.95 -14.61 26.37
C PRO A 49 19.96 -15.42 25.56
N TRP A 50 19.50 -16.15 24.56
CA TRP A 50 20.44 -16.96 23.79
C TRP A 50 21.19 -16.09 22.79
N MET A 51 20.72 -14.87 22.57
CA MET A 51 21.53 -13.87 21.87
C MET A 51 22.58 -13.29 22.81
N ALA A 52 22.14 -12.86 23.99
CA ALA A 52 23.02 -12.24 25.00
C ALA A 52 24.15 -13.16 25.42
N GLU A 53 23.83 -14.44 25.56
CA GLU A 53 24.82 -15.40 26.04
C GLU A 53 25.89 -15.77 25.02
N ASN A 54 25.62 -15.58 23.73
CA ASN A 54 26.53 -16.11 22.70
C ASN A 54 27.28 -15.07 21.88
N LEU A 55 26.90 -13.81 22.02
CA LEU A 55 27.62 -12.73 21.34
C LEU A 55 28.37 -11.88 22.37
N ALA A 56 29.67 -11.70 22.13
CA ALA A 56 30.54 -10.92 23.02
C ALA A 56 30.20 -9.42 22.98
N PRO A 57 30.63 -8.66 24.01
CA PRO A 57 30.37 -7.21 24.04
C PRO A 57 30.77 -6.46 22.77
N ASP A 58 31.83 -6.93 22.11
CA ASP A 58 32.33 -6.30 20.91
C ASP A 58 31.26 -6.20 19.81
N HIS A 59 30.44 -7.24 19.70
CA HIS A 59 29.32 -7.23 18.75
C HIS A 59 28.38 -6.04 19.03
N TRP A 60 27.90 -5.95 20.26
CA TRP A 60 26.97 -4.87 20.62
C TRP A 60 27.62 -3.48 20.48
N GLU A 61 28.92 -3.40 20.74
CA GLU A 61 29.57 -2.09 20.67
C GLU A 61 29.71 -1.65 19.22
N ARG A 62 30.11 -2.59 18.36
CA ARG A 62 30.25 -2.29 16.93
C ARG A 62 28.93 -1.89 16.29
N TYR A 63 27.89 -2.68 16.53
CA TYR A 63 26.61 -2.36 15.90
C TYR A 63 25.94 -1.14 16.51
N THR A 64 26.27 -0.82 17.75
CA THR A 64 25.80 0.44 18.35
C THR A 64 26.32 1.62 17.52
N GLN A 65 27.60 1.59 17.18
CA GLN A 65 28.18 2.67 16.38
C GLN A 65 27.53 2.73 15.00
N LEU A 66 27.31 1.57 14.38
CA LEU A 66 26.68 1.54 13.07
C LEU A 66 25.24 2.08 13.14
N LEU A 67 24.48 1.67 14.16
CA LEU A 67 23.11 2.12 14.31
C LEU A 67 23.00 3.62 14.56
N ARG A 68 23.95 4.17 15.29
CA ARG A 68 23.95 5.62 15.52
C ARG A 68 24.09 6.35 14.19
N GLY A 69 24.93 5.81 13.30
CA GLY A 69 25.05 6.34 11.96
C GLY A 69 23.77 6.15 11.14
N TRP A 70 23.18 4.95 11.21
CA TRP A 70 21.97 4.67 10.45
C TRP A 70 20.76 5.50 10.90
N GLN A 71 20.67 5.75 12.20
CA GLN A 71 19.63 6.61 12.75
C GLN A 71 19.67 8.00 12.12
N GLN A 72 20.86 8.59 12.03
CA GLN A 72 21.01 9.93 11.42
C GLN A 72 20.64 9.95 9.94
N MET A 73 21.06 8.93 9.21
CA MET A 73 20.70 8.82 7.79
C MET A 73 19.19 8.69 7.61
N PHE A 74 18.56 7.91 8.48
CA PHE A 74 17.14 7.64 8.37
C PHE A 74 16.36 8.95 8.59
N LYS A 75 16.82 9.76 9.55
CA LYS A 75 16.18 11.05 9.82
C LYS A 75 16.25 11.96 8.59
N VAL A 76 17.44 12.05 7.98
CA VAL A 76 17.65 12.84 6.79
C VAL A 76 16.85 12.32 5.59
N GLU A 77 16.80 11.00 5.39
CA GLU A 77 16.04 10.44 4.29
C GLU A 77 14.53 10.72 4.42
N LEU A 78 14.01 10.64 5.64
CA LEU A 78 12.59 10.94 5.88
C LEU A 78 12.28 12.42 5.60
N LYS A 79 13.17 13.32 6.03
CA LYS A 79 13.00 14.73 5.72
C LYS A 79 12.91 14.94 4.21
N ARG A 80 13.78 14.26 3.46
CA ARG A 80 13.82 14.44 2.01
C ARG A 80 12.53 13.89 1.39
N LEU A 81 12.08 12.75 1.90
CA LEU A 81 10.80 12.19 1.42
C LEU A 81 9.63 13.13 1.66
N GLN A 82 9.53 13.68 2.88
CA GLN A 82 8.47 14.63 3.19
C GLN A 82 8.51 15.83 2.25
N ARG A 83 9.71 16.31 1.94
CA ARG A 83 9.87 17.43 1.04
C ARG A 83 9.38 17.07 -0.36
N HIS A 84 9.73 15.87 -0.82
CA HIS A 84 9.29 15.43 -2.16
C HIS A 84 7.77 15.40 -2.26
N TYR A 85 7.12 14.93 -1.19
CA TYR A 85 5.66 14.83 -1.18
C TYR A 85 4.97 16.11 -0.73
N ASN A 86 5.76 17.13 -0.38
CA ASN A 86 5.20 18.34 0.23
C ASN A 86 4.36 18.00 1.47
N HIS A 87 4.92 17.17 2.34
CA HIS A 87 4.21 16.76 3.56
C HIS A 87 4.75 17.47 4.78
N SER A 88 3.85 17.93 5.64
CA SER A 88 4.26 18.49 6.92
C SER A 88 3.69 17.62 8.06
N GLY A 89 4.13 17.89 9.29
CA GLY A 89 3.67 17.12 10.43
C GLY A 89 4.39 15.78 10.53
N SER A 90 3.81 14.85 11.28
CA SER A 90 4.50 13.61 11.56
C SER A 90 4.27 12.52 10.51
N HIS A 91 5.36 12.00 9.96
CA HIS A 91 5.26 10.90 8.99
C HIS A 91 6.26 9.83 9.37
N THR A 92 6.12 8.65 8.79
CA THR A 92 7.00 7.54 9.16
C THR A 92 7.77 7.02 7.96
N TYR A 93 8.89 6.39 8.25
CA TYR A 93 9.75 5.78 7.25
C TYR A 93 10.16 4.44 7.84
N GLN A 94 10.13 3.39 7.04
CA GLN A 94 10.45 2.07 7.54
C GLN A 94 11.30 1.28 6.57
N ARG A 95 12.12 0.41 7.13
CA ARG A 95 13.01 -0.48 6.37
C ARG A 95 12.88 -1.89 6.94
N MET A 96 12.90 -2.88 6.04
CA MET A 96 12.97 -4.26 6.46
C MET A 96 13.98 -4.95 5.56
N ILE A 97 14.97 -5.59 6.18
CA ILE A 97 15.90 -6.39 5.39
C ILE A 97 15.92 -7.78 6.01
N GLY A 98 16.13 -8.81 5.20
CA GLY A 98 16.27 -10.13 5.79
C GLY A 98 16.23 -11.26 4.79
N CYS A 99 16.22 -12.47 5.31
CA CYS A 99 16.34 -13.65 4.48
C CYS A 99 15.63 -14.80 5.14
N GLU A 100 15.32 -15.82 4.35
CA GLU A 100 14.73 -17.05 4.85
C GLU A 100 15.52 -18.24 4.37
N LEU A 101 15.61 -19.25 5.23
CA LEU A 101 16.17 -20.55 4.88
C LEU A 101 14.98 -21.51 4.94
N LEU A 102 14.53 -22.00 3.78
CA LEU A 102 13.38 -22.90 3.78
C LEU A 102 13.81 -24.33 4.09
N GLU A 103 12.85 -25.17 4.44
CA GLU A 103 13.14 -26.56 4.81
C GLU A 103 13.80 -27.29 3.65
N ASP A 104 13.29 -27.05 2.45
CA ASP A 104 13.76 -27.71 1.23
C ASP A 104 15.16 -27.27 0.81
N GLY A 105 15.75 -26.33 1.56
CA GLY A 105 17.12 -25.93 1.35
C GLY A 105 17.29 -24.62 0.59
N SER A 106 16.24 -24.19 -0.10
CA SER A 106 16.32 -22.95 -0.86
C SER A 106 16.27 -21.73 0.06
N THR A 107 16.68 -20.58 -0.47
CA THR A 107 16.72 -19.33 0.30
C THR A 107 15.98 -18.21 -0.41
N THR A 108 15.54 -17.23 0.38
CA THR A 108 14.94 -16.00 -0.11
C THR A 108 15.66 -14.84 0.57
N GLY A 109 15.66 -13.69 -0.08
CA GLY A 109 16.18 -12.49 0.54
C GLY A 109 15.28 -11.36 0.13
N PHE A 110 15.15 -10.37 1.01
CA PHE A 110 14.28 -9.24 0.76
C PHE A 110 14.86 -7.98 1.40
N LEU A 111 14.65 -6.85 0.72
CA LEU A 111 15.01 -5.55 1.24
C LEU A 111 13.96 -4.55 0.75
N GLN A 112 13.29 -3.89 1.68
CA GLN A 112 12.11 -3.09 1.32
C GLN A 112 12.04 -1.83 2.19
N TYR A 113 11.46 -0.76 1.63
CA TYR A 113 11.18 0.47 2.37
C TYR A 113 9.71 0.81 2.29
N ALA A 114 9.20 1.47 3.32
CA ALA A 114 7.84 1.98 3.30
C ALA A 114 7.81 3.42 3.80
N TYR A 115 6.86 4.19 3.28
CA TYR A 115 6.63 5.56 3.75
C TYR A 115 5.20 5.65 4.26
N ASP A 116 5.03 6.15 5.49
CA ASP A 116 3.70 6.14 6.12
C ASP A 116 3.00 4.77 6.06
N GLY A 117 3.76 3.69 6.21
CA GLY A 117 3.21 2.35 6.40
C GLY A 117 2.76 1.68 5.11
N GLN A 118 3.12 2.27 3.98
CA GLN A 118 2.76 1.74 2.67
C GLN A 118 4.01 1.44 1.87
N ASP A 119 4.01 0.38 1.05
CA ASP A 119 5.16 0.07 0.21
C ASP A 119 5.66 1.31 -0.53
N PHE A 120 6.97 1.47 -0.57
CA PHE A 120 7.60 2.60 -1.22
C PHE A 120 8.61 2.10 -2.24
N LEU A 121 9.59 1.34 -1.76
CA LEU A 121 10.62 0.80 -2.63
C LEU A 121 10.88 -0.66 -2.30
N ILE A 122 10.97 -1.50 -3.32
CA ILE A 122 11.17 -2.92 -3.09
C ILE A 122 12.33 -3.45 -3.94
N PHE A 123 13.34 -4.01 -3.27
CA PHE A 123 14.54 -4.47 -3.97
C PHE A 123 14.29 -5.86 -4.56
N ASN A 124 14.67 -6.04 -5.81
CA ASN A 124 14.72 -7.38 -6.37
C ASN A 124 16.17 -7.79 -6.55
N LYS A 125 16.66 -8.64 -5.67
CA LYS A 125 18.08 -9.05 -5.66
C LYS A 125 18.48 -9.88 -6.89
N ASP A 126 17.50 -10.52 -7.52
CA ASP A 126 17.77 -11.37 -8.70
C ASP A 126 17.98 -10.54 -9.96
N THR A 127 17.28 -9.42 -10.06
CA THR A 127 17.43 -8.51 -11.18
C THR A 127 18.32 -7.30 -10.85
N LEU A 128 18.69 -7.15 -9.57
CA LEU A 128 19.45 -5.98 -9.09
C LEU A 128 18.75 -4.67 -9.41
N SER A 129 17.45 -4.59 -9.15
CA SER A 129 16.75 -3.36 -9.41
C SER A 129 15.74 -3.04 -8.33
N TRP A 130 15.30 -1.79 -8.32
CA TRP A 130 14.35 -1.30 -7.35
C TRP A 130 12.99 -1.04 -8.00
N LEU A 131 11.93 -1.60 -7.41
CA LEU A 131 10.59 -1.29 -7.85
C LEU A 131 10.06 -0.08 -7.09
N ALA A 132 9.58 0.92 -7.83
CA ALA A 132 9.08 2.15 -7.24
C ALA A 132 7.56 2.25 -7.37
N VAL A 133 6.88 2.64 -6.29
CA VAL A 133 5.43 2.70 -6.32
C VAL A 133 4.89 3.97 -6.96
N ASP A 134 5.70 5.02 -7.02
CA ASP A 134 5.26 6.28 -7.60
C ASP A 134 6.46 7.09 -8.06
N ASN A 135 6.22 8.32 -8.49
CA ASN A 135 7.29 9.11 -9.07
C ASN A 135 8.30 9.58 -8.04
N VAL A 136 7.87 9.73 -6.79
CA VAL A 136 8.81 10.12 -5.76
C VAL A 136 9.78 8.98 -5.53
N ALA A 137 9.23 7.77 -5.34
CA ALA A 137 10.08 6.59 -5.18
C ALA A 137 10.96 6.38 -6.41
N HIS A 138 10.41 6.72 -7.58
CA HIS A 138 11.15 6.59 -8.82
C HIS A 138 12.35 7.53 -8.84
N THR A 139 12.21 8.69 -8.24
CA THR A 139 13.33 9.61 -8.14
C THR A 139 14.44 8.97 -7.31
N ILE A 140 14.09 8.49 -6.11
CA ILE A 140 15.03 7.79 -5.25
C ILE A 140 15.64 6.55 -5.93
N LYS A 141 14.81 5.80 -6.64
CA LYS A 141 15.25 4.60 -7.36
C LYS A 141 16.45 4.87 -8.29
N GLN A 142 16.36 5.92 -9.11
CA GLN A 142 17.36 6.17 -10.14
C GLN A 142 18.74 6.44 -9.52
N ALA A 143 18.75 7.12 -8.39
CA ALA A 143 19.98 7.34 -7.65
C ALA A 143 20.60 6.01 -7.22
N TRP A 144 19.79 5.15 -6.62
CA TRP A 144 20.27 3.90 -6.07
C TRP A 144 20.74 2.94 -7.16
N GLU A 145 20.04 2.96 -8.31
CA GLU A 145 20.35 2.01 -9.36
C GLU A 145 21.59 2.41 -10.17
N ALA A 146 22.04 3.64 -9.98
CA ALA A 146 23.24 4.14 -10.60
C ALA A 146 24.48 3.66 -9.84
N ASN A 147 24.27 3.15 -8.64
CA ASN A 147 25.38 2.70 -7.80
C ASN A 147 25.50 1.18 -7.84
N GLN A 148 26.13 0.68 -8.90
CA GLN A 148 26.21 -0.75 -9.15
C GLN A 148 26.80 -1.56 -7.98
N HIS A 149 27.89 -1.05 -7.40
CA HIS A 149 28.57 -1.78 -6.34
C HIS A 149 27.67 -1.98 -5.12
N GLU A 150 26.90 -0.95 -4.76
CA GLU A 150 26.03 -1.05 -3.61
C GLU A 150 24.94 -2.13 -3.82
N LEU A 151 24.37 -2.16 -5.03
CA LEU A 151 23.39 -3.20 -5.38
C LEU A 151 24.01 -4.60 -5.22
N LEU A 152 25.24 -4.78 -5.73
CA LEU A 152 25.91 -6.07 -5.64
C LEU A 152 26.15 -6.47 -4.18
N TYR A 153 26.53 -5.49 -3.37
CA TYR A 153 26.77 -5.68 -1.94
C TYR A 153 25.50 -6.11 -1.21
N GLN A 154 24.39 -5.48 -1.57
CA GLN A 154 23.11 -5.84 -0.98
C GLN A 154 22.68 -7.25 -1.36
N LYS A 155 22.92 -7.62 -2.62
CA LYS A 155 22.65 -8.98 -3.09
C LYS A 155 23.49 -9.99 -2.32
N ASN A 156 24.79 -9.72 -2.21
CA ASN A 156 25.68 -10.60 -1.47
C ASN A 156 25.26 -10.71 0.00
N TRP A 157 24.89 -9.60 0.62
CA TRP A 157 24.48 -9.67 2.01
C TRP A 157 23.21 -10.53 2.19
N LEU A 158 22.21 -10.31 1.35
CA LEU A 158 20.97 -11.08 1.39
C LEU A 158 21.21 -12.59 1.17
N GLU A 159 22.06 -12.94 0.23
CA GLU A 159 22.22 -14.34 -0.18
C GLU A 159 23.26 -15.11 0.63
N GLU A 160 24.31 -14.44 1.08
CA GLU A 160 25.38 -15.14 1.79
C GLU A 160 25.46 -14.74 3.26
N GLU A 161 25.63 -13.45 3.54
CA GLU A 161 25.83 -13.00 4.93
C GLU A 161 24.60 -13.25 5.80
N CYS A 162 23.45 -12.76 5.34
CA CYS A 162 22.21 -12.92 6.08
C CYS A 162 21.96 -14.39 6.42
N ILE A 163 22.18 -15.28 5.43
CA ILE A 163 21.95 -16.70 5.63
C ILE A 163 22.94 -17.29 6.64
N ALA A 164 24.20 -16.84 6.59
CA ALA A 164 25.17 -17.29 7.57
C ALA A 164 24.83 -16.78 9.00
N TRP A 165 24.36 -15.54 9.11
CA TRP A 165 23.93 -15.02 10.41
C TRP A 165 22.76 -15.84 10.97
N LEU A 166 21.79 -16.12 10.10
CA LEU A 166 20.62 -16.88 10.49
C LEU A 166 20.98 -18.27 11.02
N LYS A 167 21.84 -18.99 10.29
CA LYS A 167 22.29 -20.31 10.73
C LYS A 167 22.98 -20.22 12.09
N ARG A 168 23.83 -19.21 12.22
CA ARG A 168 24.53 -18.98 13.48
C ARG A 168 23.54 -18.72 14.61
N PHE A 169 22.56 -17.84 14.37
CA PHE A 169 21.57 -17.50 15.39
C PHE A 169 20.66 -18.70 15.69
N LEU A 170 20.33 -19.47 14.66
CA LEU A 170 19.53 -20.68 14.83
C LEU A 170 20.18 -21.65 15.77
N GLU A 171 21.50 -21.80 15.64
CA GLU A 171 22.23 -22.71 16.51
C GLU A 171 22.22 -22.18 17.94
N TYR A 172 22.48 -20.87 18.09
CA TYR A 172 22.41 -20.24 19.41
C TYR A 172 21.09 -20.50 20.15
N GLY A 173 19.97 -20.27 19.47
CA GLY A 173 18.67 -20.47 20.08
C GLY A 173 17.94 -21.78 19.77
N LYS A 174 18.70 -22.83 19.43
CA LYS A 174 18.07 -24.07 18.98
C LYS A 174 17.09 -24.65 19.99
N ASP A 175 17.39 -24.58 21.28
CA ASP A 175 16.48 -25.17 22.28
C ASP A 175 15.13 -24.46 22.24
N THR A 176 15.12 -23.21 21.84
CA THR A 176 13.86 -22.49 21.63
C THR A 176 13.33 -22.68 20.23
N LEU A 177 14.18 -22.37 19.25
CA LEU A 177 13.72 -22.18 17.87
C LEU A 177 13.39 -23.45 17.11
N GLN A 178 13.98 -24.57 17.54
CA GLN A 178 13.87 -25.82 16.81
C GLN A 178 13.08 -26.87 17.61
N ARG A 179 12.48 -26.45 18.72
CA ARG A 179 11.65 -27.35 19.50
C ARG A 179 10.29 -27.53 18.82
N THR A 180 9.55 -28.53 19.25
CA THR A 180 8.17 -28.68 18.81
C THR A 180 7.26 -28.93 19.99
N GLU A 181 6.21 -28.12 20.11
CA GLU A 181 5.16 -28.41 21.06
C GLU A 181 3.87 -28.66 20.28
N PRO A 182 3.42 -29.92 20.23
CA PRO A 182 2.23 -30.28 19.47
C PRO A 182 0.99 -29.59 20.00
N PRO A 183 0.02 -29.29 19.11
CA PRO A 183 -1.21 -28.61 19.52
C PRO A 183 -2.15 -29.49 20.33
N LEU A 184 -2.89 -28.83 21.21
CA LEU A 184 -4.02 -29.44 21.89
C LEU A 184 -5.25 -29.01 21.12
N VAL A 185 -5.93 -29.97 20.51
CA VAL A 185 -7.03 -29.64 19.62
C VAL A 185 -8.31 -30.29 20.10
N ARG A 186 -9.39 -29.53 20.06
CA ARG A 186 -10.71 -29.99 20.47
C ARG A 186 -11.72 -29.42 19.50
N VAL A 187 -12.89 -30.07 19.43
CA VAL A 187 -13.97 -29.58 18.62
C VAL A 187 -15.16 -29.32 19.51
N ASN A 188 -15.68 -28.10 19.47
CA ASN A 188 -16.88 -27.77 20.23
C ASN A 188 -18.09 -27.60 19.32
N ARG A 189 -19.25 -27.99 19.84
CA ARG A 189 -20.51 -27.95 19.09
C ARG A 189 -21.55 -27.18 19.89
N LYS A 190 -22.36 -26.39 19.20
CA LYS A 190 -23.43 -25.64 19.85
C LYS A 190 -24.46 -25.14 18.84
N GLU A 191 -25.73 -25.34 19.15
CA GLU A 191 -26.81 -24.68 18.40
C GLU A 191 -26.82 -23.22 18.79
N THR A 192 -26.67 -22.32 17.82
CA THR A 192 -26.64 -20.91 18.13
C THR A 192 -28.00 -20.25 17.88
N PHE A 193 -28.10 -19.48 16.80
CA PHE A 193 -29.41 -19.08 16.27
C PHE A 193 -30.22 -20.36 16.05
N PRO A 194 -31.52 -20.36 16.40
CA PRO A 194 -32.30 -21.60 16.27
C PRO A 194 -32.19 -22.22 14.87
N GLY A 195 -31.89 -23.51 14.81
CA GLY A 195 -31.70 -24.19 13.54
C GLY A 195 -30.28 -24.18 13.01
N VAL A 196 -29.37 -23.41 13.59
CA VAL A 196 -28.00 -23.43 13.08
C VAL A 196 -26.96 -23.75 14.16
N THR A 197 -26.24 -24.83 13.91
CA THR A 197 -25.25 -25.36 14.82
C THR A 197 -23.83 -24.96 14.41
N ALA A 198 -23.14 -24.19 15.24
CA ALA A 198 -21.77 -23.80 14.93
C ALA A 198 -20.77 -24.84 15.41
N LEU A 199 -19.77 -25.13 14.58
CA LEU A 199 -18.71 -26.04 14.99
C LEU A 199 -17.36 -25.33 15.02
N PHE A 200 -16.73 -25.34 16.19
CA PHE A 200 -15.42 -24.71 16.35
C PHE A 200 -14.33 -25.74 16.56
N CYS A 201 -13.28 -25.66 15.75
CA CYS A 201 -12.10 -26.50 15.95
C CYS A 201 -11.04 -25.63 16.57
N LYS A 202 -10.69 -25.90 17.83
CA LYS A 202 -9.79 -25.01 18.55
C LYS A 202 -8.48 -25.69 18.91
N ALA A 203 -7.38 -24.98 18.63
CA ALA A 203 -6.03 -25.46 18.94
C ALA A 203 -5.32 -24.48 19.87
N HIS A 204 -4.55 -25.02 20.81
CA HIS A 204 -3.74 -24.16 21.65
C HIS A 204 -2.54 -24.94 22.18
N GLY A 205 -1.61 -24.24 22.81
CA GLY A 205 -0.42 -24.87 23.36
C GLY A 205 0.64 -25.25 22.35
N PHE A 206 0.56 -24.76 21.11
CA PHE A 206 1.53 -25.22 20.10
C PHE A 206 2.70 -24.26 19.81
N TYR A 207 3.83 -24.87 19.46
CA TYR A 207 4.99 -24.16 18.89
C TYR A 207 5.67 -25.08 17.91
N PRO A 208 6.07 -24.56 16.73
CA PRO A 208 6.02 -23.17 16.24
C PRO A 208 4.60 -22.68 15.88
N PRO A 209 4.42 -21.36 15.72
CA PRO A 209 3.08 -20.80 15.49
C PRO A 209 2.42 -21.25 14.18
N GLU A 210 3.22 -21.59 13.18
CA GLU A 210 2.66 -22.03 11.91
C GLU A 210 1.82 -23.32 12.10
N ILE A 211 0.56 -23.23 11.73
CA ILE A 211 -0.34 -24.38 11.86
C ILE A 211 -1.36 -24.30 10.74
N TYR A 212 -1.77 -25.45 10.24
CA TYR A 212 -2.79 -25.51 9.19
C TYR A 212 -4.03 -26.17 9.77
N MET A 213 -5.18 -25.53 9.56
CA MET A 213 -6.44 -26.03 10.10
C MET A 213 -7.52 -25.88 9.05
N THR A 214 -8.29 -26.93 8.83
CA THR A 214 -9.43 -26.78 7.97
C THR A 214 -10.55 -27.75 8.32
N TRP A 215 -11.68 -27.54 7.66
CA TRP A 215 -12.86 -28.37 7.85
C TRP A 215 -13.16 -29.12 6.57
N MET A 216 -13.48 -30.40 6.70
CA MET A 216 -13.85 -31.19 5.55
C MET A 216 -15.18 -31.92 5.77
N LYS A 217 -15.91 -32.13 4.67
CA LYS A 217 -17.19 -32.84 4.70
C LYS A 217 -16.99 -34.22 4.10
N ASN A 218 -17.41 -35.25 4.84
CA ASN A 218 -17.13 -36.63 4.46
C ASN A 218 -17.70 -36.96 3.08
N GLY A 219 -16.83 -37.49 2.22
CA GLY A 219 -15.49 -37.88 2.59
C GLY A 219 -14.41 -36.81 2.66
N GLU A 220 -13.81 -36.49 1.52
CA GLU A 220 -12.70 -35.55 1.49
C GLU A 220 -12.92 -34.43 0.47
N GLU A 221 -13.71 -33.44 0.86
CA GLU A 221 -13.89 -32.22 0.09
C GLU A 221 -13.98 -31.05 1.05
N ILE A 222 -13.24 -29.98 0.76
CA ILE A 222 -13.20 -28.84 1.68
C ILE A 222 -14.41 -27.92 1.48
N VAL A 223 -15.17 -27.71 2.54
CA VAL A 223 -16.39 -26.94 2.41
C VAL A 223 -16.85 -26.30 3.70
N GLN A 224 -17.32 -25.04 3.63
CA GLN A 224 -17.20 -24.21 2.42
C GLN A 224 -17.07 -22.72 2.76
N GLU A 225 -17.83 -22.27 3.76
CA GLU A 225 -17.64 -20.92 4.30
C GLU A 225 -16.97 -21.01 5.66
N ILE A 226 -15.65 -21.20 5.66
CA ILE A 226 -14.91 -21.40 6.90
C ILE A 226 -14.49 -20.06 7.50
N ASP A 227 -14.58 -19.93 8.82
CA ASP A 227 -14.08 -18.75 9.50
C ASP A 227 -12.75 -19.07 10.21
N TYR A 228 -11.72 -18.30 9.95
CA TYR A 228 -10.41 -18.56 10.56
C TYR A 228 -10.08 -17.58 11.69
N GLY A 229 -9.66 -18.13 12.82
CA GLY A 229 -9.16 -17.33 13.92
C GLY A 229 -7.67 -17.09 13.70
N ASP A 230 -7.19 -15.92 14.12
CA ASP A 230 -5.78 -15.58 14.01
C ASP A 230 -4.94 -16.53 14.86
N ILE A 231 -3.70 -16.72 14.45
CA ILE A 231 -2.74 -17.43 15.28
C ILE A 231 -2.24 -16.44 16.31
N LEU A 232 -2.59 -16.67 17.57
CA LEU A 232 -2.34 -15.66 18.61
C LEU A 232 -1.37 -16.18 19.66
N PRO A 233 -0.46 -15.32 20.14
CA PRO A 233 0.46 -15.73 21.21
C PRO A 233 -0.29 -15.90 22.52
N SER A 234 -0.07 -17.00 23.23
CA SER A 234 -0.79 -17.25 24.47
C SER A 234 -0.07 -16.65 25.70
N GLY A 235 1.18 -16.22 25.50
CA GLY A 235 1.93 -15.54 26.55
C GLY A 235 3.02 -16.38 27.20
N ASP A 236 2.95 -17.69 27.03
CA ASP A 236 3.94 -18.60 27.59
C ASP A 236 4.92 -19.12 26.53
N GLY A 237 4.94 -18.48 25.36
CA GLY A 237 5.75 -18.94 24.26
C GLY A 237 4.99 -19.84 23.29
N THR A 238 3.76 -20.22 23.62
CA THR A 238 2.97 -21.02 22.69
C THR A 238 1.82 -20.22 22.08
N TYR A 239 1.17 -20.81 21.09
CA TYR A 239 0.17 -20.11 20.28
C TYR A 239 -1.16 -20.85 20.26
N GLN A 240 -2.20 -20.14 19.86
CA GLN A 240 -3.53 -20.71 19.80
C GLN A 240 -4.23 -20.21 18.55
N ALA A 241 -5.15 -21.01 18.02
CA ALA A 241 -5.88 -20.60 16.82
C ALA A 241 -7.13 -21.48 16.69
N TRP A 242 -7.98 -21.17 15.73
CA TRP A 242 -9.17 -21.97 15.52
C TRP A 242 -9.76 -21.78 14.12
N ALA A 243 -10.68 -22.66 13.75
CA ALA A 243 -11.44 -22.51 12.51
C ALA A 243 -12.87 -23.00 12.76
N SER A 244 -13.84 -22.32 12.17
CA SER A 244 -15.22 -22.70 12.41
C SER A 244 -16.09 -22.72 11.16
N ILE A 245 -17.12 -23.54 11.24
CA ILE A 245 -18.10 -23.69 10.19
C ILE A 245 -19.42 -23.86 10.88
N GLU A 246 -20.47 -24.03 10.10
CA GLU A 246 -21.69 -24.58 10.68
C GLU A 246 -22.49 -25.32 9.63
N LEU A 247 -23.30 -26.27 10.10
CA LEU A 247 -23.84 -27.36 9.28
C LEU A 247 -25.01 -26.95 8.38
N LEU A 254 -21.29 -35.71 7.39
CA LEU A 254 -20.28 -35.94 8.43
C LEU A 254 -19.06 -35.01 8.28
N TYR A 255 -18.86 -34.13 9.25
CA TYR A 255 -17.74 -33.18 9.19
C TYR A 255 -16.54 -33.62 10.02
N SER A 256 -15.38 -33.07 9.70
CA SER A 256 -14.16 -33.37 10.44
C SER A 256 -13.18 -32.22 10.36
N CYS A 257 -12.55 -31.93 11.49
CA CYS A 257 -11.49 -30.93 11.53
C CYS A 257 -10.13 -31.56 11.21
N HIS A 258 -9.37 -30.91 10.34
CA HIS A 258 -8.05 -31.41 9.96
C HIS A 258 -7.00 -30.41 10.38
N VAL A 259 -5.98 -30.90 11.08
CA VAL A 259 -4.94 -30.04 11.60
C VAL A 259 -3.59 -30.59 11.21
N GLU A 260 -2.75 -29.74 10.63
CA GLU A 260 -1.38 -30.14 10.40
C GLU A 260 -0.44 -29.21 11.13
N HIS A 261 0.49 -29.80 11.87
CA HIS A 261 1.48 -29.03 12.61
C HIS A 261 2.80 -29.78 12.64
N SER A 262 3.83 -29.15 12.09
CA SER A 262 5.20 -29.66 12.17
C SER A 262 5.36 -31.11 11.74
N GLY A 263 4.73 -31.48 10.63
CA GLY A 263 4.88 -32.82 10.08
C GLY A 263 3.96 -33.87 10.66
N VAL A 264 3.03 -33.44 11.50
CA VAL A 264 2.06 -34.37 12.05
C VAL A 264 0.66 -33.94 11.65
N HIS A 265 -0.12 -34.90 11.15
CA HIS A 265 -1.50 -34.62 10.78
CA HIS A 265 -1.51 -34.68 10.75
C HIS A 265 -2.47 -35.19 11.81
N MET A 266 -3.53 -34.42 12.05
CA MET A 266 -4.53 -34.78 13.04
C MET A 266 -5.92 -34.63 12.45
N VAL A 267 -6.80 -35.58 12.75
CA VAL A 267 -8.18 -35.51 12.29
C VAL A 267 -9.15 -35.69 13.45
N LEU A 268 -10.13 -34.79 13.54
CA LEU A 268 -11.17 -34.90 14.56
C LEU A 268 -12.55 -34.97 13.87
N GLN A 269 -13.16 -36.15 13.87
CA GLN A 269 -14.52 -36.39 13.34
C GLN A 269 -15.60 -35.87 14.30
N VAL A 270 -16.57 -35.12 13.78
CA VAL A 270 -17.21 -34.08 14.58
C VAL A 270 -18.02 -34.54 15.79
N ILE B 2 -2.66 6.99 4.91
CA ILE B 2 -3.49 5.89 5.38
C ILE B 2 -3.11 5.38 6.74
N GLN B 3 -4.00 5.57 7.68
CA GLN B 3 -3.81 5.13 9.03
C GLN B 3 -4.67 3.91 9.21
N ARG B 4 -4.17 2.99 9.98
CA ARG B 4 -4.85 1.73 10.24
C ARG B 4 -5.12 1.56 11.73
N THR B 5 -6.40 1.42 12.08
CA THR B 5 -6.82 1.35 13.47
C THR B 5 -6.47 -0.05 14.03
N PRO B 6 -6.20 -0.14 15.34
CA PRO B 6 -5.78 -1.43 15.90
C PRO B 6 -6.88 -2.48 15.98
N LYS B 7 -6.51 -3.69 15.59
CA LYS B 7 -7.31 -4.87 15.89
C LYS B 7 -7.00 -5.23 17.32
N ILE B 8 -8.04 -5.59 18.07
CA ILE B 8 -7.90 -5.79 19.50
C ILE B 8 -8.56 -7.10 19.93
N GLN B 9 -7.73 -8.03 20.40
CA GLN B 9 -8.23 -9.36 20.72
C GLN B 9 -7.90 -9.72 22.16
N VAL B 10 -8.94 -10.11 22.89
CA VAL B 10 -8.86 -10.39 24.31
C VAL B 10 -9.22 -11.86 24.55
N TYR B 11 -8.33 -12.59 25.21
CA TYR B 11 -8.46 -14.04 25.33
C TYR B 11 -7.59 -14.57 26.47
N SER B 12 -7.99 -15.69 27.05
CA SER B 12 -7.22 -16.34 28.09
C SER B 12 -6.13 -17.22 27.49
N ARG B 13 -5.06 -17.44 28.26
CA ARG B 13 -3.96 -18.31 27.82
C ARG B 13 -4.41 -19.77 27.68
N HIS B 14 -5.19 -20.22 28.64
CA HIS B 14 -5.73 -21.56 28.64
C HIS B 14 -7.25 -21.45 28.54
N PRO B 15 -7.92 -22.52 28.07
CA PRO B 15 -9.39 -22.52 28.12
C PRO B 15 -9.88 -22.09 29.50
N ALA B 16 -10.82 -21.16 29.54
CA ALA B 16 -11.18 -20.51 30.79
C ALA B 16 -12.13 -21.34 31.63
N GLU B 17 -11.97 -21.26 32.94
CA GLU B 17 -12.92 -21.87 33.87
C GLU B 17 -12.97 -21.05 35.15
N ASN B 18 -14.18 -20.71 35.62
CA ASN B 18 -14.33 -19.85 36.80
C ASN B 18 -13.69 -20.47 38.04
N GLY B 19 -12.75 -19.75 38.64
CA GLY B 19 -12.11 -20.22 39.86
C GLY B 19 -10.77 -20.90 39.63
N LYS B 20 -10.34 -20.97 38.38
CA LYS B 20 -9.04 -21.55 38.04
C LYS B 20 -8.06 -20.49 37.54
N SER B 21 -6.87 -20.46 38.16
CA SER B 21 -5.84 -19.50 37.79
C SER B 21 -5.49 -19.61 36.31
N ASN B 22 -5.23 -18.46 35.69
CA ASN B 22 -5.11 -18.34 34.24
C ASN B 22 -4.41 -17.02 33.91
N PHE B 23 -4.27 -16.71 32.62
CA PHE B 23 -3.70 -15.43 32.17
C PHE B 23 -4.59 -14.78 31.14
N LEU B 24 -4.86 -13.48 31.33
CA LEU B 24 -5.70 -12.72 30.40
C LEU B 24 -4.83 -11.98 29.41
N ASN B 25 -5.07 -12.19 28.13
CA ASN B 25 -4.26 -11.59 27.08
C ASN B 25 -5.00 -10.52 26.34
N CYS B 26 -4.29 -9.47 25.97
CA CYS B 26 -4.81 -8.53 25.01
C CYS B 26 -3.77 -8.31 23.93
N TYR B 27 -4.11 -8.78 22.73
CA TYR B 27 -3.24 -8.69 21.55
C TYR B 27 -3.73 -7.53 20.67
N VAL B 28 -2.88 -6.51 20.52
CA VAL B 28 -3.23 -5.31 19.79
C VAL B 28 -2.35 -5.22 18.54
N SER B 29 -2.97 -5.24 17.36
CA SER B 29 -2.20 -5.47 16.13
C SER B 29 -2.73 -4.73 14.92
N GLY B 30 -1.92 -4.70 13.87
CA GLY B 30 -2.34 -4.16 12.60
C GLY B 30 -2.53 -2.65 12.60
N PHE B 31 -2.00 -1.97 13.61
CA PHE B 31 -2.17 -0.52 13.67
C PHE B 31 -0.98 0.23 13.07
N HIS B 32 -1.25 1.43 12.59
CA HIS B 32 -0.23 2.34 12.07
C HIS B 32 -0.83 3.74 12.06
N PRO B 33 -0.08 4.75 12.55
CA PRO B 33 1.30 4.74 13.04
C PRO B 33 1.45 4.08 14.40
N SER B 34 2.63 4.22 15.02
CA SER B 34 3.05 3.35 16.12
C SER B 34 2.62 3.76 17.53
N ASP B 35 2.27 5.02 17.74
CA ASP B 35 1.90 5.48 19.07
C ASP B 35 0.57 4.87 19.48
N ILE B 36 0.54 4.28 20.67
CA ILE B 36 -0.64 3.55 21.13
C ILE B 36 -0.65 3.47 22.66
N GLU B 37 -1.85 3.33 23.23
CA GLU B 37 -1.99 3.21 24.68
C GLU B 37 -2.90 2.01 25.00
N VAL B 38 -2.42 1.09 25.84
CA VAL B 38 -3.19 -0.09 26.21
C VAL B 38 -3.27 -0.25 27.72
N ASP B 39 -4.48 -0.57 28.21
CA ASP B 39 -4.73 -0.92 29.60
C ASP B 39 -5.66 -2.12 29.74
N LEU B 40 -5.37 -3.00 30.71
CA LEU B 40 -6.31 -4.06 31.07
C LEU B 40 -7.21 -3.56 32.21
N LEU B 41 -8.50 -3.84 32.11
CA LEU B 41 -9.45 -3.39 33.12
C LEU B 41 -10.14 -4.56 33.80
N LYS B 42 -10.36 -4.41 35.11
CA LYS B 42 -11.21 -5.31 35.87
C LYS B 42 -12.37 -4.50 36.44
N ASN B 43 -13.58 -4.82 35.99
CA ASN B 43 -14.79 -4.09 36.37
C ASN B 43 -14.64 -2.58 36.12
N GLY B 44 -13.98 -2.24 35.01
CA GLY B 44 -13.85 -0.85 34.59
C GLY B 44 -12.69 -0.09 35.21
N GLU B 45 -12.01 -0.71 36.17
CA GLU B 45 -10.84 -0.09 36.78
C GLU B 45 -9.54 -0.70 36.27
N ARG B 46 -8.54 0.14 36.11
CA ARG B 46 -7.27 -0.26 35.54
C ARG B 46 -6.53 -1.28 36.41
N ILE B 47 -6.00 -2.32 35.79
CA ILE B 47 -5.18 -3.30 36.49
C ILE B 47 -3.74 -2.80 36.48
N GLU B 48 -3.04 -2.92 37.60
CA GLU B 48 -1.71 -2.32 37.72
C GLU B 48 -0.56 -3.29 37.48
N LYS B 49 -0.74 -4.56 37.83
CA LYS B 49 0.31 -5.55 37.59
C LYS B 49 0.14 -6.17 36.21
N VAL B 50 0.54 -5.44 35.17
CA VAL B 50 0.34 -5.92 33.80
C VAL B 50 1.65 -6.00 33.03
N GLU B 51 1.93 -7.19 32.49
CA GLU B 51 3.07 -7.40 31.60
C GLU B 51 2.73 -6.97 30.18
N HIS B 52 3.74 -6.54 29.43
CA HIS B 52 3.56 -6.30 28.00
C HIS B 52 4.85 -6.45 27.20
N SER B 53 4.70 -6.96 25.97
CA SER B 53 5.82 -7.05 25.04
C SER B 53 6.26 -5.65 24.57
N ASP B 54 7.48 -5.55 24.05
CA ASP B 54 7.92 -4.35 23.35
C ASP B 54 7.14 -4.20 22.05
N LEU B 55 7.02 -2.97 21.57
CA LEU B 55 6.48 -2.74 20.23
C LEU B 55 7.11 -3.69 19.21
N SER B 56 6.27 -4.35 18.42
CA SER B 56 6.77 -5.30 17.43
C SER B 56 6.39 -4.90 15.99
N PHE B 57 7.21 -5.33 15.04
CA PHE B 57 7.06 -4.95 13.65
C PHE B 57 6.55 -6.08 12.77
N SER B 58 5.51 -5.81 11.98
CA SER B 58 5.03 -6.77 10.99
C SER B 58 5.60 -6.45 9.61
N LYS B 59 5.71 -7.49 8.78
CA LYS B 59 6.18 -7.35 7.41
C LYS B 59 5.29 -6.42 6.57
N ASP B 60 4.02 -6.29 6.93
CA ASP B 60 3.13 -5.39 6.20
C ASP B 60 3.19 -3.96 6.76
N TRP B 61 4.24 -3.68 7.53
CA TRP B 61 4.59 -2.34 8.05
C TRP B 61 3.72 -1.87 9.23
N SER B 62 2.73 -2.67 9.64
CA SER B 62 1.94 -2.34 10.82
C SER B 62 2.66 -2.84 12.05
N PHE B 63 2.09 -2.55 13.22
CA PHE B 63 2.75 -2.87 14.48
C PHE B 63 1.85 -3.72 15.34
N TYR B 64 2.44 -4.38 16.33
CA TYR B 64 1.65 -5.20 17.24
C TYR B 64 2.29 -5.32 18.61
N LEU B 65 1.46 -5.71 19.59
CA LEU B 65 1.79 -5.68 21.01
C LEU B 65 0.98 -6.71 21.76
N LEU B 66 1.57 -7.33 22.78
CA LEU B 66 0.81 -8.19 23.67
C LEU B 66 0.86 -7.67 25.10
N TYR B 67 -0.32 -7.41 25.67
CA TYR B 67 -0.46 -7.10 27.10
C TYR B 67 -1.10 -8.28 27.82
N TYR B 68 -0.65 -8.58 29.03
CA TYR B 68 -1.27 -9.66 29.79
C TYR B 68 -1.09 -9.51 31.29
N THR B 69 -1.95 -10.20 32.04
CA THR B 69 -1.90 -10.23 33.50
C THR B 69 -2.44 -11.57 34.01
N GLU B 70 -1.95 -12.02 35.16
CA GLU B 70 -2.47 -13.23 35.76
C GLU B 70 -3.85 -12.91 36.36
N PHE B 71 -4.80 -13.82 36.21
CA PHE B 71 -6.17 -13.60 36.67
C PHE B 71 -6.85 -14.90 37.06
N THR B 72 -7.85 -14.79 37.93
CA THR B 72 -8.75 -15.88 38.21
C THR B 72 -10.17 -15.46 37.87
N PRO B 73 -10.67 -15.92 36.71
CA PRO B 73 -12.02 -15.59 36.21
C PRO B 73 -13.12 -16.02 37.17
N THR B 74 -14.13 -15.16 37.34
CA THR B 74 -15.33 -15.48 38.10
C THR B 74 -16.55 -15.09 37.26
N GLU B 75 -17.73 -15.47 37.71
CA GLU B 75 -18.95 -15.07 37.02
C GLU B 75 -19.20 -13.58 37.20
N LYS B 76 -18.81 -13.06 38.37
CA LYS B 76 -19.07 -11.66 38.73
C LYS B 76 -18.15 -10.67 38.00
N ASP B 77 -16.86 -10.98 37.97
CA ASP B 77 -15.86 -10.04 37.45
C ASP B 77 -15.87 -9.92 35.92
N GLU B 78 -15.93 -8.69 35.42
CA GLU B 78 -15.81 -8.43 33.99
C GLU B 78 -14.40 -7.90 33.69
N TYR B 79 -13.80 -8.39 32.62
CA TYR B 79 -12.46 -7.94 32.24
C TYR B 79 -12.47 -7.30 30.87
N ALA B 80 -11.54 -6.38 30.61
CA ALA B 80 -11.52 -5.72 29.31
C ALA B 80 -10.16 -5.12 28.97
N CYS B 81 -10.02 -4.70 27.72
CA CYS B 81 -8.80 -4.09 27.23
C CYS B 81 -9.16 -2.72 26.64
N ARG B 82 -8.53 -1.68 27.17
CA ARG B 82 -8.77 -0.30 26.75
C ARG B 82 -7.62 0.19 25.88
N VAL B 83 -7.94 0.61 24.67
CA VAL B 83 -6.90 1.03 23.72
C VAL B 83 -7.17 2.42 23.17
N ASN B 84 -6.13 3.25 23.13
CA ASN B 84 -6.23 4.52 22.43
C ASN B 84 -5.17 4.61 21.34
N HIS B 85 -5.53 5.30 20.27
CA HIS B 85 -4.71 5.36 19.07
C HIS B 85 -5.22 6.55 18.29
N VAL B 86 -4.38 7.14 17.45
CA VAL B 86 -4.75 8.36 16.72
C VAL B 86 -5.98 8.15 15.80
N THR B 87 -6.23 6.92 15.37
CA THR B 87 -7.42 6.63 14.57
C THR B 87 -8.72 6.66 15.38
N LEU B 88 -8.62 6.74 16.70
CA LEU B 88 -9.80 6.68 17.56
C LEU B 88 -10.09 8.03 18.21
N SER B 89 -11.36 8.45 18.20
CA SER B 89 -11.76 9.71 18.84
C SER B 89 -11.66 9.61 20.36
N GLN B 90 -12.05 8.45 20.87
CA GLN B 90 -11.96 8.17 22.30
C GLN B 90 -11.40 6.77 22.49
N PRO B 91 -10.89 6.48 23.70
CA PRO B 91 -10.35 5.13 23.95
C PRO B 91 -11.42 4.05 23.75
N LYS B 92 -11.04 2.97 23.06
CA LYS B 92 -11.97 1.88 22.85
C LYS B 92 -11.80 0.82 23.94
N ILE B 93 -12.90 0.51 24.62
CA ILE B 93 -12.92 -0.54 25.63
C ILE B 93 -13.49 -1.83 25.04
N VAL B 94 -12.64 -2.85 24.94
CA VAL B 94 -13.07 -4.12 24.37
C VAL B 94 -13.21 -5.19 25.45
N LYS B 95 -14.44 -5.70 25.60
CA LYS B 95 -14.75 -6.64 26.66
C LYS B 95 -14.28 -8.04 26.33
N TRP B 96 -13.71 -8.71 27.32
CA TRP B 96 -13.39 -10.12 27.19
C TRP B 96 -14.70 -10.89 26.99
N ASP B 97 -14.79 -11.71 25.95
CA ASP B 97 -15.87 -12.67 25.93
C ASP B 97 -15.43 -13.74 26.94
N ARG B 98 -16.35 -14.27 27.72
CA ARG B 98 -15.95 -15.25 28.73
C ARG B 98 -15.79 -16.61 28.05
N ASP B 99 -16.31 -16.70 26.83
CA ASP B 99 -16.22 -17.88 25.99
C ASP B 99 -14.75 -18.25 25.80
N MET B 100 -14.48 -19.53 25.55
CA MET B 100 -13.12 -20.08 25.40
C MET B 100 -12.34 -20.03 26.72
N ARG C 2 -36.28 25.93 16.09
CA ARG C 2 -36.10 24.95 17.16
C ARG C 2 -35.61 23.62 16.58
N THR C 3 -34.83 22.87 17.37
CA THR C 3 -34.23 21.61 16.94
C THR C 3 -35.27 20.49 16.76
N HIS C 4 -35.15 19.75 15.67
CA HIS C 4 -36.01 18.59 15.45
C HIS C 4 -35.18 17.43 14.92
N SER C 5 -35.71 16.21 15.06
CA SER C 5 -35.03 15.04 14.55
C SER C 5 -36.00 14.05 13.90
N LEU C 6 -35.46 13.22 13.02
CA LEU C 6 -36.20 12.12 12.41
C LEU C 6 -35.35 10.88 12.58
N ARG C 7 -35.93 9.78 13.06
CA ARG C 7 -35.16 8.54 13.08
CA ARG C 7 -35.16 8.55 13.10
C ARG C 7 -36.02 7.30 12.92
N TYR C 8 -35.42 6.29 12.30
CA TYR C 8 -36.03 4.99 12.12
C TYR C 8 -35.25 3.95 12.90
N PHE C 9 -35.96 3.18 13.71
CA PHE C 9 -35.39 2.08 14.50
C PHE C 9 -35.83 0.74 13.94
N ARG C 10 -34.98 -0.27 14.09
CA ARG C 10 -35.35 -1.66 13.81
C ARG C 10 -34.96 -2.53 15.00
N LEU C 11 -35.85 -3.45 15.36
CA LEU C 11 -35.53 -4.47 16.34
C LEU C 11 -35.76 -5.87 15.75
N GLY C 12 -34.75 -6.72 15.86
CA GLY C 12 -34.88 -8.13 15.55
C GLY C 12 -34.62 -8.99 16.77
N VAL C 13 -35.41 -10.05 16.94
CA VAL C 13 -35.25 -10.98 18.07
C VAL C 13 -35.12 -12.40 17.54
N SER C 14 -34.05 -13.10 17.94
CA SER C 14 -33.71 -14.36 17.29
C SER C 14 -34.62 -15.52 17.68
N ASP C 15 -35.01 -15.61 18.94
CA ASP C 15 -35.85 -16.74 19.36
C ASP C 15 -36.98 -16.27 20.26
N PRO C 16 -37.94 -15.52 19.70
CA PRO C 16 -38.95 -14.82 20.49
C PRO C 16 -40.04 -15.73 21.02
N ILE C 17 -40.64 -15.34 22.15
CA ILE C 17 -41.78 -16.04 22.75
C ILE C 17 -42.91 -16.25 21.73
N HIS C 18 -43.76 -17.25 21.97
CA HIS C 18 -44.86 -17.58 21.06
C HIS C 18 -45.97 -16.52 21.05
N GLY C 19 -45.59 -15.29 20.73
CA GLY C 19 -46.52 -14.18 20.61
C GLY C 19 -45.80 -12.94 20.11
N VAL C 20 -44.66 -12.64 20.73
CA VAL C 20 -43.83 -11.49 20.38
C VAL C 20 -43.31 -11.57 18.94
N PRO C 21 -43.32 -10.44 18.21
CA PRO C 21 -42.83 -10.45 16.82
C PRO C 21 -41.32 -10.57 16.69
N GLU C 22 -40.93 -11.20 15.58
CA GLU C 22 -39.57 -11.40 15.19
C GLU C 22 -38.86 -10.09 14.88
N PHE C 23 -39.63 -9.15 14.32
CA PHE C 23 -39.08 -7.91 13.77
C PHE C 23 -40.05 -6.76 13.97
N ILE C 24 -39.51 -5.61 14.37
CA ILE C 24 -40.28 -4.38 14.57
C ILE C 24 -39.50 -3.18 14.05
N SER C 25 -40.18 -2.31 13.31
CA SER C 25 -39.59 -1.05 12.88
C SER C 25 -40.51 0.12 13.20
N VAL C 26 -39.98 1.13 13.88
CA VAL C 26 -40.77 2.30 14.27
C VAL C 26 -40.01 3.58 13.93
N GLY C 27 -40.70 4.53 13.31
CA GLY C 27 -40.09 5.81 12.98
C GLY C 27 -40.54 6.85 14.00
N TYR C 28 -39.69 7.85 14.23
CA TYR C 28 -40.02 8.95 15.13
C TYR C 28 -39.69 10.30 14.49
N VAL C 29 -40.51 11.30 14.76
CA VAL C 29 -40.09 12.68 14.62
C VAL C 29 -40.09 13.27 16.01
N ASP C 30 -38.93 13.77 16.46
CA ASP C 30 -38.73 14.11 17.87
C ASP C 30 -39.20 12.94 18.75
N SER C 31 -40.09 13.22 19.70
CA SER C 31 -40.58 12.18 20.59
C SER C 31 -41.86 11.49 20.07
N HIS C 32 -42.29 11.85 18.87
CA HIS C 32 -43.55 11.36 18.32
C HIS C 32 -43.36 10.16 17.39
N PRO C 33 -44.00 9.02 17.71
CA PRO C 33 -44.01 7.91 16.74
C PRO C 33 -44.71 8.34 15.47
N ILE C 34 -44.15 8.02 14.31
CA ILE C 34 -44.80 8.41 13.07
C ILE C 34 -45.16 7.21 12.20
N THR C 35 -44.42 6.11 12.34
CA THR C 35 -44.61 4.93 11.51
C THR C 35 -44.36 3.66 12.30
N THR C 36 -45.02 2.57 11.89
CA THR C 36 -44.79 1.28 12.54
C THR C 36 -44.95 0.12 11.54
N TYR C 37 -44.18 -0.93 11.77
CA TYR C 37 -44.18 -2.13 10.95
C TYR C 37 -43.72 -3.25 11.85
N ASP C 38 -44.31 -4.43 11.72
CA ASP C 38 -43.73 -5.60 12.37
C ASP C 38 -43.99 -6.87 11.56
N SER C 39 -43.36 -7.97 11.96
CA SER C 39 -43.42 -9.22 11.20
C SER C 39 -44.77 -9.93 11.33
N VAL C 40 -45.64 -9.41 12.19
CA VAL C 40 -47.00 -9.96 12.32
C VAL C 40 -47.96 -9.25 11.37
N THR C 41 -48.00 -7.92 11.43
CA THR C 41 -48.87 -7.17 10.54
C THR C 41 -48.35 -7.19 9.10
N ARG C 42 -47.03 -7.23 8.96
CA ARG C 42 -46.36 -7.18 7.64
C ARG C 42 -46.77 -5.96 6.81
N GLN C 43 -47.15 -4.89 7.50
CA GLN C 43 -47.59 -3.65 6.87
C GLN C 43 -46.90 -2.48 7.54
N LYS C 44 -46.48 -1.49 6.75
CA LYS C 44 -46.03 -0.25 7.38
C LYS C 44 -47.22 0.69 7.49
N GLU C 45 -47.47 1.18 8.70
CA GLU C 45 -48.63 2.03 8.94
C GLU C 45 -48.25 3.34 9.64
N PRO C 46 -49.07 4.38 9.46
CA PRO C 46 -48.90 5.64 10.20
C PRO C 46 -49.19 5.48 11.69
N ARG C 47 -48.48 6.26 12.49
CA ARG C 47 -48.64 6.23 13.93
C ARG C 47 -49.00 7.62 14.44
N ALA C 48 -49.12 8.56 13.51
CA ALA C 48 -49.59 9.90 13.85
C ALA C 48 -50.58 10.35 12.80
N PRO C 49 -51.69 10.94 13.23
CA PRO C 49 -52.76 11.34 12.31
C PRO C 49 -52.26 12.28 11.21
N TRP C 50 -51.34 13.17 11.53
CA TRP C 50 -50.80 14.07 10.51
C TRP C 50 -49.87 13.36 9.50
N MET C 51 -49.48 12.12 9.81
CA MET C 51 -48.78 11.32 8.83
C MET C 51 -49.79 10.59 7.93
N ALA C 52 -50.83 10.02 8.55
CA ALA C 52 -51.89 9.34 7.79
C ALA C 52 -52.57 10.28 6.80
N GLU C 53 -52.76 11.53 7.22
CA GLU C 53 -53.53 12.49 6.42
C GLU C 53 -52.74 13.10 5.27
N ASN C 54 -51.41 13.00 5.34
CA ASN C 54 -50.55 13.69 4.37
C ASN C 54 -49.75 12.79 3.41
N LEU C 55 -49.72 11.51 3.69
CA LEU C 55 -48.99 10.60 2.81
C LEU C 55 -49.95 9.62 2.15
N ALA C 56 -49.94 9.58 0.82
CA ALA C 56 -50.89 8.78 0.05
C ALA C 56 -50.61 7.28 0.23
N PRO C 57 -51.63 6.43 -0.04
CA PRO C 57 -51.46 4.98 0.04
C PRO C 57 -50.20 4.46 -0.66
N ASP C 58 -49.83 5.08 -1.78
CA ASP C 58 -48.59 4.75 -2.50
C ASP C 58 -47.36 4.72 -1.59
N HIS C 59 -47.32 5.61 -0.62
CA HIS C 59 -46.18 5.66 0.28
C HIS C 59 -46.14 4.43 1.18
N TRP C 60 -47.28 4.08 1.75
CA TRP C 60 -47.33 2.93 2.65
C TRP C 60 -47.19 1.60 1.91
N GLU C 61 -47.68 1.55 0.66
CA GLU C 61 -47.52 0.36 -0.17
C GLU C 61 -46.05 0.11 -0.49
N ARG C 62 -45.35 1.15 -0.91
CA ARG C 62 -43.94 1.01 -1.28
CA ARG C 62 -43.93 1.03 -1.28
C ARG C 62 -43.06 0.62 -0.11
N TYR C 63 -43.23 1.30 1.04
CA TYR C 63 -42.36 1.04 2.17
C TYR C 63 -42.73 -0.27 2.87
N THR C 64 -43.99 -0.70 2.72
CA THR C 64 -44.39 -2.03 3.16
C THR C 64 -43.53 -3.08 2.45
N GLN C 65 -43.35 -2.91 1.14
CA GLN C 65 -42.54 -3.86 0.38
C GLN C 65 -41.06 -3.75 0.78
N LEU C 66 -40.58 -2.53 0.98
CA LEU C 66 -39.20 -2.34 1.38
C LEU C 66 -38.94 -3.01 2.72
N LEU C 67 -39.85 -2.81 3.68
CA LEU C 67 -39.67 -3.37 5.01
C LEU C 67 -39.75 -4.89 5.04
N ARG C 68 -40.61 -5.46 4.21
CA ARG C 68 -40.65 -6.92 4.15
C ARG C 68 -39.27 -7.46 3.76
N GLY C 69 -38.60 -6.76 2.85
CA GLY C 69 -37.25 -7.14 2.47
C GLY C 69 -36.28 -6.88 3.60
N TRP C 70 -36.36 -5.69 4.20
CA TRP C 70 -35.48 -5.35 5.31
C TRP C 70 -35.67 -6.31 6.47
N GLN C 71 -36.91 -6.76 6.70
CA GLN C 71 -37.18 -7.74 7.74
C GLN C 71 -36.34 -9.01 7.54
N GLN C 72 -36.38 -9.57 6.34
CA GLN C 72 -35.66 -10.81 6.06
CA GLN C 72 -35.65 -10.79 6.02
C GLN C 72 -34.15 -10.59 6.17
N MET C 73 -33.65 -9.49 5.63
CA MET C 73 -32.23 -9.19 5.74
C MET C 73 -31.78 -9.05 7.19
N PHE C 74 -32.64 -8.49 8.03
CA PHE C 74 -32.30 -8.26 9.43
C PHE C 74 -32.14 -9.61 10.15
N LYS C 75 -33.05 -10.55 9.84
CA LYS C 75 -32.95 -11.90 10.40
C LYS C 75 -31.65 -12.59 9.95
N VAL C 76 -31.32 -12.48 8.68
CA VAL C 76 -30.09 -13.08 8.17
C VAL C 76 -28.85 -12.50 8.87
N GLU C 77 -28.83 -11.19 9.09
CA GLU C 77 -27.70 -10.54 9.76
C GLU C 77 -27.57 -10.97 11.23
N LEU C 78 -28.71 -11.05 11.92
CA LEU C 78 -28.72 -11.50 13.31
C LEU C 78 -28.29 -12.95 13.41
N LYS C 79 -28.75 -13.75 12.46
CA LYS C 79 -28.32 -15.15 12.36
C LYS C 79 -26.79 -15.22 12.25
N ARG C 80 -26.22 -14.40 11.38
CA ARG C 80 -24.78 -14.35 11.20
C ARG C 80 -24.06 -13.90 12.47
N LEU C 81 -24.62 -12.89 13.14
CA LEU C 81 -24.02 -12.36 14.37
C LEU C 81 -23.97 -13.39 15.48
N GLN C 82 -25.10 -14.07 15.70
CA GLN C 82 -25.22 -15.00 16.79
C GLN C 82 -24.35 -16.23 16.59
N ARG C 83 -24.15 -16.60 15.33
CA ARG C 83 -23.35 -17.76 15.03
C ARG C 83 -21.87 -17.41 15.20
N HIS C 84 -21.49 -16.20 14.78
CA HIS C 84 -20.13 -15.69 14.99
C HIS C 84 -19.82 -15.42 16.47
N TYR C 85 -20.85 -15.10 17.27
CA TYR C 85 -20.65 -14.94 18.70
C TYR C 85 -20.64 -16.28 19.42
N ASN C 86 -21.06 -17.32 18.70
CA ASN C 86 -21.23 -18.65 19.28
C ASN C 86 -22.19 -18.59 20.47
N HIS C 87 -23.31 -17.89 20.28
CA HIS C 87 -24.33 -17.70 21.33
C HIS C 87 -25.57 -18.54 21.09
N SER C 88 -26.09 -19.16 22.13
CA SER C 88 -27.38 -19.85 22.06
C SER C 88 -28.49 -18.99 22.67
N GLY C 89 -29.73 -19.47 22.60
CA GLY C 89 -30.87 -18.75 23.12
C GLY C 89 -31.23 -17.51 22.31
N SER C 90 -32.06 -16.65 22.89
CA SER C 90 -32.59 -15.49 22.18
C SER C 90 -31.72 -14.26 22.41
N HIS C 91 -31.35 -13.61 21.31
CA HIS C 91 -30.55 -12.39 21.37
C HIS C 91 -31.16 -11.34 20.44
N THR C 92 -30.81 -10.07 20.65
CA THR C 92 -31.42 -9.00 19.89
C THR C 92 -30.44 -8.25 18.99
N TYR C 93 -31.01 -7.65 17.96
CA TYR C 93 -30.26 -6.87 16.98
C TYR C 93 -31.04 -5.59 16.77
N GLN C 94 -30.37 -4.46 16.81
CA GLN C 94 -31.07 -3.18 16.64
C GLN C 94 -30.32 -2.26 15.70
N ARG C 95 -31.08 -1.43 15.01
CA ARG C 95 -30.55 -0.43 14.12
C ARG C 95 -31.22 0.90 14.40
N MET C 96 -30.46 1.98 14.27
CA MET C 96 -31.03 3.31 14.34
C MET C 96 -30.38 4.19 13.27
N ILE C 97 -31.21 4.81 12.44
CA ILE C 97 -30.72 5.77 11.46
C ILE C 97 -31.50 7.05 11.63
N GLY C 98 -30.89 8.19 11.37
CA GLY C 98 -31.63 9.43 11.41
C GLY C 98 -30.80 10.68 11.30
N CYS C 99 -31.46 11.82 11.54
CA CYS C 99 -30.79 13.10 11.44
C CYS C 99 -31.45 14.12 12.34
N GLU C 100 -30.71 15.19 12.62
CA GLU C 100 -31.24 16.36 13.32
C GLU C 100 -31.07 17.60 12.49
N LEU C 101 -32.07 18.47 12.55
CA LEU C 101 -31.95 19.82 12.01
C LEU C 101 -31.96 20.77 13.20
N LEU C 102 -30.83 21.40 13.47
CA LEU C 102 -30.72 22.25 14.66
C LEU C 102 -31.29 23.64 14.41
N GLU C 103 -31.52 24.36 15.50
CA GLU C 103 -32.08 25.70 15.43
C GLU C 103 -31.22 26.64 14.58
N ASP C 104 -29.89 26.56 14.73
CA ASP C 104 -29.00 27.42 13.95
C ASP C 104 -28.87 27.00 12.48
N GLY C 105 -29.58 25.95 12.10
CA GLY C 105 -29.61 25.54 10.71
C GLY C 105 -28.60 24.47 10.36
N SER C 106 -27.76 24.12 11.31
CA SER C 106 -26.79 23.07 11.10
C SER C 106 -27.46 21.71 11.23
N THR C 107 -26.80 20.67 10.74
CA THR C 107 -27.36 19.32 10.72
C THR C 107 -26.40 18.31 11.35
N THR C 108 -26.97 17.19 11.80
CA THR C 108 -26.20 16.04 12.19
C THR C 108 -26.87 14.82 11.56
N GLY C 109 -26.15 13.70 11.47
CA GLY C 109 -26.71 12.47 10.93
C GLY C 109 -26.05 11.29 11.60
N PHE C 110 -26.77 10.20 11.78
CA PHE C 110 -26.23 9.07 12.51
C PHE C 110 -26.81 7.76 12.03
N LEU C 111 -26.01 6.71 12.13
CA LEU C 111 -26.40 5.37 11.74
C LEU C 111 -25.60 4.41 12.59
N GLN C 112 -26.29 3.59 13.37
CA GLN C 112 -25.61 2.65 14.24
C GLN C 112 -26.45 1.40 14.50
N TYR C 113 -25.75 0.36 14.94
CA TYR C 113 -26.30 -0.95 15.18
C TYR C 113 -25.94 -1.43 16.59
N ALA C 114 -26.80 -2.27 17.16
CA ALA C 114 -26.54 -2.84 18.47
C ALA C 114 -26.87 -4.33 18.52
N TYR C 115 -26.05 -5.09 19.24
CA TYR C 115 -26.37 -6.48 19.54
C TYR C 115 -26.61 -6.58 21.04
N ASP C 116 -27.72 -7.22 21.40
CA ASP C 116 -28.13 -7.35 22.80
C ASP C 116 -28.15 -6.00 23.54
N GLY C 117 -28.59 -4.96 22.86
CA GLY C 117 -28.76 -3.65 23.46
C GLY C 117 -27.47 -2.88 23.73
N GLN C 118 -26.37 -3.32 23.12
CA GLN C 118 -25.09 -2.64 23.31
C GLN C 118 -24.54 -2.25 21.95
N ASP C 119 -23.85 -1.10 21.88
CA ASP C 119 -23.26 -0.63 20.63
C ASP C 119 -22.51 -1.77 19.95
N PHE C 120 -22.67 -1.86 18.64
CA PHE C 120 -22.03 -2.90 17.84
C PHE C 120 -21.21 -2.31 16.71
N LEU C 121 -21.88 -1.51 15.87
CA LEU C 121 -21.21 -0.78 14.80
C LEU C 121 -21.75 0.64 14.76
N ILE C 122 -20.85 1.61 14.63
CA ILE C 122 -21.23 3.01 14.57
C ILE C 122 -20.64 3.65 13.32
N PHE C 123 -21.52 4.24 12.50
CA PHE C 123 -21.07 4.86 11.26
C PHE C 123 -20.52 6.26 11.50
N ASN C 124 -19.38 6.55 10.89
CA ASN C 124 -18.84 7.89 10.83
C ASN C 124 -18.94 8.40 9.40
N LYS C 125 -19.90 9.29 9.14
CA LYS C 125 -20.14 9.74 7.78
C LYS C 125 -19.10 10.73 7.28
N ASP C 126 -18.20 11.15 8.17
CA ASP C 126 -17.20 12.14 7.78
C ASP C 126 -15.90 11.47 7.37
N THR C 127 -15.59 10.35 8.00
CA THR C 127 -14.43 9.58 7.60
C THR C 127 -14.86 8.40 6.72
N LEU C 128 -16.18 8.26 6.55
CA LEU C 128 -16.75 7.16 5.75
C LEU C 128 -16.22 5.83 6.22
N SER C 129 -16.37 5.56 7.51
CA SER C 129 -15.85 4.34 8.10
C SER C 129 -16.80 3.85 9.18
N TRP C 130 -16.63 2.58 9.55
CA TRP C 130 -17.42 1.95 10.60
C TRP C 130 -16.57 1.67 11.83
N LEU C 131 -17.04 2.06 13.01
CA LEU C 131 -16.35 1.76 14.26
C LEU C 131 -16.83 0.42 14.83
N ALA C 132 -15.92 -0.52 15.01
CA ALA C 132 -16.27 -1.85 15.55
C ALA C 132 -15.91 -1.98 17.04
N VAL C 133 -16.79 -2.59 17.82
CA VAL C 133 -16.58 -2.70 19.26
C VAL C 133 -15.88 -4.00 19.64
N ASP C 134 -15.96 -5.00 18.77
CA ASP C 134 -15.33 -6.29 19.04
C ASP C 134 -14.97 -6.95 17.71
N ASN C 135 -14.48 -8.18 17.73
CA ASN C 135 -13.98 -8.78 16.50
C ASN C 135 -15.08 -9.35 15.61
N VAL C 136 -16.24 -9.62 16.19
CA VAL C 136 -17.38 -9.99 15.38
C VAL C 136 -17.78 -8.75 14.57
N ALA C 137 -17.84 -7.60 15.24
CA ALA C 137 -18.17 -6.35 14.56
C ALA C 137 -17.11 -6.01 13.52
N HIS C 138 -15.85 -6.27 13.86
CA HIS C 138 -14.72 -6.02 12.95
C HIS C 138 -14.88 -6.73 11.60
N THR C 139 -15.34 -7.98 11.64
CA THR C 139 -15.55 -8.72 10.39
C THR C 139 -16.62 -8.07 9.51
N ILE C 140 -17.69 -7.60 10.13
CA ILE C 140 -18.73 -6.88 9.41
C ILE C 140 -18.21 -5.52 8.90
N LYS C 141 -17.51 -4.79 9.77
CA LYS C 141 -16.84 -3.56 9.35
C LYS C 141 -16.05 -3.76 8.06
N GLN C 142 -15.29 -4.86 7.99
CA GLN C 142 -14.45 -5.11 6.81
C GLN C 142 -15.28 -5.38 5.57
N ALA C 143 -16.32 -6.19 5.71
CA ALA C 143 -17.24 -6.43 4.60
C ALA C 143 -17.93 -5.13 4.14
N TRP C 144 -18.41 -4.34 5.09
CA TRP C 144 -19.17 -3.15 4.72
C TRP C 144 -18.29 -2.05 4.11
N GLU C 145 -17.06 -1.90 4.62
CA GLU C 145 -16.17 -0.86 4.09
C GLU C 145 -15.57 -1.22 2.74
N ALA C 146 -15.72 -2.48 2.32
CA ALA C 146 -15.24 -2.91 1.00
C ALA C 146 -16.28 -2.55 -0.05
N ASN C 147 -17.45 -2.12 0.41
CA ASN C 147 -18.52 -1.70 -0.48
C ASN C 147 -18.66 -0.20 -0.35
N GLN C 148 -17.73 0.51 -0.96
CA GLN C 148 -17.58 1.94 -0.74
C GLN C 148 -18.82 2.72 -1.18
N HIS C 149 -19.44 2.29 -2.28
CA HIS C 149 -20.65 2.93 -2.79
C HIS C 149 -21.77 2.98 -1.75
N GLU C 150 -21.87 1.94 -0.92
CA GLU C 150 -22.91 1.91 0.10
C GLU C 150 -22.68 2.99 1.18
N LEU C 151 -21.41 3.20 1.54
CA LEU C 151 -21.07 4.22 2.52
C LEU C 151 -21.41 5.62 2.00
N LEU C 152 -21.08 5.88 0.74
CA LEU C 152 -21.38 7.18 0.13
C LEU C 152 -22.91 7.41 0.14
N TYR C 153 -23.66 6.35 -0.15
CA TYR C 153 -25.12 6.41 -0.19
C TYR C 153 -25.72 6.68 1.17
N GLN C 154 -25.13 6.09 2.20
CA GLN C 154 -25.58 6.34 3.57
C GLN C 154 -25.25 7.78 3.98
N LYS C 155 -24.08 8.25 3.59
CA LYS C 155 -23.71 9.65 3.83
C LYS C 155 -24.71 10.59 3.16
N ASN C 156 -24.97 10.37 1.87
CA ASN C 156 -25.90 11.24 1.14
C ASN C 156 -27.30 11.20 1.74
N TRP C 157 -27.74 10.02 2.17
CA TRP C 157 -29.07 9.91 2.76
C TRP C 157 -29.12 10.64 4.10
N LEU C 158 -28.11 10.43 4.92
CA LEU C 158 -28.03 11.14 6.21
C LEU C 158 -28.02 12.65 6.03
N GLU C 159 -27.21 13.15 5.11
CA GLU C 159 -26.98 14.58 5.03
C GLU C 159 -28.01 15.31 4.17
N GLU C 160 -28.51 14.66 3.12
CA GLU C 160 -29.44 15.31 2.22
C GLU C 160 -30.87 14.79 2.35
N GLU C 161 -31.06 13.49 2.14
CA GLU C 161 -32.41 12.94 2.07
C GLU C 161 -33.17 12.97 3.40
N CYS C 162 -32.53 12.50 4.46
CA CYS C 162 -33.13 12.48 5.79
C CYS C 162 -33.63 13.87 6.20
N ILE C 163 -32.79 14.88 5.96
CA ILE C 163 -33.12 16.25 6.31
C ILE C 163 -34.33 16.74 5.52
N ALA C 164 -34.37 16.38 4.23
CA ALA C 164 -35.52 16.71 3.39
C ALA C 164 -36.81 16.02 3.89
N TRP C 165 -36.72 14.75 4.24
CA TRP C 165 -37.86 14.05 4.83
C TRP C 165 -38.31 14.73 6.14
N LEU C 166 -37.34 15.10 6.97
CA LEU C 166 -37.64 15.76 8.25
C LEU C 166 -38.39 17.07 8.04
N LYS C 167 -37.91 17.90 7.14
CA LYS C 167 -38.60 19.17 6.86
C LYS C 167 -40.03 18.92 6.39
N ARG C 168 -40.17 17.90 5.56
CA ARG C 168 -41.49 17.53 5.04
C ARG C 168 -42.45 17.10 6.14
N PHE C 169 -42.00 16.23 7.03
CA PHE C 169 -42.86 15.74 8.12
C PHE C 169 -43.14 16.86 9.13
N LEU C 170 -42.13 17.71 9.35
CA LEU C 170 -42.26 18.89 10.20
C LEU C 170 -43.40 19.79 9.75
N GLU C 171 -43.57 19.93 8.43
CA GLU C 171 -44.65 20.75 7.91
C GLU C 171 -45.98 20.02 8.09
N TYR C 172 -46.00 18.71 7.80
CA TYR C 172 -47.20 17.92 8.01
C TYR C 172 -47.72 18.03 9.45
N GLY C 173 -46.80 17.96 10.41
CA GLY C 173 -47.20 17.95 11.80
C GLY C 173 -47.05 19.26 12.56
N LYS C 174 -46.95 20.37 11.84
CA LYS C 174 -46.52 21.62 12.45
C LYS C 174 -47.41 22.07 13.60
N ASP C 175 -48.69 21.72 13.55
CA ASP C 175 -49.62 22.07 14.62
C ASP C 175 -49.27 21.37 15.92
N THR C 176 -48.74 20.15 15.80
CA THR C 176 -48.27 19.41 16.95
C THR C 176 -46.83 19.80 17.30
N LEU C 177 -45.94 19.61 16.33
CA LEU C 177 -44.49 19.67 16.55
C LEU C 177 -43.93 21.06 16.83
N GLN C 178 -44.59 22.10 16.33
CA GLN C 178 -44.01 23.43 16.39
C GLN C 178 -44.74 24.33 17.38
N ARG C 179 -45.69 23.75 18.11
CA ARG C 179 -46.43 24.50 19.12
C ARG C 179 -45.60 24.67 20.39
N THR C 180 -46.06 25.56 21.27
CA THR C 180 -45.42 25.72 22.57
C THR C 180 -46.48 25.76 23.65
N GLU C 181 -46.30 24.91 24.65
CA GLU C 181 -47.09 24.99 25.87
C GLU C 181 -46.12 25.16 27.03
N PRO C 182 -46.08 26.36 27.62
CA PRO C 182 -45.13 26.68 28.69
C PRO C 182 -45.41 25.87 29.95
N PRO C 183 -44.38 25.65 30.77
CA PRO C 183 -44.53 24.90 32.03
C PRO C 183 -45.21 25.69 33.14
N LEU C 184 -46.06 25.02 33.92
CA LEU C 184 -46.50 25.52 35.21
C LEU C 184 -45.46 25.04 36.20
N VAL C 185 -44.82 25.98 36.90
CA VAL C 185 -43.68 25.63 37.76
C VAL C 185 -43.94 26.06 39.19
N ARG C 186 -43.66 25.18 40.14
CA ARG C 186 -43.85 25.48 41.54
C ARG C 186 -42.72 24.91 42.36
N VAL C 187 -42.54 25.46 43.56
CA VAL C 187 -41.57 24.95 44.51
C VAL C 187 -42.35 24.48 45.72
N ASN C 188 -42.03 23.26 46.17
N ASN C 188 -42.09 23.26 46.18
CA ASN C 188 -42.65 22.64 47.33
CA ASN C 188 -42.65 22.92 47.48
C ASN C 188 -41.60 22.18 48.35
C ASN C 188 -41.65 22.21 48.35
N ARG C 189 -41.97 22.23 49.63
CA ARG C 189 -41.07 21.82 50.70
C ARG C 189 -41.45 20.43 51.18
N LYS C 190 -40.49 19.51 51.24
CA LYS C 190 -40.77 18.15 51.70
C LYS C 190 -39.83 17.69 52.80
N GLU C 191 -40.33 16.82 53.67
CA GLU C 191 -39.57 16.30 54.81
C GLU C 191 -38.51 15.25 54.42
N THR C 192 -38.88 14.30 53.58
CA THR C 192 -38.01 13.14 53.30
C THR C 192 -37.61 12.49 54.64
N PHE C 193 -36.31 12.47 54.95
CA PHE C 193 -35.86 11.95 56.23
C PHE C 193 -36.15 12.94 57.37
N PRO C 194 -36.68 12.43 58.50
CA PRO C 194 -37.08 13.24 59.67
C PRO C 194 -35.97 14.16 60.19
N GLY C 195 -36.19 15.46 60.09
CA GLY C 195 -35.17 16.43 60.47
C GLY C 195 -34.55 17.10 59.25
N VAL C 196 -34.58 16.39 58.13
CA VAL C 196 -34.01 16.88 56.88
C VAL C 196 -35.10 17.53 56.04
N THR C 197 -34.76 18.54 55.25
CA THR C 197 -35.76 19.19 54.41
C THR C 197 -35.22 19.33 53.00
N ALA C 198 -36.07 19.03 52.02
CA ALA C 198 -35.69 19.17 50.62
C ALA C 198 -36.60 20.14 49.88
N LEU C 199 -36.02 20.92 48.97
CA LEU C 199 -36.80 21.76 48.08
C LEU C 199 -37.01 21.05 46.75
N PHE C 200 -38.27 20.95 46.34
CA PHE C 200 -38.61 20.36 45.05
C PHE C 200 -39.12 21.43 44.10
N CYS C 201 -38.47 21.50 42.94
CA CYS C 201 -38.96 22.36 41.86
C CYS C 201 -39.69 21.49 40.86
N LYS C 202 -40.98 21.74 40.67
CA LYS C 202 -41.81 20.89 39.83
C LYS C 202 -42.41 21.63 38.64
N ALA C 203 -42.28 21.05 37.45
CA ALA C 203 -42.84 21.63 36.25
C ALA C 203 -43.81 20.64 35.62
N HIS C 204 -44.94 21.12 35.12
CA HIS C 204 -45.83 20.24 34.39
C HIS C 204 -46.58 20.99 33.30
N GLY C 205 -47.21 20.22 32.43
CA GLY C 205 -48.08 20.78 31.40
C GLY C 205 -47.36 21.35 30.21
N PHE C 206 -46.07 21.07 30.06
CA PHE C 206 -45.30 21.73 28.99
C PHE C 206 -45.11 20.88 27.73
N TYR C 207 -44.89 21.58 26.62
CA TYR C 207 -44.49 21.00 25.33
C TYR C 207 -43.67 22.05 24.61
N PRO C 208 -42.54 21.65 23.98
CA PRO C 208 -41.97 20.31 23.81
C PRO C 208 -41.34 19.76 25.10
N PRO C 209 -40.97 18.46 25.14
CA PRO C 209 -40.45 17.86 26.38
C PRO C 209 -39.08 18.40 26.82
N GLU C 210 -38.28 18.92 25.89
CA GLU C 210 -36.99 19.49 26.27
C GLU C 210 -37.19 20.63 27.27
N ILE C 211 -36.58 20.51 28.43
CA ILE C 211 -36.66 21.51 29.46
C ILE C 211 -35.42 21.42 30.33
N TYR C 212 -34.98 22.56 30.85
CA TYR C 212 -33.78 22.61 31.64
C TYR C 212 -34.12 23.19 33.00
N MET C 213 -34.09 22.34 34.02
CA MET C 213 -34.40 22.75 35.38
C MET C 213 -33.14 22.62 36.22
N THR C 214 -32.84 23.62 37.04
CA THR C 214 -31.71 23.52 37.93
C THR C 214 -31.89 24.40 39.17
N TRP C 215 -31.09 24.12 40.19
CA TRP C 215 -31.11 24.89 41.44
C TRP C 215 -29.85 25.71 41.57
N MET C 216 -30.00 26.98 41.96
CA MET C 216 -28.82 27.81 42.21
C MET C 216 -28.81 28.28 43.66
N LYS C 217 -27.60 28.47 44.18
CA LYS C 217 -27.42 28.99 45.53
C LYS C 217 -26.85 30.39 45.47
N ASN C 218 -27.54 31.34 46.10
CA ASN C 218 -27.07 32.73 46.20
C ASN C 218 -26.86 33.42 44.85
N GLY C 219 -27.38 32.81 43.79
CA GLY C 219 -27.24 33.37 42.46
C GLY C 219 -26.25 32.66 41.55
N GLU C 220 -25.64 31.58 42.04
CA GLU C 220 -24.73 30.76 41.23
C GLU C 220 -24.89 29.26 41.49
N GLU C 221 -24.28 28.45 40.64
CA GLU C 221 -24.57 27.02 40.51
C GLU C 221 -24.34 26.19 41.78
N ILE C 222 -25.22 25.21 42.00
CA ILE C 222 -25.00 24.21 43.03
C ILE C 222 -24.18 23.05 42.44
N VAL C 223 -22.86 23.17 42.56
CA VAL C 223 -21.90 22.14 42.15
C VAL C 223 -22.20 20.83 42.88
N GLN C 224 -22.75 20.95 44.08
CA GLN C 224 -23.10 19.82 44.91
C GLN C 224 -24.28 19.01 44.37
N GLU C 225 -24.96 18.31 45.26
CA GLU C 225 -25.98 17.36 44.87
C GLU C 225 -27.30 18.02 44.47
N ILE C 226 -27.64 17.90 43.19
CA ILE C 226 -28.99 18.19 42.73
C ILE C 226 -29.61 16.89 42.22
N ASP C 227 -30.74 16.52 42.79
CA ASP C 227 -31.43 15.31 42.35
C ASP C 227 -32.36 15.63 41.18
N TYR C 228 -32.09 15.02 40.03
CA TYR C 228 -32.89 15.25 38.83
C TYR C 228 -33.92 14.15 38.58
N GLY C 229 -35.15 14.57 38.35
CA GLY C 229 -36.20 13.66 37.92
C GLY C 229 -36.32 13.66 36.40
N ASP C 230 -36.71 12.52 35.84
CA ASP C 230 -36.86 12.39 34.39
C ASP C 230 -37.96 13.27 33.83
N ILE C 231 -37.82 13.66 32.57
CA ILE C 231 -38.92 14.30 31.86
C ILE C 231 -39.93 13.23 31.48
N LEU C 232 -41.15 13.32 32.00
CA LEU C 232 -42.12 12.25 31.86
C LEU C 232 -43.37 12.66 31.09
N PRO C 233 -43.89 11.75 30.25
CA PRO C 233 -45.17 12.01 29.58
C PRO C 233 -46.31 12.01 30.58
N SER C 234 -47.17 13.02 30.51
CA SER C 234 -48.34 13.08 31.39
C SER C 234 -49.54 12.34 30.77
N GLY C 235 -49.50 12.15 29.46
CA GLY C 235 -50.49 11.31 28.78
C GLY C 235 -51.37 12.10 27.85
N ASP C 236 -51.34 13.43 27.98
CA ASP C 236 -52.17 14.29 27.16
C ASP C 236 -51.39 15.02 26.08
N GLY C 237 -50.15 14.61 25.87
CA GLY C 237 -49.30 15.29 24.91
C GLY C 237 -48.36 16.30 25.53
N THR C 238 -48.53 16.56 26.83
CA THR C 238 -47.60 17.43 27.56
C THR C 238 -46.73 16.60 28.49
N TYR C 239 -45.81 17.26 29.19
CA TYR C 239 -44.82 16.54 29.97
C TYR C 239 -44.63 17.16 31.35
N GLN C 240 -44.01 16.40 32.26
CA GLN C 240 -43.72 16.92 33.58
C GLN C 240 -42.30 16.52 33.99
N ALA C 241 -41.71 17.28 34.92
CA ALA C 241 -40.37 17.02 35.42
C ALA C 241 -40.16 17.68 36.78
N TRP C 242 -39.12 17.29 37.49
CA TRP C 242 -38.76 17.96 38.73
C TRP C 242 -37.26 17.89 39.01
N ALA C 243 -36.82 18.74 39.94
CA ALA C 243 -35.43 18.72 40.40
C ALA C 243 -35.43 19.11 41.88
N SER C 244 -34.61 18.44 42.68
CA SER C 244 -34.62 18.73 44.11
C SER C 244 -33.23 18.95 44.67
N ILE C 245 -33.19 19.68 45.78
CA ILE C 245 -31.97 19.83 46.55
C ILE C 245 -32.28 19.65 48.02
N GLU C 246 -31.29 19.18 48.77
CA GLU C 246 -31.44 19.00 50.21
C GLU C 246 -30.92 20.24 50.94
N LEU C 247 -31.67 20.69 51.95
CA LEU C 247 -31.25 21.86 52.72
C LEU C 247 -30.36 21.49 53.89
N ASP C 248 -29.40 22.37 54.18
CA ASP C 248 -28.54 22.25 55.35
C ASP C 248 -28.88 23.39 56.31
N PRO C 249 -29.44 23.04 57.49
CA PRO C 249 -29.93 24.05 58.44
C PRO C 249 -28.82 24.94 58.96
N GLN C 250 -27.58 24.45 58.93
CA GLN C 250 -26.43 25.20 59.41
C GLN C 250 -25.89 26.17 58.38
N SER C 251 -26.51 26.20 57.20
CA SER C 251 -26.06 27.02 56.09
C SER C 251 -27.00 28.19 55.79
N SER C 252 -26.41 29.32 55.41
CA SER C 252 -27.17 30.55 55.14
C SER C 252 -27.42 30.76 53.65
N ASN C 253 -27.44 29.67 52.89
CA ASN C 253 -27.65 29.78 51.45
C ASN C 253 -29.07 30.16 51.08
N LEU C 254 -29.19 30.99 50.04
CA LEU C 254 -30.48 31.31 49.45
C LEU C 254 -30.65 30.56 48.14
N TYR C 255 -31.76 29.84 47.99
CA TYR C 255 -31.92 29.00 46.80
C TYR C 255 -32.99 29.52 45.84
N SER C 256 -32.79 29.23 44.56
CA SER C 256 -33.80 29.55 43.56
C SER C 256 -33.83 28.46 42.49
N CYS C 257 -35.02 28.15 42.00
CA CYS C 257 -35.14 27.22 40.89
C CYS C 257 -35.16 27.98 39.58
N HIS C 258 -34.37 27.50 38.62
CA HIS C 258 -34.25 28.10 37.31
C HIS C 258 -34.79 27.12 36.27
N VAL C 259 -35.68 27.59 35.40
CA VAL C 259 -36.24 26.73 34.38
C VAL C 259 -36.12 27.43 33.03
N GLU C 260 -35.60 26.72 32.04
CA GLU C 260 -35.55 27.27 30.71
C GLU C 260 -36.37 26.35 29.82
N HIS C 261 -37.27 26.94 29.05
CA HIS C 261 -38.10 26.15 28.15
C HIS C 261 -38.44 26.98 26.94
N SER C 262 -38.07 26.45 25.77
CA SER C 262 -38.39 27.04 24.47
C SER C 262 -38.11 28.54 24.41
N GLY C 263 -36.89 28.91 24.76
CA GLY C 263 -36.45 30.30 24.67
C GLY C 263 -36.86 31.24 25.80
N VAL C 264 -37.49 30.72 26.84
CA VAL C 264 -37.96 31.55 27.94
C VAL C 264 -37.37 31.05 29.24
N HIS C 265 -36.80 31.96 30.03
CA HIS C 265 -36.22 31.58 31.30
CA HIS C 265 -36.20 31.60 31.30
C HIS C 265 -37.10 32.03 32.45
N MET C 266 -37.06 31.26 33.53
CA MET C 266 -37.94 31.52 34.65
C MET C 266 -37.15 31.31 35.93
N VAL C 267 -37.37 32.15 36.94
CA VAL C 267 -36.72 31.97 38.22
C VAL C 267 -37.75 31.96 39.35
N LEU C 268 -37.67 30.96 40.23
CA LEU C 268 -38.50 30.93 41.42
C LEU C 268 -37.60 31.04 42.64
N GLN C 269 -37.57 32.23 43.23
CA GLN C 269 -36.73 32.49 44.41
C GLN C 269 -37.36 31.91 45.65
N VAL C 270 -36.63 31.04 46.34
CA VAL C 270 -37.03 30.62 47.66
C VAL C 270 -36.17 31.41 48.66
N ILE D 2 -25.61 -8.37 28.82
CA ILE D 2 -26.17 -7.22 29.56
C ILE D 2 -27.65 -7.02 29.37
N GLN D 3 -28.29 -7.29 30.45
CA GLN D 3 -29.72 -7.11 30.69
C GLN D 3 -29.98 -5.97 31.66
N ARG D 4 -30.84 -5.03 31.25
CA ARG D 4 -31.13 -3.84 32.07
C ARG D 4 -32.53 -3.89 32.66
N THR D 5 -32.62 -3.64 33.97
CA THR D 5 -33.88 -3.72 34.70
C THR D 5 -34.72 -2.45 34.48
N PRO D 6 -36.04 -2.59 34.43
CA PRO D 6 -36.92 -1.45 34.19
C PRO D 6 -36.89 -0.41 35.29
N LYS D 7 -36.77 0.86 34.91
CA LYS D 7 -37.09 1.94 35.82
C LYS D 7 -38.61 2.11 35.83
N ILE D 8 -39.18 2.26 37.02
CA ILE D 8 -40.63 2.29 37.18
C ILE D 8 -41.08 3.55 37.90
N GLN D 9 -41.89 4.37 37.25
CA GLN D 9 -42.35 5.62 37.88
C GLN D 9 -43.87 5.76 37.81
N VAL D 10 -44.48 5.97 38.97
CA VAL D 10 -45.92 6.07 39.09
C VAL D 10 -46.30 7.50 39.48
N TYR D 11 -47.25 8.08 38.74
CA TYR D 11 -47.58 9.48 38.91
C TYR D 11 -48.90 9.80 38.23
N SER D 12 -49.61 10.78 38.78
CA SER D 12 -50.86 11.22 38.17
C SER D 12 -50.57 12.20 37.04
N ARG D 13 -51.47 12.26 36.07
CA ARG D 13 -51.31 13.16 34.92
C ARG D 13 -51.30 14.62 35.36
N HIS D 14 -52.32 15.00 36.13
CA HIS D 14 -52.38 16.34 36.71
C HIS D 14 -52.10 16.22 38.20
N PRO D 15 -51.66 17.31 38.84
CA PRO D 15 -51.53 17.28 40.29
C PRO D 15 -52.81 16.79 40.93
N ALA D 16 -52.70 15.80 41.81
CA ALA D 16 -53.87 15.12 42.34
C ALA D 16 -54.58 15.93 43.41
N GLU D 17 -55.90 15.83 43.41
CA GLU D 17 -56.75 16.30 44.49
C GLU D 17 -57.80 15.23 44.71
N ASN D 18 -58.07 14.90 45.97
CA ASN D 18 -59.07 13.89 46.27
C ASN D 18 -60.43 14.34 45.73
N GLY D 19 -61.18 13.40 45.16
CA GLY D 19 -62.47 13.72 44.59
C GLY D 19 -62.43 14.14 43.13
N LYS D 20 -61.29 14.69 42.72
CA LYS D 20 -61.14 15.21 41.35
C LYS D 20 -60.55 14.16 40.41
N SER D 21 -61.26 13.90 39.31
CA SER D 21 -60.85 12.92 38.31
C SER D 21 -59.44 13.20 37.76
N ASN D 22 -58.75 12.15 37.36
CA ASN D 22 -57.37 12.25 36.92
C ASN D 22 -56.95 10.98 36.17
N PHE D 23 -55.69 10.93 35.74
CA PHE D 23 -55.15 9.72 35.10
C PHE D 23 -53.94 9.22 35.87
N LEU D 24 -53.89 7.92 36.10
CA LEU D 24 -52.74 7.33 36.79
C LEU D 24 -51.79 6.74 35.78
N ASN D 25 -50.55 7.22 35.81
CA ASN D 25 -49.51 6.77 34.88
C ASN D 25 -48.51 5.84 35.54
N CYS D 26 -48.12 4.79 34.82
CA CYS D 26 -46.94 4.02 35.17
C CYS D 26 -45.97 4.06 33.97
N TYR D 27 -44.84 4.71 34.16
CA TYR D 27 -43.88 4.86 33.07
C TYR D 27 -42.75 3.88 33.30
N VAL D 28 -42.61 2.95 32.37
CA VAL D 28 -41.62 1.88 32.49
C VAL D 28 -40.57 2.08 31.42
N SER D 29 -39.33 2.31 31.82
CA SER D 29 -38.31 2.71 30.87
C SER D 29 -36.94 2.12 31.19
N GLY D 30 -36.04 2.21 30.21
CA GLY D 30 -34.65 1.82 30.37
C GLY D 30 -34.38 0.33 30.40
N PHE D 31 -35.37 -0.48 30.01
CA PHE D 31 -35.18 -1.94 30.09
C PHE D 31 -34.75 -2.55 28.77
N HIS D 32 -34.15 -3.73 28.88
CA HIS D 32 -33.69 -4.51 27.73
C HIS D 32 -33.47 -5.94 28.20
N PRO D 33 -33.98 -6.94 27.46
CA PRO D 33 -34.74 -6.90 26.20
C PRO D 33 -36.19 -6.46 26.37
N SER D 34 -36.99 -6.54 25.31
CA SER D 34 -38.23 -5.77 25.24
C SER D 34 -39.46 -6.38 25.91
N ASP D 35 -39.46 -7.69 26.17
CA ASP D 35 -40.62 -8.34 26.80
C ASP D 35 -40.81 -7.84 28.22
N ILE D 36 -42.04 -7.46 28.55
CA ILE D 36 -42.33 -6.91 29.85
C ILE D 36 -43.83 -7.00 30.12
N GLU D 37 -44.20 -7.11 31.39
CA GLU D 37 -45.60 -7.22 31.76
C GLU D 37 -45.91 -6.16 32.81
N VAL D 38 -46.90 -5.32 32.54
CA VAL D 38 -47.16 -4.21 33.43
C VAL D 38 -48.55 -4.26 34.05
N ASP D 39 -48.58 -4.13 35.38
CA ASP D 39 -49.82 -4.15 36.12
C ASP D 39 -50.09 -2.86 36.88
N LEU D 40 -51.30 -2.33 36.75
CA LEU D 40 -51.79 -1.27 37.62
C LEU D 40 -52.69 -1.89 38.68
N LEU D 41 -52.45 -1.53 39.95
CA LEU D 41 -53.17 -2.15 41.05
C LEU D 41 -53.99 -1.15 41.86
N LYS D 42 -55.25 -1.51 42.09
CA LYS D 42 -56.15 -0.74 42.95
C LYS D 42 -56.38 -1.51 44.25
N ASN D 43 -55.87 -0.96 45.35
CA ASN D 43 -55.93 -1.62 46.66
C ASN D 43 -55.31 -3.02 46.61
N GLY D 44 -54.28 -3.18 45.80
CA GLY D 44 -53.60 -4.46 45.66
C GLY D 44 -54.18 -5.34 44.58
N GLU D 45 -55.36 -4.96 44.08
CA GLU D 45 -56.06 -5.76 43.09
C GLU D 45 -55.90 -5.15 41.71
N ARG D 46 -55.84 -5.99 40.68
CA ARG D 46 -55.48 -5.54 39.34
C ARG D 46 -56.63 -4.84 38.61
N ILE D 47 -56.32 -3.67 38.07
CA ILE D 47 -57.20 -2.98 37.14
C ILE D 47 -56.89 -3.49 35.74
N GLU D 48 -57.90 -3.71 34.93
CA GLU D 48 -57.64 -4.07 33.52
C GLU D 48 -58.41 -3.21 32.53
N LYS D 49 -59.02 -2.14 33.02
CA LYS D 49 -59.37 -1.04 32.15
C LYS D 49 -58.14 -0.13 32.07
N VAL D 50 -57.02 -0.71 31.69
CA VAL D 50 -55.74 -0.02 31.62
C VAL D 50 -55.27 0.04 30.17
N GLU D 51 -54.90 1.23 29.70
CA GLU D 51 -54.36 1.41 28.37
C GLU D 51 -52.83 1.47 28.43
N HIS D 52 -52.19 1.36 27.27
CA HIS D 52 -50.73 1.54 27.21
C HIS D 52 -50.28 1.93 25.81
N SER D 53 -49.17 2.67 25.74
CA SER D 53 -48.59 3.07 24.47
C SER D 53 -47.89 1.88 23.82
N ASP D 54 -47.58 2.00 22.54
CA ASP D 54 -46.81 0.95 21.88
C ASP D 54 -45.41 0.90 22.50
N LEU D 55 -44.74 -0.24 22.36
CA LEU D 55 -43.35 -0.35 22.76
C LEU D 55 -42.54 0.75 22.07
N SER D 56 -41.76 1.50 22.83
CA SER D 56 -41.01 2.63 22.30
C SER D 56 -39.49 2.42 22.42
N PHE D 57 -38.75 3.04 21.51
CA PHE D 57 -37.30 2.83 21.40
C PHE D 57 -36.51 4.06 21.82
N SER D 58 -35.55 3.88 22.74
CA SER D 58 -34.64 4.97 23.12
C SER D 58 -33.32 4.87 22.36
N LYS D 59 -32.59 5.98 22.28
CA LYS D 59 -31.30 6.04 21.58
C LYS D 59 -30.27 5.09 22.19
N ASP D 60 -30.39 4.81 23.48
CA ASP D 60 -29.39 4.01 24.17
C ASP D 60 -29.71 2.52 24.04
N TRP D 61 -30.64 2.23 23.12
CA TRP D 61 -31.10 0.89 22.73
C TRP D 61 -32.09 0.27 23.71
N SER D 62 -32.36 0.94 24.83
CA SER D 62 -33.36 0.44 25.76
C SER D 62 -34.79 0.75 25.26
N PHE D 63 -35.78 0.28 26.01
CA PHE D 63 -37.19 0.43 25.65
C PHE D 63 -37.98 1.17 26.73
N TYR D 64 -39.12 1.74 26.36
CA TYR D 64 -40.01 2.35 27.34
C TYR D 64 -41.47 2.25 26.90
N LEU D 65 -42.37 2.31 27.88
CA LEU D 65 -43.82 2.30 27.66
C LEU D 65 -44.52 3.16 28.71
N LEU D 66 -45.71 3.66 28.36
CA LEU D 66 -46.56 4.32 29.33
C LEU D 66 -47.85 3.53 29.50
N TYR D 67 -48.09 3.03 30.70
CA TYR D 67 -49.36 2.40 31.04
C TYR D 67 -50.21 3.38 31.85
N TYR D 68 -51.51 3.44 31.56
CA TYR D 68 -52.34 4.46 32.20
C TYR D 68 -53.81 4.11 32.31
N THR D 69 -54.46 4.72 33.30
CA THR D 69 -55.90 4.56 33.46
C THR D 69 -56.53 5.77 34.14
N GLU D 70 -57.78 6.01 33.80
CA GLU D 70 -58.53 7.10 34.42
C GLU D 70 -58.95 6.64 35.79
N PHE D 71 -59.00 7.58 36.75
CA PHE D 71 -59.37 7.25 38.12
C PHE D 71 -59.72 8.52 38.89
N THR D 72 -60.43 8.35 40.00
CA THR D 72 -60.71 9.44 40.93
C THR D 72 -60.06 9.14 42.27
N PRO D 73 -58.90 9.75 42.53
CA PRO D 73 -58.11 9.48 43.74
C PRO D 73 -58.86 9.81 45.03
N THR D 74 -58.72 8.94 46.03
CA THR D 74 -59.35 9.16 47.32
C THR D 74 -58.33 8.94 48.45
N GLU D 75 -58.68 9.39 49.66
CA GLU D 75 -57.80 9.21 50.81
C GLU D 75 -57.60 7.74 51.13
N LYS D 76 -58.67 6.97 51.01
CA LYS D 76 -58.66 5.54 51.35
C LYS D 76 -57.87 4.72 50.33
N ASP D 77 -58.17 4.94 49.04
CA ASP D 77 -57.63 4.11 47.97
C ASP D 77 -56.11 4.21 47.80
N GLU D 78 -55.47 3.06 47.67
CA GLU D 78 -54.03 2.99 47.42
C GLU D 78 -53.78 2.44 46.01
N TYR D 79 -52.81 3.01 45.32
CA TYR D 79 -52.52 2.63 43.93
C TYR D 79 -51.08 2.18 43.75
N ALA D 80 -50.89 1.17 42.89
CA ALA D 80 -49.55 0.61 42.68
C ALA D 80 -49.32 0.22 41.22
N CYS D 81 -48.06 0.09 40.83
CA CYS D 81 -47.71 -0.47 39.53
C CYS D 81 -46.89 -1.73 39.73
N ARG D 82 -47.31 -2.83 39.09
CA ARG D 82 -46.62 -4.11 39.22
C ARG D 82 -45.99 -4.50 37.88
N VAL D 83 -44.70 -4.78 37.90
CA VAL D 83 -43.96 -5.01 36.67
C VAL D 83 -43.16 -6.31 36.73
N ASN D 84 -43.25 -7.12 35.68
CA ASN D 84 -42.39 -8.29 35.56
C ASN D 84 -41.43 -8.15 34.37
N HIS D 85 -40.26 -8.75 34.48
CA HIS D 85 -39.20 -8.64 33.46
C HIS D 85 -38.17 -9.72 33.74
N VAL D 86 -37.44 -10.13 32.70
CA VAL D 86 -36.47 -11.21 32.86
C VAL D 86 -35.38 -10.84 33.88
N THR D 87 -35.12 -9.54 34.01
CA THR D 87 -34.18 -9.05 35.02
C THR D 87 -34.75 -9.16 36.44
N LEU D 88 -36.04 -9.51 36.55
CA LEU D 88 -36.71 -9.56 37.83
C LEU D 88 -37.07 -10.99 38.26
N SER D 89 -36.72 -11.31 39.51
CA SER D 89 -37.03 -12.62 40.09
C SER D 89 -38.49 -12.66 40.51
N GLN D 90 -38.90 -11.63 41.23
CA GLN D 90 -40.29 -11.48 41.63
C GLN D 90 -40.84 -10.20 40.99
N PRO D 91 -42.15 -10.20 40.70
CA PRO D 91 -42.82 -8.99 40.22
C PRO D 91 -42.56 -7.81 41.14
N LYS D 92 -42.11 -6.69 40.60
CA LYS D 92 -41.78 -5.53 41.41
C LYS D 92 -42.97 -4.59 41.56
N ILE D 93 -43.22 -4.16 42.78
CA ILE D 93 -44.38 -3.31 43.07
C ILE D 93 -43.94 -1.90 43.44
N VAL D 94 -44.43 -0.91 42.70
CA VAL D 94 -44.16 0.48 42.99
C VAL D 94 -45.47 1.20 43.28
N LYS D 95 -45.63 1.67 44.51
CA LYS D 95 -46.86 2.32 44.93
C LYS D 95 -46.90 3.78 44.49
N TRP D 96 -48.10 4.26 44.12
CA TRP D 96 -48.28 5.67 43.80
C TRP D 96 -48.13 6.50 45.06
N ASP D 97 -47.29 7.52 44.99
CA ASP D 97 -47.02 8.33 46.17
C ASP D 97 -47.43 9.77 45.94
N ARG D 98 -48.36 10.26 46.76
CA ARG D 98 -48.77 11.65 46.69
C ARG D 98 -47.75 12.54 47.42
N ASP D 99 -46.53 12.56 46.90
CA ASP D 99 -45.45 13.37 47.45
C ASP D 99 -44.58 13.97 46.34
N GLY E 2 42.21 -16.18 14.13
CA GLY E 2 41.42 -14.99 13.89
C GLY E 2 41.34 -14.67 12.41
N GLN E 3 41.28 -13.37 12.10
CA GLN E 3 41.10 -12.94 10.71
C GLN E 3 42.41 -12.52 10.09
N ASN E 4 42.55 -12.78 8.79
CA ASN E 4 43.83 -12.62 8.15
C ASN E 4 43.71 -12.22 6.67
N ILE E 5 44.50 -11.25 6.25
CA ILE E 5 44.52 -10.84 4.85
C ILE E 5 45.98 -10.84 4.43
N ASP E 6 46.29 -11.56 3.35
CA ASP E 6 47.68 -11.74 2.94
C ASP E 6 47.93 -11.35 1.50
N GLN E 7 49.02 -10.61 1.29
CA GLN E 7 49.45 -10.22 -0.05
C GLN E 7 50.97 -10.19 -0.01
N PRO E 8 51.61 -10.51 -1.13
CA PRO E 8 53.08 -10.53 -1.11
C PRO E 8 53.69 -9.17 -0.76
N THR E 9 54.83 -9.21 -0.09
CA THR E 9 55.50 -7.99 0.32
C THR E 9 55.90 -7.17 -0.89
N GLU E 10 56.42 -7.86 -1.90
CA GLU E 10 57.00 -7.16 -3.04
C GLU E 10 56.87 -7.98 -4.33
N MET E 11 56.63 -7.29 -5.44
CA MET E 11 56.72 -7.93 -6.74
C MET E 11 57.51 -7.07 -7.73
N THR E 12 58.17 -7.73 -8.67
CA THR E 12 58.92 -7.03 -9.67
C THR E 12 58.55 -7.59 -11.04
N ALA E 13 58.18 -6.72 -11.98
CA ALA E 13 57.91 -7.14 -13.35
C ALA E 13 58.52 -6.14 -14.33
N THR E 14 58.54 -6.50 -15.61
CA THR E 14 59.18 -5.68 -16.63
C THR E 14 58.20 -4.72 -17.26
N GLU E 15 58.68 -3.52 -17.54
CA GLU E 15 57.94 -2.52 -18.28
C GLU E 15 57.35 -3.09 -19.58
N GLY E 16 56.08 -2.78 -19.82
CA GLY E 16 55.39 -3.24 -21.01
C GLY E 16 54.66 -4.54 -20.77
N ALA E 17 54.97 -5.20 -19.65
CA ALA E 17 54.41 -6.52 -19.43
C ALA E 17 53.20 -6.45 -18.52
N ILE E 18 52.87 -7.59 -17.93
CA ILE E 18 51.67 -7.75 -17.13
C ILE E 18 52.04 -8.24 -15.74
N VAL E 19 51.37 -7.74 -14.72
CA VAL E 19 51.55 -8.33 -13.39
C VAL E 19 50.20 -8.52 -12.71
N GLN E 20 50.12 -9.57 -11.90
CA GLN E 20 48.90 -9.89 -11.18
C GLN E 20 49.22 -9.93 -9.69
N ILE E 21 48.58 -9.06 -8.92
CA ILE E 21 48.88 -8.99 -7.50
C ILE E 21 47.79 -9.69 -6.72
N ASN E 22 48.15 -10.77 -6.04
CA ASN E 22 47.17 -11.56 -5.31
C ASN E 22 46.90 -11.07 -3.89
N CYS E 23 45.67 -11.23 -3.46
CA CYS E 23 45.28 -10.99 -2.08
C CYS E 23 44.34 -12.10 -1.60
N THR E 24 44.77 -12.85 -0.61
CA THR E 24 43.93 -13.91 -0.08
C THR E 24 43.45 -13.47 1.28
N TYR E 25 42.27 -13.92 1.65
CA TYR E 25 41.68 -13.49 2.91
C TYR E 25 40.99 -14.65 3.62
N GLN E 26 41.17 -14.67 4.93
CA GLN E 26 40.47 -15.59 5.82
C GLN E 26 39.73 -14.73 6.83
N THR E 27 38.42 -14.63 6.68
CA THR E 27 37.58 -13.80 7.54
C THR E 27 36.33 -14.58 7.92
N SER E 28 35.65 -14.17 8.98
CA SER E 28 34.42 -14.88 9.38
C SER E 28 33.37 -14.72 8.30
N GLY E 29 33.13 -13.47 7.92
CA GLY E 29 32.23 -13.16 6.83
C GLY E 29 32.87 -12.21 5.86
N PHE E 30 32.08 -11.75 4.89
CA PHE E 30 32.62 -11.07 3.73
C PHE E 30 31.62 -10.11 3.13
N ASN E 31 32.00 -8.84 3.05
CA ASN E 31 31.16 -7.82 2.45
C ASN E 31 31.88 -7.02 1.39
N GLY E 32 32.96 -7.58 0.85
CA GLY E 32 33.60 -6.95 -0.31
C GLY E 32 35.10 -6.76 -0.11
N LEU E 33 35.79 -6.52 -1.21
CA LEU E 33 37.24 -6.38 -1.19
C LEU E 33 37.63 -5.17 -2.01
N PHE E 34 38.43 -4.30 -1.40
CA PHE E 34 38.93 -3.08 -2.00
C PHE E 34 40.41 -3.18 -2.40
N TRP E 35 40.79 -2.55 -3.51
CA TRP E 35 42.19 -2.30 -3.82
C TRP E 35 42.46 -0.79 -3.78
N TYR E 36 43.58 -0.40 -3.18
CA TYR E 36 44.02 1.01 -3.15
C TYR E 36 45.43 1.10 -3.71
N GLN E 37 45.74 2.20 -4.38
CA GLN E 37 47.12 2.44 -4.82
C GLN E 37 47.74 3.49 -3.90
N GLN E 38 48.99 3.27 -3.52
CA GLN E 38 49.70 4.24 -2.70
C GLN E 38 51.13 4.43 -3.20
N HIS E 39 51.37 5.56 -3.85
CA HIS E 39 52.73 5.94 -4.25
C HIS E 39 53.51 6.31 -3.02
N ALA E 40 54.83 6.10 -3.07
CA ALA E 40 55.71 6.34 -1.94
C ALA E 40 55.59 7.79 -1.47
N GLY E 41 55.34 7.95 -0.18
CA GLY E 41 55.21 9.28 0.41
C GLY E 41 53.90 9.98 0.08
N GLU E 42 52.95 9.23 -0.50
CA GLU E 42 51.65 9.80 -0.86
C GLU E 42 50.52 9.09 -0.13
N ALA E 43 49.31 9.61 -0.28
CA ALA E 43 48.14 9.01 0.33
C ALA E 43 47.58 7.92 -0.56
N PRO E 44 46.99 6.88 0.05
CA PRO E 44 46.35 5.84 -0.78
C PRO E 44 45.16 6.40 -1.55
N THR E 45 44.88 5.86 -2.74
CA THR E 45 43.73 6.28 -3.51
C THR E 45 42.95 5.05 -3.99
N PHE E 46 41.62 5.15 -3.99
CA PHE E 46 40.74 4.05 -4.38
C PHE E 46 40.98 3.59 -5.82
N LEU E 47 41.08 2.27 -6.02
CA LEU E 47 41.12 1.68 -7.37
C LEU E 47 39.88 0.87 -7.69
N SER E 48 39.46 0.01 -6.76
CA SER E 48 38.47 -1.00 -7.13
C SER E 48 37.73 -1.60 -5.95
N TYR E 49 36.53 -2.13 -6.23
CA TYR E 49 35.76 -2.87 -5.25
C TYR E 49 35.09 -4.06 -5.92
N ASN E 50 35.26 -5.25 -5.34
CA ASN E 50 34.52 -6.44 -5.79
C ASN E 50 33.79 -7.04 -4.61
N VAL E 51 32.59 -7.61 -4.84
CA VAL E 51 31.92 -8.35 -3.78
C VAL E 51 31.29 -9.64 -4.35
N LEU E 52 30.95 -9.65 -5.64
CA LEU E 52 30.52 -10.88 -6.30
C LEU E 52 31.62 -11.43 -7.21
N ASP E 53 31.41 -12.63 -7.74
CA ASP E 53 32.48 -13.29 -8.47
C ASP E 53 32.66 -12.74 -9.88
N GLY E 54 33.91 -12.49 -10.25
CA GLY E 54 34.18 -12.00 -11.59
C GLY E 54 35.33 -11.02 -11.67
N LEU E 55 35.47 -10.42 -12.85
CA LEU E 55 36.55 -9.53 -13.18
C LEU E 55 35.97 -8.21 -13.66
N GLU E 56 36.46 -7.11 -13.11
CA GLU E 56 35.96 -5.80 -13.43
C GLU E 56 37.11 -4.97 -13.97
N GLU E 57 36.92 -4.35 -15.12
CA GLU E 57 38.00 -3.65 -15.80
C GLU E 57 37.88 -2.14 -15.69
N LYS E 58 38.98 -1.47 -15.35
CA LYS E 58 39.05 -0.01 -15.37
C LYS E 58 40.40 0.43 -15.93
N GLY E 59 40.39 0.82 -17.20
CA GLY E 59 41.62 1.15 -17.90
C GLY E 59 42.54 -0.05 -18.00
N ARG E 60 43.80 0.15 -17.63
CA ARG E 60 44.79 -0.93 -17.66
C ARG E 60 44.66 -1.81 -16.42
N PHE E 61 43.79 -1.41 -15.50
CA PHE E 61 43.65 -2.15 -14.24
C PHE E 61 42.38 -3.00 -14.19
N SER E 62 42.54 -4.26 -13.83
CA SER E 62 41.42 -5.17 -13.63
C SER E 62 41.45 -5.76 -12.23
N SER E 63 40.29 -5.94 -11.62
CA SER E 63 40.25 -6.58 -10.32
C SER E 63 39.28 -7.75 -10.34
N PHE E 64 39.78 -8.89 -9.87
CA PHE E 64 39.08 -10.17 -9.94
C PHE E 64 38.76 -10.63 -8.54
N LEU E 65 37.66 -11.36 -8.39
CA LEU E 65 37.31 -11.93 -7.10
C LEU E 65 36.79 -13.35 -7.27
N SER E 66 37.28 -14.25 -6.44
CA SER E 66 36.63 -15.53 -6.29
C SER E 66 36.24 -15.71 -4.82
N ARG E 67 34.94 -15.73 -4.56
CA ARG E 67 34.44 -15.84 -3.20
C ARG E 67 34.69 -17.23 -2.63
N SER E 68 34.53 -18.27 -3.44
CA SER E 68 34.73 -19.62 -2.93
C SER E 68 36.23 -19.88 -2.64
N LYS E 69 37.12 -19.35 -3.47
CA LYS E 69 38.55 -19.55 -3.24
C LYS E 69 39.14 -18.51 -2.29
N GLY E 70 38.35 -17.52 -1.89
CA GLY E 70 38.79 -16.50 -0.98
C GLY E 70 40.03 -15.73 -1.43
N TYR E 71 40.03 -15.25 -2.67
CA TYR E 71 41.12 -14.39 -3.11
C TYR E 71 40.70 -13.44 -4.21
N SER E 72 41.44 -12.34 -4.31
CA SER E 72 41.26 -11.36 -5.34
C SER E 72 42.59 -11.16 -6.01
N TYR E 73 42.60 -10.68 -7.25
CA TYR E 73 43.85 -10.16 -7.76
C TYR E 73 43.59 -8.83 -8.43
N LEU E 74 44.62 -7.99 -8.38
CA LEU E 74 44.67 -6.76 -9.15
C LEU E 74 45.61 -7.02 -10.32
N LEU E 75 45.08 -6.81 -11.51
CA LEU E 75 45.81 -7.05 -12.75
C LEU E 75 46.17 -5.73 -13.40
N LEU E 76 47.47 -5.50 -13.61
CA LEU E 76 47.94 -4.33 -14.35
C LEU E 76 48.49 -4.78 -15.70
N LYS E 77 47.93 -4.25 -16.79
CA LYS E 77 48.44 -4.57 -18.12
C LYS E 77 49.29 -3.42 -18.68
N GLU E 78 50.16 -3.75 -19.63
CA GLU E 78 51.03 -2.78 -20.29
C GLU E 78 51.74 -1.88 -19.26
N LEU E 79 52.47 -2.51 -18.36
CA LEU E 79 53.12 -1.80 -17.26
C LEU E 79 53.92 -0.57 -17.67
N GLN E 80 53.78 0.49 -16.89
CA GLN E 80 54.56 1.71 -17.09
C GLN E 80 55.35 1.98 -15.80
N MET E 81 56.42 2.77 -15.89
CA MET E 81 57.25 3.05 -14.71
C MET E 81 56.42 3.70 -13.61
N LYS E 82 55.46 4.54 -14.00
CA LYS E 82 54.61 5.24 -13.04
C LYS E 82 53.71 4.29 -12.26
N ASP E 83 53.62 3.03 -12.69
CA ASP E 83 52.84 2.05 -11.95
C ASP E 83 53.58 1.60 -10.70
N SER E 84 54.85 2.00 -10.58
CA SER E 84 55.61 1.70 -9.35
C SER E 84 54.92 2.35 -8.18
N ALA E 85 54.52 1.54 -7.21
CA ALA E 85 53.75 2.01 -6.06
C ALA E 85 53.49 0.81 -5.15
N SER E 86 52.90 1.05 -3.98
CA SER E 86 52.36 -0.05 -3.19
C SER E 86 50.89 -0.21 -3.52
N TYR E 87 50.40 -1.44 -3.46
CA TYR E 87 49.01 -1.71 -3.74
C TYR E 87 48.45 -2.39 -2.51
N LEU E 88 47.40 -1.79 -1.94
CA LEU E 88 46.83 -2.24 -0.67
C LEU E 88 45.53 -2.96 -0.91
N CYS E 89 45.42 -4.14 -0.32
CA CYS E 89 44.22 -4.94 -0.36
C CYS E 89 43.48 -4.72 0.96
N ALA E 90 42.15 -4.56 0.93
CA ALA E 90 41.39 -4.42 2.18
C ALA E 90 40.04 -5.12 2.10
N VAL E 91 39.74 -5.96 3.09
CA VAL E 91 38.49 -6.72 3.10
C VAL E 91 37.50 -6.23 4.17
N MET E 92 36.25 -6.07 3.77
CA MET E 92 35.21 -5.70 4.71
C MET E 92 34.64 -6.97 5.35
N ASP E 93 34.74 -7.10 6.67
CA ASP E 93 34.32 -8.36 7.32
C ASP E 93 32.83 -8.35 7.64
N SER E 94 32.40 -9.33 8.44
N SER E 94 32.38 -9.34 8.42
CA SER E 94 30.98 -9.54 8.77
CA SER E 94 30.97 -9.50 8.75
C SER E 94 30.35 -8.36 9.52
C SER E 94 30.37 -8.26 9.39
N ASN E 95 31.18 -7.56 10.19
CA ASN E 95 30.70 -6.40 10.92
C ASN E 95 31.05 -5.10 10.20
N TYR E 96 31.25 -5.24 8.89
CA TYR E 96 31.48 -4.14 7.95
C TYR E 96 32.72 -3.33 8.29
N GLN E 97 33.68 -3.94 8.98
CA GLN E 97 34.94 -3.28 9.27
C GLN E 97 36.03 -3.65 8.25
N LEU E 98 36.83 -2.68 7.83
CA LEU E 98 37.95 -3.03 6.95
C LEU E 98 39.13 -3.67 7.64
N ILE E 99 39.59 -4.78 7.08
CA ILE E 99 40.84 -5.37 7.51
C ILE E 99 41.86 -5.20 6.39
N TRP E 100 42.96 -4.51 6.70
CA TRP E 100 43.95 -4.15 5.69
C TRP E 100 45.10 -5.15 5.56
N GLY E 101 45.43 -5.52 4.31
CA GLY E 101 46.66 -6.22 4.03
C GLY E 101 47.84 -5.29 4.20
N ALA E 102 49.04 -5.88 4.33
CA ALA E 102 50.26 -5.12 4.65
C ALA E 102 50.83 -4.42 3.42
N GLY E 103 50.20 -4.66 2.27
CA GLY E 103 50.60 -3.99 1.05
C GLY E 103 51.63 -4.74 0.24
N THR E 104 51.55 -4.54 -1.08
CA THR E 104 52.50 -5.08 -2.03
C THR E 104 53.20 -3.94 -2.78
N LYS E 105 54.50 -3.86 -2.59
CA LYS E 105 55.32 -2.92 -3.32
C LYS E 105 55.62 -3.50 -4.72
N LEU E 106 55.18 -2.78 -5.75
CA LEU E 106 55.44 -3.19 -7.13
C LEU E 106 56.64 -2.45 -7.70
N ILE E 107 57.66 -3.20 -8.06
CA ILE E 107 58.87 -2.66 -8.68
C ILE E 107 58.84 -2.98 -10.19
N ILE E 108 59.20 -2.01 -11.02
CA ILE E 108 59.11 -2.23 -12.45
C ILE E 108 60.45 -1.99 -13.11
N LYS E 109 60.95 -3.03 -13.78
CA LYS E 109 62.21 -2.94 -14.52
C LYS E 109 61.98 -2.26 -15.86
N PRO E 110 62.72 -1.18 -16.12
CA PRO E 110 62.70 -0.57 -17.45
C PRO E 110 63.30 -1.51 -18.49
N ASP E 111 62.84 -1.37 -19.73
CA ASP E 111 63.45 -2.03 -20.86
C ASP E 111 64.62 -1.18 -21.36
N ILE E 112 65.84 -1.64 -21.13
CA ILE E 112 67.02 -0.87 -21.55
C ILE E 112 67.45 -1.29 -22.95
N GLN E 113 67.22 -0.39 -23.89
CA GLN E 113 67.48 -0.64 -25.30
C GLN E 113 68.96 -0.84 -25.58
N ASN E 114 69.79 0.04 -25.04
CA ASN E 114 71.21 0.00 -25.33
C ASN E 114 72.08 0.10 -24.09
N PRO E 115 72.28 -1.03 -23.40
CA PRO E 115 73.08 -1.05 -22.17
C PRO E 115 74.50 -0.59 -22.43
N ASP E 116 75.02 0.28 -21.56
CA ASP E 116 76.41 0.69 -21.66
C ASP E 116 76.99 0.80 -20.25
N PRO E 117 77.04 -0.33 -19.52
CA PRO E 117 77.45 -0.32 -18.11
C PRO E 117 78.81 0.37 -17.86
N ALA E 118 78.82 1.26 -16.89
CA ALA E 118 80.03 1.98 -16.52
C ALA E 118 79.99 2.41 -15.06
N VAL E 119 81.14 2.76 -14.52
CA VAL E 119 81.26 3.31 -13.18
C VAL E 119 82.09 4.58 -13.23
N TYR E 120 81.44 5.74 -13.08
CA TYR E 120 82.16 7.01 -13.17
C TYR E 120 82.43 7.63 -11.81
N GLN E 121 83.42 8.50 -11.76
CA GLN E 121 83.73 9.24 -10.56
C GLN E 121 83.32 10.69 -10.75
N LEU E 122 82.59 11.22 -9.78
CA LEU E 122 82.18 12.61 -9.81
C LEU E 122 82.84 13.36 -8.67
N ARG E 123 83.16 14.63 -8.89
CA ARG E 123 83.75 15.42 -7.81
C ARG E 123 82.85 16.55 -7.38
N ASP E 124 82.99 16.94 -6.11
CA ASP E 124 82.21 18.01 -5.52
C ASP E 124 82.44 19.31 -6.27
N SER E 125 81.34 19.98 -6.64
CA SER E 125 81.40 21.28 -7.29
C SER E 125 82.13 22.32 -6.42
N LYS E 126 82.01 22.18 -5.11
CA LYS E 126 82.65 23.11 -4.18
C LYS E 126 83.73 22.42 -3.35
N SER E 127 85.00 22.65 -3.71
CA SER E 127 86.11 22.03 -2.98
C SER E 127 85.84 20.50 -3.05
N SER E 128 86.18 19.62 -2.08
CA SER E 128 87.27 19.63 -1.11
C SER E 128 87.74 18.19 -1.00
N ASP E 129 88.03 17.59 -2.16
CA ASP E 129 88.43 16.19 -2.27
C ASP E 129 87.31 15.18 -1.97
N LYS E 130 86.06 15.64 -1.93
CA LYS E 130 84.92 14.72 -1.83
C LYS E 130 84.62 14.11 -3.19
N SER E 131 84.31 12.81 -3.20
CA SER E 131 84.01 12.13 -4.46
C SER E 131 82.91 11.07 -4.32
N VAL E 132 82.13 10.95 -5.38
CA VAL E 132 81.00 10.03 -5.43
C VAL E 132 81.23 9.08 -6.61
N CYS E 133 80.76 7.84 -6.50
CA CYS E 133 80.85 6.88 -7.59
C CYS E 133 79.49 6.62 -8.22
N LEU E 134 79.42 6.71 -9.54
CA LEU E 134 78.16 6.47 -10.26
C LEU E 134 78.23 5.21 -11.13
N PHE E 135 77.53 4.17 -10.71
CA PHE E 135 77.31 2.96 -11.49
C PHE E 135 76.07 3.19 -12.33
N THR E 136 76.21 3.23 -13.66
CA THR E 136 75.07 3.62 -14.49
C THR E 136 74.99 2.87 -15.81
N ASP E 137 73.79 2.90 -16.39
CA ASP E 137 73.54 2.47 -17.76
C ASP E 137 73.64 0.95 -17.93
N PHE E 138 73.53 0.21 -16.84
CA PHE E 138 73.47 -1.24 -16.90
C PHE E 138 72.04 -1.71 -17.21
N ASP E 139 71.91 -2.96 -17.62
CA ASP E 139 70.62 -3.56 -17.94
C ASP E 139 69.85 -3.86 -16.66
N SER E 140 68.53 -3.91 -16.76
CA SER E 140 67.67 -4.01 -15.57
C SER E 140 67.74 -5.35 -14.84
N GLN E 141 68.45 -6.33 -15.39
CA GLN E 141 68.61 -7.61 -14.70
C GLN E 141 69.75 -7.56 -13.70
N THR E 142 70.50 -6.48 -13.72
CA THR E 142 71.58 -6.26 -12.77
C THR E 142 71.06 -5.80 -11.41
N ASN E 143 71.46 -6.50 -10.35
CA ASN E 143 71.09 -6.10 -8.99
C ASN E 143 72.25 -5.40 -8.29
N VAL E 144 71.95 -4.34 -7.56
CA VAL E 144 72.98 -3.65 -6.78
C VAL E 144 72.92 -4.09 -5.34
N SER E 145 73.97 -4.77 -4.89
CA SER E 145 74.01 -5.25 -3.51
C SER E 145 74.48 -4.17 -2.54
N GLN E 146 74.20 -4.38 -1.27
CA GLN E 146 74.42 -3.36 -0.25
C GLN E 146 75.87 -3.31 0.22
N SER E 147 76.22 -2.19 0.84
CA SER E 147 77.57 -1.97 1.36
C SER E 147 77.95 -2.91 2.51
N LYS E 148 79.18 -3.40 2.46
CA LYS E 148 79.70 -4.27 3.51
C LYS E 148 80.36 -3.46 4.63
N ASP E 149 80.79 -2.24 4.33
CA ASP E 149 81.44 -1.38 5.32
C ASP E 149 80.51 -0.29 5.81
N SER E 150 80.46 -0.12 7.13
CA SER E 150 79.53 0.81 7.77
C SER E 150 79.84 2.28 7.48
N ASP E 151 81.01 2.54 6.89
CA ASP E 151 81.36 3.90 6.47
C ASP E 151 81.30 4.03 4.95
N VAL E 152 80.77 3.01 4.29
CA VAL E 152 80.54 3.04 2.85
C VAL E 152 79.04 2.93 2.58
N TYR E 153 78.55 3.77 1.69
CA TYR E 153 77.11 3.83 1.47
C TYR E 153 76.78 3.52 0.02
N ILE E 154 75.82 2.63 -0.17
CA ILE E 154 75.38 2.29 -1.50
C ILE E 154 73.87 2.41 -1.59
N THR E 155 73.47 3.11 -2.64
CA THR E 155 72.11 3.46 -2.96
C THR E 155 71.43 2.28 -3.70
N ASP E 156 70.10 2.15 -3.60
CA ASP E 156 69.41 1.17 -4.45
C ASP E 156 69.38 1.73 -5.88
N LYS E 157 69.11 0.89 -6.88
CA LYS E 157 69.09 1.43 -8.23
C LYS E 157 67.85 2.30 -8.44
N CYS E 158 68.01 3.28 -9.31
CA CYS E 158 67.01 4.31 -9.56
C CYS E 158 66.93 4.47 -11.07
N VAL E 159 65.72 4.58 -11.61
CA VAL E 159 65.55 4.76 -13.05
C VAL E 159 65.23 6.22 -13.37
N LEU E 160 66.02 6.86 -14.21
CA LEU E 160 65.67 8.21 -14.67
C LEU E 160 65.21 8.12 -16.11
N ASP E 161 64.34 9.06 -16.46
CA ASP E 161 63.68 9.07 -17.76
C ASP E 161 63.94 10.43 -18.41
N MET E 162 64.81 10.45 -19.40
CA MET E 162 65.01 11.67 -20.18
C MET E 162 63.95 11.69 -21.29
N ARG E 163 62.80 12.29 -20.96
CA ARG E 163 61.58 12.21 -21.77
C ARG E 163 61.72 12.63 -23.23
N SER E 164 62.34 13.77 -23.46
CA SER E 164 62.46 14.30 -24.82
C SER E 164 63.31 13.42 -25.71
N MET E 165 64.25 12.68 -25.11
CA MET E 165 65.14 11.81 -25.89
C MET E 165 64.65 10.36 -25.92
N ASP E 166 63.53 10.09 -25.25
CA ASP E 166 62.98 8.74 -25.12
C ASP E 166 64.07 7.79 -24.61
N PHE E 167 64.73 8.20 -23.52
CA PHE E 167 65.87 7.47 -22.98
C PHE E 167 65.76 7.29 -21.47
N LYS E 168 65.78 6.03 -21.05
CA LYS E 168 65.78 5.68 -19.64
C LYS E 168 67.12 5.03 -19.29
N SER E 169 67.56 5.23 -18.05
CA SER E 169 68.77 4.55 -17.60
C SER E 169 68.71 4.24 -16.10
N ASN E 170 69.27 3.08 -15.77
CA ASN E 170 69.51 2.67 -14.41
C ASN E 170 70.74 3.32 -13.83
N SER E 171 70.79 3.43 -12.52
CA SER E 171 72.02 3.82 -11.84
C SER E 171 71.91 3.64 -10.34
N ALA E 172 73.06 3.59 -9.70
CA ALA E 172 73.15 3.56 -8.25
C ALA E 172 74.36 4.39 -7.84
N VAL E 173 74.32 4.96 -6.65
CA VAL E 173 75.38 5.83 -6.19
C VAL E 173 76.10 5.20 -5.00
N ALA E 174 77.41 5.39 -4.94
CA ALA E 174 78.21 4.92 -3.83
C ALA E 174 79.17 6.02 -3.42
N TRP E 175 79.36 6.19 -2.11
CA TRP E 175 80.32 7.15 -1.63
C TRP E 175 80.87 6.72 -0.28
N SER E 176 81.97 7.33 0.11
CA SER E 176 82.63 7.04 1.38
C SER E 176 83.66 8.12 1.70
N ASN E 177 84.10 8.15 2.95
CA ASN E 177 85.17 9.05 3.35
C ASN E 177 86.38 8.26 3.83
N LYS E 178 86.31 6.94 3.70
CA LYS E 178 87.45 6.08 4.02
C LYS E 178 88.62 6.41 3.09
N SER E 179 89.84 6.13 3.55
CA SER E 179 91.03 6.47 2.79
C SER E 179 91.24 5.57 1.58
N ASP E 180 90.78 4.33 1.68
CA ASP E 180 91.03 3.33 0.64
C ASP E 180 89.89 3.17 -0.36
N PHE E 181 88.83 3.97 -0.20
CA PHE E 181 87.69 3.86 -1.09
C PHE E 181 88.02 4.41 -2.47
N ALA E 182 87.82 3.58 -3.48
CA ALA E 182 87.98 3.98 -4.87
C ALA E 182 86.82 3.39 -5.65
N CYS E 183 86.50 3.99 -6.80
CA CYS E 183 85.34 3.58 -7.57
C CYS E 183 85.51 2.19 -8.18
N ALA E 184 86.76 1.74 -8.29
CA ALA E 184 87.02 0.40 -8.82
C ALA E 184 86.57 -0.69 -7.84
N ASN E 185 86.61 -0.38 -6.55
CA ASN E 185 86.18 -1.32 -5.51
C ASN E 185 84.72 -1.17 -5.13
N ALA E 186 84.19 0.04 -5.35
CA ALA E 186 82.91 0.48 -4.81
C ALA E 186 81.80 -0.55 -4.86
N PHE E 187 81.62 -1.19 -6.01
CA PHE E 187 80.52 -2.13 -6.21
C PHE E 187 80.99 -3.58 -6.26
N ASN E 188 82.04 -3.89 -5.50
CA ASN E 188 82.61 -5.24 -5.46
C ASN E 188 81.66 -6.29 -4.91
N ASN E 189 80.71 -5.87 -4.08
CA ASN E 189 79.79 -6.80 -3.46
C ASN E 189 78.61 -7.10 -4.38
N SER E 190 78.63 -6.51 -5.58
CA SER E 190 77.57 -6.74 -6.55
C SER E 190 78.07 -7.54 -7.74
N ILE E 191 77.19 -8.35 -8.32
CA ILE E 191 77.51 -9.04 -9.58
C ILE E 191 77.32 -8.06 -10.74
N ILE E 192 78.40 -7.39 -11.13
CA ILE E 192 78.35 -6.37 -12.17
C ILE E 192 78.78 -6.95 -13.51
N PRO E 193 78.23 -6.42 -14.63
CA PRO E 193 78.53 -6.94 -15.97
C PRO E 193 80.03 -6.96 -16.29
N GLU E 194 80.46 -7.98 -17.05
CA GLU E 194 81.88 -8.14 -17.39
C GLU E 194 82.45 -6.92 -18.13
N ASP E 195 81.65 -6.37 -19.05
CA ASP E 195 82.10 -5.28 -19.92
C ASP E 195 81.92 -3.89 -19.30
N THR E 196 81.67 -3.83 -17.99
CA THR E 196 81.51 -2.56 -17.32
C THR E 196 82.72 -1.67 -17.56
N PHE E 197 82.47 -0.47 -18.06
CA PHE E 197 83.52 0.47 -18.40
C PHE E 197 84.02 1.19 -17.15
N PHE E 198 85.33 1.08 -16.91
CA PHE E 198 86.01 1.78 -15.82
C PHE E 198 87.06 2.70 -16.41
N PRO E 199 86.82 4.02 -16.35
CA PRO E 199 87.83 4.99 -16.82
C PRO E 199 88.99 5.14 -15.83
N GLY F 4 39.41 18.27 -0.77
CA GLY F 4 38.28 17.53 -0.24
C GLY F 4 38.42 17.26 1.24
N ILE F 5 39.48 16.56 1.61
CA ILE F 5 39.79 16.28 3.02
C ILE F 5 41.24 16.71 3.26
N THR F 6 41.47 17.40 4.38
CA THR F 6 42.80 17.91 4.71
C THR F 6 43.20 17.63 6.16
N GLN F 7 44.48 17.38 6.34
CA GLN F 7 45.11 17.10 7.61
C GLN F 7 46.13 18.16 7.94
N ALA F 8 46.29 18.47 9.23
CA ALA F 8 47.30 19.42 9.65
C ALA F 8 47.68 19.20 11.11
N PRO F 9 48.98 19.31 11.44
CA PRO F 9 50.13 19.51 10.54
C PRO F 9 50.48 18.26 9.75
N THR F 10 51.16 18.39 8.61
CA THR F 10 51.56 17.19 7.87
C THR F 10 52.94 16.68 8.30
N SER F 11 53.66 17.51 9.05
CA SER F 11 54.92 17.08 9.70
C SER F 11 55.06 17.72 11.08
N GLN F 12 55.55 16.95 12.03
CA GLN F 12 55.71 17.43 13.39
C GLN F 12 56.76 16.59 14.10
N ILE F 13 57.68 17.25 14.78
CA ILE F 13 58.55 16.57 15.73
C ILE F 13 58.12 17.00 17.14
N LEU F 14 58.04 16.04 18.05
CA LEU F 14 57.46 16.29 19.36
C LEU F 14 58.29 15.63 20.45
N ALA F 15 58.53 16.32 21.54
CA ALA F 15 59.20 15.71 22.67
C ALA F 15 58.23 14.72 23.33
N ALA F 16 58.75 13.61 23.83
CA ALA F 16 57.94 12.64 24.58
C ALA F 16 57.32 13.34 25.79
N GLY F 17 56.09 12.98 26.11
CA GLY F 17 55.38 13.57 27.24
C GLY F 17 54.50 14.76 26.89
N ARG F 18 54.65 15.30 25.69
CA ARG F 18 53.84 16.46 25.33
C ARG F 18 52.49 16.05 24.72
N ARG F 19 51.55 16.98 24.80
CA ARG F 19 50.22 16.83 24.20
C ARG F 19 50.26 17.26 22.75
N MET F 20 49.57 16.50 21.88
CA MET F 20 49.53 16.80 20.44
C MET F 20 48.12 16.61 19.88
N THR F 21 47.65 17.51 19.02
CA THR F 21 46.40 17.24 18.33
C THR F 21 46.57 17.31 16.81
N LEU F 22 46.20 16.24 16.11
CA LEU F 22 46.19 16.26 14.65
C LEU F 22 44.80 16.66 14.17
N ARG F 23 44.73 17.69 13.32
CA ARG F 23 43.44 18.14 12.80
C ARG F 23 43.11 17.44 11.49
N CYS F 24 41.81 17.19 11.27
CA CYS F 24 41.32 16.63 10.02
C CYS F 24 39.95 17.22 9.69
N THR F 25 39.85 17.83 8.51
CA THR F 25 38.61 18.42 8.06
C THR F 25 38.26 17.92 6.66
N GLN F 26 36.98 17.64 6.43
CA GLN F 26 36.50 17.33 5.08
C GLN F 26 35.26 18.16 4.80
N ASP F 27 35.09 18.55 3.54
CA ASP F 27 33.95 19.41 3.19
C ASP F 27 33.03 18.71 2.20
N MET F 28 33.09 17.38 2.16
CA MET F 28 32.28 16.58 1.24
C MET F 28 30.98 16.08 1.88
N ARG F 29 30.71 16.56 3.11
CA ARG F 29 29.55 16.14 3.92
C ARG F 29 29.53 14.65 4.19
N HIS F 30 30.72 14.04 4.32
CA HIS F 30 30.80 12.62 4.66
C HIS F 30 30.42 12.37 6.11
N ASN F 31 29.68 11.30 6.36
CA ASN F 31 29.29 11.00 7.73
C ASN F 31 30.35 10.23 8.50
N ALA F 32 31.12 9.39 7.82
CA ALA F 32 32.10 8.56 8.51
C ALA F 32 33.53 9.08 8.34
N MET F 33 34.29 9.11 9.43
CA MET F 33 35.70 9.51 9.40
C MET F 33 36.53 8.55 10.24
N TYR F 34 37.81 8.42 9.87
CA TYR F 34 38.70 7.40 10.40
C TYR F 34 40.10 7.95 10.62
N TRP F 35 40.77 7.46 11.66
CA TRP F 35 42.20 7.72 11.81
C TRP F 35 42.95 6.41 11.80
N TYR F 36 43.95 6.35 10.92
CA TYR F 36 44.81 5.19 10.80
C TYR F 36 46.23 5.57 11.13
N ARG F 37 47.02 4.63 11.64
CA ARG F 37 48.47 4.81 11.59
C ARG F 37 49.04 3.76 10.65
N GLN F 38 50.06 4.16 9.90
CA GLN F 38 50.73 3.29 8.96
C GLN F 38 52.18 3.14 9.37
N ASP F 39 52.56 1.89 9.60
CA ASP F 39 53.90 1.54 10.03
C ASP F 39 54.46 0.49 9.07
N LEU F 40 55.78 0.54 8.88
CA LEU F 40 56.49 -0.37 7.97
C LEU F 40 56.24 -1.84 8.29
N GLY F 41 55.88 -2.62 7.27
CA GLY F 41 55.62 -4.03 7.45
C GLY F 41 54.21 -4.39 7.89
N LEU F 42 53.39 -3.38 8.20
CA LEU F 42 52.05 -3.62 8.70
C LEU F 42 50.96 -3.02 7.79
N GLY F 43 49.78 -3.61 7.83
CA GLY F 43 48.63 -3.02 7.17
C GLY F 43 48.16 -1.84 8.00
N LEU F 44 47.48 -0.90 7.35
CA LEU F 44 46.87 0.23 8.06
C LEU F 44 46.20 -0.24 9.32
N ARG F 45 46.43 0.45 10.44
CA ARG F 45 45.72 0.06 11.65
C ARG F 45 44.81 1.18 12.13
N LEU F 46 43.55 0.85 12.31
CA LEU F 46 42.54 1.81 12.75
C LEU F 46 42.75 2.18 14.23
N ILE F 47 42.80 3.48 14.50
CA ILE F 47 42.97 4.01 15.87
C ILE F 47 41.61 4.31 16.51
N HIS F 48 40.86 5.20 15.87
CA HIS F 48 39.51 5.55 16.27
C HIS F 48 38.70 5.83 15.02
N TYR F 49 37.37 5.76 15.13
CA TYR F 49 36.52 6.09 14.00
C TYR F 49 35.22 6.75 14.48
N SER F 50 34.43 7.24 13.54
CA SER F 50 33.18 7.92 13.85
C SER F 50 32.23 7.77 12.66
N ASN F 51 31.08 7.13 12.87
CA ASN F 51 30.15 6.88 11.75
C ASN F 51 29.28 8.07 11.44
N THR F 52 29.19 9.01 12.37
CA THR F 52 28.37 10.18 12.21
C THR F 52 28.68 11.17 13.33
N ALA F 53 28.24 12.42 13.16
CA ALA F 53 28.43 13.44 14.19
C ALA F 53 27.82 12.99 15.51
N GLY F 54 28.54 13.21 16.62
CA GLY F 54 28.00 12.93 17.94
C GLY F 54 28.34 11.54 18.50
N THR F 55 29.09 10.75 17.74
CA THR F 55 29.58 9.48 18.25
C THR F 55 30.98 9.19 17.74
N THR F 56 31.74 8.40 18.51
CA THR F 56 33.02 7.87 18.06
C THR F 56 33.16 6.47 18.62
N GLY F 57 34.02 5.68 17.98
CA GLY F 57 34.27 4.30 18.41
C GLY F 57 35.75 4.01 18.40
N LYS F 58 36.15 2.99 19.16
CA LYS F 58 37.56 2.60 19.23
C LYS F 58 37.93 1.68 18.08
N GLY F 59 39.12 1.90 17.52
CA GLY F 59 39.66 1.01 16.50
C GLY F 59 40.47 -0.12 17.11
N GLU F 60 41.45 -0.59 16.36
CA GLU F 60 42.33 -1.69 16.79
C GLU F 60 43.40 -1.21 17.78
N VAL F 61 43.91 0.00 17.61
CA VAL F 61 44.98 0.46 18.50
C VAL F 61 44.65 1.82 19.15
N PRO F 62 43.56 1.88 19.93
CA PRO F 62 43.08 3.14 20.51
C PRO F 62 43.92 3.72 21.65
N ASP F 63 44.70 2.90 22.37
CA ASP F 63 45.40 3.38 23.57
C ASP F 63 46.39 4.51 23.26
N GLY F 64 46.42 5.54 24.11
CA GLY F 64 47.32 6.66 23.89
C GLY F 64 46.74 7.74 23.00
N TYR F 65 45.54 7.49 22.46
CA TYR F 65 44.87 8.42 21.56
C TYR F 65 43.43 8.69 21.98
N SER F 66 42.89 9.86 21.62
CA SER F 66 41.47 10.11 21.77
C SER F 66 40.94 10.94 20.60
N VAL F 67 39.62 10.89 20.39
CA VAL F 67 38.96 11.67 19.36
C VAL F 67 37.68 12.32 19.87
N SER F 68 37.19 13.31 19.11
CA SER F 68 35.86 13.85 19.32
C SER F 68 35.22 14.07 17.95
N ARG F 69 33.90 14.12 17.94
CA ARG F 69 33.16 14.37 16.71
C ARG F 69 31.91 15.17 17.01
N ALA F 70 32.09 16.43 17.36
CA ALA F 70 30.95 17.28 17.64
C ALA F 70 30.28 17.65 16.32
N ASN F 71 31.08 17.71 15.27
CA ASN F 71 30.62 18.19 13.98
C ASN F 71 30.95 17.23 12.88
N THR F 72 30.14 17.27 11.82
CA THR F 72 30.33 16.43 10.64
C THR F 72 31.71 16.64 10.00
N ASP F 73 32.11 17.90 9.85
CA ASP F 73 33.32 18.28 9.11
C ASP F 73 34.68 17.89 9.74
N ASP F 74 34.75 17.88 11.07
CA ASP F 74 36.04 17.77 11.77
C ASP F 74 36.14 16.48 12.58
N PHE F 75 37.36 15.96 12.70
CA PHE F 75 37.64 14.74 13.45
C PHE F 75 39.05 14.84 14.03
N PRO F 76 39.20 15.56 15.15
CA PRO F 76 40.57 15.74 15.67
C PRO F 76 41.10 14.52 16.43
N LEU F 77 42.37 14.22 16.23
CA LEU F 77 43.04 13.12 16.93
C LEU F 77 44.01 13.67 17.97
N THR F 78 43.79 13.33 19.24
CA THR F 78 44.60 13.90 20.30
C THR F 78 45.46 12.84 20.98
N LEU F 79 46.74 13.16 21.10
CA LEU F 79 47.69 12.39 21.91
C LEU F 79 47.93 13.18 23.20
N ALA F 80 47.39 12.71 24.31
CA ALA F 80 47.49 13.46 25.57
C ALA F 80 48.94 13.53 26.07
N SER F 81 49.68 12.44 25.92
CA SER F 81 51.05 12.40 26.41
C SER F 81 51.86 11.51 25.50
N ALA F 82 52.42 12.09 24.46
CA ALA F 82 52.96 11.29 23.37
C ALA F 82 54.19 10.50 23.81
N VAL F 83 54.30 9.31 23.23
CA VAL F 83 55.33 8.35 23.57
C VAL F 83 56.09 8.00 22.27
N PRO F 84 57.39 7.64 22.37
CA PRO F 84 58.15 7.42 21.13
C PRO F 84 57.51 6.40 20.18
N SER F 85 56.82 5.39 20.69
CA SER F 85 56.24 4.38 19.81
C SER F 85 55.07 4.95 18.98
N GLN F 86 54.66 6.18 19.29
CA GLN F 86 53.62 6.83 18.48
C GLN F 86 54.23 7.59 17.31
N THR F 87 55.55 7.47 17.16
CA THR F 87 56.20 7.81 15.90
C THR F 87 55.58 7.01 14.76
N SER F 88 55.01 7.70 13.78
CA SER F 88 54.25 7.04 12.72
C SER F 88 53.82 8.01 11.64
N VAL F 89 53.20 7.47 10.60
CA VAL F 89 52.49 8.31 9.64
C VAL F 89 50.99 8.13 9.88
N TYR F 90 50.31 9.24 10.18
CA TYR F 90 48.89 9.21 10.49
C TYR F 90 48.04 9.63 9.29
N PHE F 91 47.06 8.79 8.94
CA PHE F 91 46.17 9.10 7.84
C PHE F 91 44.74 9.27 8.35
N CYS F 92 44.15 10.41 8.02
CA CYS F 92 42.73 10.61 8.26
C CYS F 92 42.01 10.24 6.96
N ALA F 93 40.86 9.59 7.06
CA ALA F 93 40.10 9.28 5.87
C ALA F 93 38.63 9.48 6.13
N SER F 94 37.86 9.79 5.08
CA SER F 94 36.42 9.87 5.24
C SER F 94 35.71 9.02 4.18
N SER F 95 34.45 8.73 4.43
CA SER F 95 33.60 7.97 3.51
C SER F 95 32.19 8.50 3.69
N GLU F 96 31.44 8.60 2.59
CA GLU F 96 30.10 9.16 2.66
C GLU F 96 29.29 8.47 3.75
N ALA F 97 29.43 7.15 3.84
CA ALA F 97 28.78 6.39 4.89
C ALA F 97 29.68 5.26 5.38
N GLY F 98 29.59 4.92 6.66
CA GLY F 98 30.38 3.81 7.17
C GLY F 98 29.77 2.46 6.84
N GLY F 99 30.63 1.51 6.47
CA GLY F 99 30.21 0.13 6.34
C GLY F 99 29.60 -0.32 5.03
N ASN F 100 29.56 0.55 4.03
CA ASN F 100 29.04 0.17 2.71
C ASN F 100 30.14 0.22 1.63
N THR F 101 29.74 0.24 0.36
CA THR F 101 30.69 0.11 -0.74
C THR F 101 31.36 1.41 -1.13
N GLY F 102 30.85 2.52 -0.59
CA GLY F 102 31.47 3.82 -0.84
C GLY F 102 32.90 3.82 -0.36
N GLU F 103 33.82 4.24 -1.21
CA GLU F 103 35.25 4.17 -0.90
C GLU F 103 35.70 5.19 0.17
N LEU F 104 36.93 5.01 0.62
CA LEU F 104 37.60 5.95 1.50
C LEU F 104 38.33 7.05 0.71
N PHE F 105 38.30 8.27 1.25
CA PHE F 105 39.10 9.37 0.72
C PHE F 105 40.13 9.76 1.79
N PHE F 106 41.40 9.68 1.46
CA PHE F 106 42.46 9.90 2.44
C PHE F 106 43.01 11.34 2.39
N GLY F 107 43.34 11.89 3.56
CA GLY F 107 44.13 13.10 3.65
C GLY F 107 45.59 12.80 3.31
N GLU F 108 46.48 13.76 3.52
CA GLU F 108 47.85 13.71 2.95
C GLU F 108 48.93 12.70 3.48
N GLY F 109 48.95 12.20 4.71
CA GLY F 109 48.49 12.80 5.92
C GLY F 109 49.73 13.25 6.70
N SER F 110 49.94 12.76 7.93
CA SER F 110 50.87 13.45 8.87
C SER F 110 52.01 12.60 9.44
N ARG F 111 53.25 13.02 9.14
CA ARG F 111 54.40 12.33 9.70
C ARG F 111 54.72 12.89 11.07
N LEU F 112 54.53 12.06 12.09
CA LEU F 112 54.83 12.48 13.45
C LEU F 112 56.02 11.72 14.01
N THR F 113 57.02 12.46 14.48
CA THR F 113 58.18 11.88 15.14
C THR F 113 58.19 12.30 16.60
N VAL F 114 58.16 11.31 17.50
CA VAL F 114 58.21 11.55 18.92
C VAL F 114 59.54 11.09 19.48
N LEU F 115 60.32 12.03 20.01
CA LEU F 115 61.67 11.79 20.51
C LEU F 115 61.80 12.09 22.01
N GLU F 116 62.54 11.24 22.72
CA GLU F 116 62.87 11.54 24.09
C GLU F 116 63.72 12.80 24.15
N ASP F 117 64.57 12.97 23.14
CA ASP F 117 65.55 14.05 23.12
C ASP F 117 65.55 14.74 21.76
N LEU F 118 65.26 16.04 21.74
CA LEU F 118 65.25 16.79 20.48
C LEU F 118 66.65 17.03 19.92
N LYS F 119 67.67 16.65 20.69
CA LYS F 119 69.05 16.95 20.32
C LYS F 119 69.60 16.09 19.20
N ASN F 120 68.89 15.04 18.78
CA ASN F 120 69.36 14.27 17.64
C ASN F 120 68.77 14.82 16.34
N VAL F 121 68.02 15.92 16.43
CA VAL F 121 67.45 16.50 15.23
C VAL F 121 68.52 17.29 14.50
N PHE F 122 68.72 16.94 13.24
CA PHE F 122 69.76 17.55 12.40
C PHE F 122 69.26 17.80 10.99
N PRO F 123 69.50 19.02 10.47
CA PRO F 123 69.22 19.34 9.07
C PRO F 123 70.27 18.67 8.18
N PRO F 124 69.95 18.46 6.90
CA PRO F 124 70.94 17.85 6.02
C PRO F 124 72.06 18.81 5.64
N GLU F 125 73.24 18.26 5.32
CA GLU F 125 74.20 18.98 4.51
C GLU F 125 73.98 18.51 3.08
N VAL F 126 74.14 19.42 2.13
CA VAL F 126 73.79 19.14 0.76
C VAL F 126 74.96 19.48 -0.13
N ALA F 127 75.30 18.59 -1.05
CA ALA F 127 76.38 18.85 -1.98
C ALA F 127 76.00 18.35 -3.35
N VAL F 128 76.55 18.99 -4.37
CA VAL F 128 76.31 18.62 -5.75
C VAL F 128 77.62 18.18 -6.38
N PHE F 129 77.57 17.04 -7.06
CA PHE F 129 78.74 16.46 -7.67
C PHE F 129 78.62 16.56 -9.19
N GLU F 130 79.58 17.26 -9.78
CA GLU F 130 79.57 17.56 -11.20
C GLU F 130 79.82 16.33 -12.08
N PRO F 131 79.25 16.36 -13.29
CA PRO F 131 79.38 15.26 -14.25
C PRO F 131 80.82 14.88 -14.52
N SER F 132 81.06 13.58 -14.64
CA SER F 132 82.36 13.04 -15.02
C SER F 132 82.66 13.36 -16.48
N GLU F 133 83.85 13.88 -16.77
CA GLU F 133 84.18 14.16 -18.16
C GLU F 133 84.30 12.84 -18.92
N ALA F 134 84.63 11.78 -18.20
CA ALA F 134 84.61 10.44 -18.78
C ALA F 134 83.19 10.00 -19.21
N GLU F 135 82.17 10.37 -18.43
CA GLU F 135 80.80 10.06 -18.84
C GLU F 135 80.41 10.84 -20.08
N ILE F 136 80.66 12.16 -20.03
CA ILE F 136 80.37 13.05 -21.15
C ILE F 136 80.98 12.52 -22.43
N SER F 137 82.24 12.11 -22.36
CA SER F 137 82.95 11.59 -23.51
C SER F 137 82.38 10.25 -24.01
N HIS F 138 81.98 9.40 -23.07
CA HIS F 138 81.55 8.04 -23.41
C HIS F 138 80.10 8.01 -23.89
N THR F 139 79.29 8.96 -23.43
CA THR F 139 77.84 8.90 -23.67
C THR F 139 77.21 10.16 -24.26
N GLN F 140 77.94 11.28 -24.25
CA GLN F 140 77.41 12.58 -24.65
C GLN F 140 76.27 13.02 -23.72
N LYS F 141 76.21 12.39 -22.55
CA LYS F 141 75.25 12.73 -21.53
C LYS F 141 76.01 13.10 -20.26
N ALA F 142 75.37 13.89 -19.40
CA ALA F 142 76.03 14.35 -18.19
C ALA F 142 75.13 14.19 -16.98
N THR F 143 75.55 13.35 -16.05
CA THR F 143 74.79 13.08 -14.83
C THR F 143 75.34 13.87 -13.65
N LEU F 144 74.52 14.75 -13.06
CA LEU F 144 74.84 15.38 -11.78
C LEU F 144 74.27 14.57 -10.61
N VAL F 145 74.99 14.53 -9.50
CA VAL F 145 74.53 13.82 -8.31
C VAL F 145 74.41 14.79 -7.14
N CYS F 146 73.27 14.76 -6.48
CA CYS F 146 73.06 15.49 -5.24
C CYS F 146 73.13 14.51 -4.09
N LEU F 147 73.86 14.86 -3.03
CA LEU F 147 73.82 14.09 -1.77
C LEU F 147 73.32 14.96 -0.64
N ALA F 148 72.31 14.48 0.08
CA ALA F 148 71.86 15.12 1.32
C ALA F 148 72.30 14.20 2.44
N THR F 149 73.10 14.70 3.39
CA THR F 149 73.67 13.80 4.39
C THR F 149 73.52 14.30 5.82
N GLY F 150 73.60 13.36 6.77
CA GLY F 150 73.63 13.68 8.19
C GLY F 150 72.32 14.16 8.80
N PHE F 151 71.19 13.89 8.15
CA PHE F 151 69.96 14.47 8.69
C PHE F 151 69.15 13.47 9.52
N TYR F 152 68.31 14.04 10.39
CA TYR F 152 67.46 13.30 11.31
C TYR F 152 66.34 14.20 11.85
N PRO F 153 65.08 13.72 11.82
CA PRO F 153 64.64 12.40 11.32
C PRO F 153 64.67 12.35 9.79
N ASP F 154 64.10 11.29 9.20
CA ASP F 154 64.35 11.01 7.78
C ASP F 154 63.37 11.67 6.82
N HIS F 155 62.87 12.85 7.19
CA HIS F 155 61.86 13.50 6.36
C HIS F 155 62.43 14.68 5.57
N VAL F 156 62.81 14.41 4.34
CA VAL F 156 63.28 15.47 3.45
C VAL F 156 62.54 15.39 2.13
N GLU F 157 62.50 16.50 1.41
CA GLU F 157 61.97 16.51 0.06
C GLU F 157 62.99 17.18 -0.84
N LEU F 158 63.50 16.42 -1.79
CA LEU F 158 64.57 16.90 -2.67
C LEU F 158 64.00 17.28 -4.02
N SER F 159 64.43 18.40 -4.57
CA SER F 159 64.02 18.77 -5.93
C SER F 159 65.21 19.35 -6.67
N TRP F 160 65.12 19.36 -7.99
CA TRP F 160 66.14 19.99 -8.84
C TRP F 160 65.61 21.25 -9.51
N TRP F 161 66.47 22.25 -9.61
CA TRP F 161 66.10 23.54 -10.16
C TRP F 161 67.14 23.94 -11.19
N VAL F 162 66.70 24.10 -12.43
CA VAL F 162 67.58 24.51 -13.51
C VAL F 162 67.15 25.90 -13.96
N ASN F 163 68.12 26.81 -13.98
CA ASN F 163 67.89 28.21 -14.31
C ASN F 163 66.68 28.79 -13.57
N GLY F 164 66.53 28.38 -12.32
CA GLY F 164 65.48 28.90 -11.45
C GLY F 164 64.10 28.28 -11.61
N LYS F 165 63.99 27.23 -12.42
CA LYS F 165 62.74 26.49 -12.56
C LYS F 165 62.93 25.02 -12.21
N GLU F 166 61.96 24.44 -11.47
CA GLU F 166 62.04 23.04 -11.09
C GLU F 166 61.94 22.15 -12.33
N VAL F 167 62.72 21.08 -12.35
CA VAL F 167 62.68 20.12 -13.47
C VAL F 167 62.34 18.73 -12.94
N HIS F 168 61.85 17.87 -13.83
CA HIS F 168 61.47 16.52 -13.43
C HIS F 168 62.03 15.52 -14.43
N SER F 169 62.21 15.95 -15.68
CA SER F 169 62.83 15.09 -16.67
C SER F 169 64.30 14.84 -16.34
N GLY F 170 64.73 13.60 -16.53
CA GLY F 170 66.10 13.22 -16.28
C GLY F 170 66.44 13.07 -14.81
N VAL F 171 65.42 13.07 -13.95
CA VAL F 171 65.65 13.05 -12.51
C VAL F 171 65.23 11.73 -11.90
N CYS F 172 66.06 11.21 -11.00
CA CYS F 172 65.63 10.11 -10.17
C CYS F 172 66.24 10.24 -8.79
N THR F 173 65.37 10.27 -7.79
CA THR F 173 65.76 10.47 -6.39
C THR F 173 65.45 9.20 -5.63
N ASP F 174 66.36 8.75 -4.77
CA ASP F 174 66.09 7.58 -3.94
C ASP F 174 64.73 7.71 -3.27
N PRO F 175 63.94 6.64 -3.29
CA PRO F 175 62.61 6.71 -2.67
C PRO F 175 62.72 6.86 -1.15
N GLN F 176 63.71 6.19 -0.56
CA GLN F 176 63.91 6.26 0.88
C GLN F 176 65.37 6.55 1.21
N PRO F 177 65.59 7.34 2.26
CA PRO F 177 66.95 7.61 2.75
C PRO F 177 67.60 6.34 3.30
N LEU F 178 68.93 6.27 3.31
CA LEU F 178 69.58 5.14 3.94
C LEU F 178 70.22 5.57 5.25
N LYS F 179 70.48 4.60 6.12
CA LYS F 179 71.03 4.89 7.44
C LYS F 179 72.55 4.99 7.38
N GLU F 180 73.07 6.10 7.87
CA GLU F 180 74.50 6.32 7.89
C GLU F 180 75.15 5.45 8.95
N GLN F 181 74.37 5.07 9.96
CA GLN F 181 74.84 4.14 11.01
C GLN F 181 73.80 3.01 11.18
N PRO F 182 73.83 2.00 10.28
CA PRO F 182 72.81 0.94 10.22
C PRO F 182 72.45 0.27 11.56
N ALA F 183 73.41 0.12 12.46
CA ALA F 183 73.15 -0.59 13.71
C ALA F 183 72.50 0.29 14.78
N LEU F 184 72.56 1.60 14.58
CA LEU F 184 72.02 2.50 15.60
C LEU F 184 70.52 2.76 15.42
N ASN F 185 69.80 2.74 16.54
CA ASN F 185 68.36 3.06 16.58
C ASN F 185 68.04 4.43 16.05
N ASP F 186 68.99 5.35 16.27
CA ASP F 186 68.81 6.75 15.95
C ASP F 186 69.81 7.21 14.89
N SER F 187 70.22 6.27 14.03
CA SER F 187 71.09 6.61 12.90
C SER F 187 70.56 7.85 12.20
N ARG F 188 71.47 8.69 11.75
CA ARG F 188 71.08 9.77 10.86
C ARG F 188 71.01 9.20 9.46
N TYR F 189 70.52 10.01 8.53
CA TYR F 189 70.17 9.53 7.19
C TYR F 189 70.88 10.25 6.07
N ALA F 190 70.99 9.56 4.94
CA ALA F 190 71.50 10.16 3.73
C ALA F 190 70.54 9.88 2.57
N LEU F 191 70.47 10.81 1.63
CA LEU F 191 69.62 10.66 0.47
C LEU F 191 70.41 11.08 -0.77
N SER F 192 70.24 10.36 -1.88
CA SER F 192 70.89 10.78 -3.10
C SER F 192 69.89 11.00 -4.23
N SER F 193 70.27 11.86 -5.16
CA SER F 193 69.45 12.08 -6.34
C SER F 193 70.34 12.35 -7.52
N ARG F 194 69.80 12.12 -8.71
CA ARG F 194 70.53 12.37 -9.93
C ARG F 194 69.71 13.18 -10.90
N LEU F 195 70.37 14.10 -11.57
CA LEU F 195 69.78 14.83 -12.68
C LEU F 195 70.68 14.63 -13.87
N ARG F 196 70.14 14.06 -14.94
CA ARG F 196 70.95 13.81 -16.12
C ARG F 196 70.51 14.70 -17.27
N VAL F 197 71.48 15.38 -17.88
CA VAL F 197 71.20 16.23 -19.04
C VAL F 197 72.13 15.87 -20.18
N SER F 198 71.94 16.51 -21.33
CA SER F 198 72.84 16.29 -22.44
C SER F 198 74.18 16.95 -22.14
N ALA F 199 75.25 16.40 -22.70
CA ALA F 199 76.58 16.99 -22.56
C ALA F 199 76.57 18.47 -22.95
N THR F 200 75.95 18.79 -24.09
CA THR F 200 75.94 20.17 -24.56
C THR F 200 75.23 21.10 -23.58
N PHE F 201 74.20 20.60 -22.91
CA PHE F 201 73.46 21.42 -21.98
C PHE F 201 74.31 21.71 -20.73
N TRP F 202 75.03 20.69 -20.27
CA TRP F 202 75.93 20.88 -19.15
C TRP F 202 77.08 21.78 -19.57
N GLN F 203 77.43 21.74 -20.85
CA GLN F 203 78.60 22.46 -21.35
C GLN F 203 78.32 23.93 -21.59
N ASN F 204 77.06 24.33 -21.40
CA ASN F 204 76.66 25.72 -21.50
C ASN F 204 76.83 26.44 -20.17
N PRO F 205 77.86 27.30 -20.06
CA PRO F 205 78.23 27.90 -18.78
C PRO F 205 77.17 28.84 -18.21
N ARG F 206 76.12 29.13 -18.98
CA ARG F 206 75.04 29.98 -18.47
C ARG F 206 73.89 29.16 -17.87
N ASN F 207 74.03 27.84 -17.89
CA ASN F 207 73.05 27.00 -17.21
C ASN F 207 73.39 26.81 -15.74
N HIS F 208 72.41 27.09 -14.88
CA HIS F 208 72.59 27.00 -13.45
C HIS F 208 71.80 25.80 -12.89
N PHE F 209 72.48 24.94 -12.13
CA PHE F 209 71.86 23.75 -11.57
C PHE F 209 71.81 23.84 -10.05
N ARG F 210 70.66 23.52 -9.46
CA ARG F 210 70.57 23.59 -8.01
C ARG F 210 69.83 22.39 -7.46
N CYS F 211 70.44 21.75 -6.46
CA CYS F 211 69.76 20.72 -5.71
C CYS F 211 69.16 21.32 -4.46
N GLN F 212 67.85 21.19 -4.32
CA GLN F 212 67.14 21.77 -3.20
C GLN F 212 66.57 20.71 -2.28
N VAL F 213 66.90 20.82 -1.00
CA VAL F 213 66.41 19.85 -0.03
C VAL F 213 65.62 20.53 1.10
N GLN F 214 64.31 20.34 1.09
CA GLN F 214 63.44 20.76 2.18
C GLN F 214 63.54 19.80 3.36
N PHE F 215 63.91 20.34 4.52
CA PHE F 215 63.99 19.53 5.72
C PHE F 215 62.83 19.86 6.64
N TYR F 216 62.18 18.84 7.19
CA TYR F 216 61.11 19.09 8.13
C TYR F 216 61.65 18.82 9.54
N GLY F 217 61.77 19.89 10.33
CA GLY F 217 62.43 19.79 11.61
C GLY F 217 61.62 20.39 12.74
N LEU F 218 62.29 21.16 13.58
CA LEU F 218 61.64 21.77 14.73
C LEU F 218 60.85 23.01 14.30
N SER F 219 59.84 23.34 15.08
CA SER F 219 59.08 24.58 14.86
C SER F 219 59.65 25.61 15.81
N GLU F 220 58.92 26.69 16.06
CA GLU F 220 59.50 27.72 16.92
C GLU F 220 58.90 27.75 18.32
N ASN F 221 57.97 26.84 18.59
CA ASN F 221 57.52 26.62 19.96
C ASN F 221 58.42 25.60 20.65
N ASP F 222 59.02 24.73 19.85
CA ASP F 222 59.98 23.75 20.35
C ASP F 222 61.14 24.46 21.06
N GLU F 223 61.55 23.89 22.20
CA GLU F 223 62.59 24.50 23.02
C GLU F 223 63.99 24.16 22.52
N TRP F 224 64.83 25.17 22.38
CA TRP F 224 66.21 24.94 21.98
C TRP F 224 67.19 25.77 22.81
N THR F 225 68.24 25.10 23.29
CA THR F 225 69.20 25.72 24.20
C THR F 225 70.65 25.41 23.81
N GLN F 226 70.83 24.57 22.81
CA GLN F 226 72.17 24.11 22.43
C GLN F 226 72.98 25.20 21.72
N ASP F 227 74.27 24.93 21.51
CA ASP F 227 75.16 25.87 20.82
C ASP F 227 74.83 25.95 19.35
N ARG F 228 74.88 24.80 18.66
CA ARG F 228 74.60 24.76 17.24
C ARG F 228 73.22 25.33 16.97
N ALA F 229 73.01 25.80 15.74
CA ALA F 229 71.77 26.46 15.38
C ALA F 229 70.59 25.51 15.54
N LYS F 230 69.48 26.04 16.05
CA LYS F 230 68.25 25.27 16.18
C LYS F 230 67.87 24.62 14.85
N PRO F 231 67.69 23.29 14.87
CA PRO F 231 67.43 22.54 13.64
C PRO F 231 65.97 22.67 13.18
N VAL F 232 65.59 23.88 12.82
CA VAL F 232 64.23 24.16 12.34
C VAL F 232 64.01 23.64 10.94
N THR F 233 62.73 23.51 10.59
CA THR F 233 62.29 23.29 9.21
C THR F 233 62.95 24.33 8.32
N GLN F 234 63.59 23.87 7.25
CA GLN F 234 64.40 24.77 6.43
C GLN F 234 64.75 24.15 5.10
N ILE F 235 65.12 24.98 4.16
CA ILE F 235 65.62 24.51 2.88
C ILE F 235 67.13 24.60 2.91
N VAL F 236 67.80 23.55 2.43
CA VAL F 236 69.24 23.55 2.25
C VAL F 236 69.54 23.15 0.81
N SER F 237 70.38 23.94 0.15
CA SER F 237 70.65 23.73 -1.28
C SER F 237 72.14 23.73 -1.56
N ALA F 238 72.52 23.06 -2.64
CA ALA F 238 73.83 23.24 -3.24
C ALA F 238 73.64 23.45 -4.74
N GLU F 239 74.63 24.01 -5.39
CA GLU F 239 74.47 24.41 -6.78
C GLU F 239 75.75 24.23 -7.57
N ALA F 240 75.61 24.22 -8.89
CA ALA F 240 76.74 24.19 -9.79
C ALA F 240 76.37 24.93 -11.06
N TRP F 241 77.38 25.45 -11.75
CA TRP F 241 77.19 26.05 -13.07
C TRP F 241 77.78 25.15 -14.12
N GLY F 242 77.24 25.20 -15.34
CA GLY F 242 77.80 24.45 -16.44
C GLY F 242 79.23 24.86 -16.74
N ARG F 243 80.06 23.91 -17.14
CA ARG F 243 81.46 24.17 -17.49
C ARG F 243 81.78 23.65 -18.89
N ALA F 244 82.94 24.04 -19.42
CA ALA F 244 83.38 23.54 -20.72
C ALA F 244 84.65 22.71 -20.59
N GLY G 2 -44.04 12.40 -12.11
CA GLY G 2 -43.83 13.82 -12.14
C GLY G 2 -42.34 14.07 -12.27
N GLN G 3 -41.56 13.00 -12.06
CA GLN G 3 -40.11 12.84 -12.45
C GLN G 3 -39.69 12.70 -13.92
N ASN G 4 -38.51 13.27 -14.17
CA ASN G 4 -37.88 13.23 -15.49
C ASN G 4 -36.39 12.94 -15.45
N ILE G 5 -35.98 11.96 -16.24
CA ILE G 5 -34.58 11.71 -16.50
C ILE G 5 -34.40 11.90 -17.99
N ASP G 6 -33.43 12.74 -18.37
CA ASP G 6 -33.26 13.12 -19.77
C ASP G 6 -31.84 12.90 -20.27
N GLN G 7 -31.74 12.25 -21.43
CA GLN G 7 -30.47 12.04 -22.11
C GLN G 7 -30.72 12.05 -23.61
N PRO G 8 -29.70 12.46 -24.40
CA PRO G 8 -29.88 12.57 -25.85
C PRO G 8 -30.16 11.21 -26.48
N THR G 9 -30.97 11.21 -27.53
CA THR G 9 -31.35 9.98 -28.22
C THR G 9 -30.13 9.31 -28.81
N GLU G 10 -29.25 10.11 -29.42
CA GLU G 10 -28.14 9.54 -30.16
C GLU G 10 -26.91 10.46 -30.18
N MET G 11 -25.72 9.85 -30.16
CA MET G 11 -24.49 10.59 -30.38
C MET G 11 -23.56 9.87 -31.35
N THR G 12 -22.84 10.65 -32.17
CA THR G 12 -21.87 10.08 -33.10
C THR G 12 -20.51 10.72 -32.89
N ALA G 13 -19.50 9.89 -32.69
CA ALA G 13 -18.13 10.36 -32.48
C ALA G 13 -17.16 9.48 -33.26
N THR G 14 -15.88 9.85 -33.24
CA THR G 14 -14.89 9.17 -34.08
C THR G 14 -14.03 8.20 -33.27
N GLU G 15 -13.72 7.06 -33.87
CA GLU G 15 -12.81 6.10 -33.25
C GLU G 15 -11.57 6.80 -32.73
N GLY G 16 -11.21 6.56 -31.47
CA GLY G 16 -9.99 7.12 -30.92
C GLY G 16 -10.20 8.41 -30.16
N ALA G 17 -11.39 8.98 -30.32
CA ALA G 17 -11.68 10.27 -29.69
C ALA G 17 -12.37 10.11 -28.34
N ILE G 18 -12.85 11.22 -27.79
CA ILE G 18 -13.50 11.22 -26.47
C ILE G 18 -14.95 11.66 -26.61
N VAL G 19 -15.84 11.03 -25.83
CA VAL G 19 -17.25 11.40 -25.87
C VAL G 19 -17.83 11.54 -24.47
N GLN G 20 -18.73 12.51 -24.30
CA GLN G 20 -19.35 12.80 -23.02
C GLN G 20 -20.86 12.61 -23.15
N ILE G 21 -21.42 11.63 -22.46
CA ILE G 21 -22.84 11.37 -22.59
C ILE G 21 -23.59 11.93 -21.38
N ASN G 22 -24.48 12.89 -21.63
CA ASN G 22 -25.13 13.64 -20.54
C ASN G 22 -26.40 13.00 -20.05
N CYS G 23 -26.64 13.10 -18.75
CA CYS G 23 -27.92 12.70 -18.19
C CYS G 23 -28.39 13.69 -17.13
N THR G 24 -29.50 14.37 -17.38
CA THR G 24 -30.06 15.29 -16.39
C THR G 24 -31.32 14.69 -15.77
N TYR G 25 -31.52 14.97 -14.49
CA TYR G 25 -32.66 14.42 -13.80
C TYR G 25 -33.37 15.50 -12.98
N GLN G 26 -34.69 15.44 -12.98
CA GLN G 26 -35.51 16.22 -12.06
C GLN G 26 -36.35 15.20 -11.31
N THR G 27 -35.98 14.98 -10.04
CA THR G 27 -36.64 14.01 -9.21
C THR G 27 -36.99 14.64 -7.87
N SER G 28 -37.84 13.99 -7.09
CA SER G 28 -38.25 14.59 -5.81
C SER G 28 -37.12 14.45 -4.79
N GLY G 29 -36.54 13.25 -4.72
CA GLY G 29 -35.37 13.01 -3.90
C GLY G 29 -34.30 12.36 -4.76
N PHE G 30 -33.17 12.04 -4.15
CA PHE G 30 -32.06 11.46 -4.90
C PHE G 30 -31.22 10.54 -4.02
N ASN G 31 -31.06 9.31 -4.50
CA ASN G 31 -30.26 8.31 -3.79
C ASN G 31 -29.21 7.69 -4.69
N GLY G 32 -28.83 8.41 -5.75
CA GLY G 32 -27.78 7.96 -6.63
C GLY G 32 -28.18 7.79 -8.08
N LEU G 33 -27.16 7.71 -8.92
CA LEU G 33 -27.33 7.67 -10.37
C LEU G 33 -26.45 6.55 -10.90
N PHE G 34 -27.06 5.65 -11.68
CA PHE G 34 -26.35 4.54 -12.29
C PHE G 34 -26.17 4.78 -13.79
N TRP G 35 -25.09 4.26 -14.36
CA TRP G 35 -24.99 4.11 -15.81
C TRP G 35 -24.96 2.64 -16.18
N TYR G 36 -25.72 2.27 -17.22
CA TYR G 36 -25.68 0.92 -17.80
C TYR G 36 -25.30 0.96 -19.28
N GLN G 37 -24.61 -0.08 -19.75
CA GLN G 37 -24.28 -0.22 -21.16
C GLN G 37 -25.14 -1.32 -21.75
N GLN G 38 -25.74 -1.07 -22.92
CA GLN G 38 -26.56 -2.10 -23.55
C GLN G 38 -26.26 -2.21 -25.04
N HIS G 39 -25.48 -3.21 -25.41
CA HIS G 39 -25.30 -3.54 -26.82
C HIS G 39 -26.64 -3.93 -27.44
N ALA G 40 -26.81 -3.63 -28.73
CA ALA G 40 -28.07 -3.89 -29.40
C ALA G 40 -28.40 -5.39 -29.38
N GLY G 41 -29.63 -5.71 -29.00
CA GLY G 41 -30.06 -7.09 -28.92
C GLY G 41 -29.57 -7.83 -27.68
N GLU G 42 -28.97 -7.11 -26.73
CA GLU G 42 -28.40 -7.77 -25.56
C GLU G 42 -28.84 -7.13 -24.24
N ALA G 43 -28.43 -7.75 -23.13
CA ALA G 43 -28.78 -7.31 -21.80
C ALA G 43 -27.98 -6.06 -21.38
N PRO G 44 -28.63 -5.13 -20.66
CA PRO G 44 -27.84 -4.06 -20.04
C PRO G 44 -26.92 -4.63 -18.98
N THR G 45 -25.73 -4.04 -18.85
CA THR G 45 -24.77 -4.42 -17.83
C THR G 45 -24.34 -3.16 -17.09
N PHE G 46 -24.07 -3.33 -15.80
CA PHE G 46 -23.72 -2.21 -14.94
C PHE G 46 -22.37 -1.57 -15.30
N LEU G 47 -22.33 -0.24 -15.37
CA LEU G 47 -21.08 0.49 -15.60
C LEU G 47 -20.60 1.27 -14.37
N SER G 48 -21.50 2.02 -13.76
CA SER G 48 -21.08 2.93 -12.70
C SER G 48 -22.21 3.40 -11.81
N TYR G 49 -21.84 3.87 -10.62
CA TYR G 49 -22.76 4.48 -9.69
C TYR G 49 -22.09 5.69 -9.06
N ASN G 50 -22.81 6.80 -9.01
CA ASN G 50 -22.39 8.03 -8.31
C ASN G 50 -23.51 8.51 -7.41
N VAL G 51 -23.18 9.05 -6.22
CA VAL G 51 -24.21 9.61 -5.36
C VAL G 51 -23.69 10.87 -4.65
N LEU G 52 -22.38 10.98 -4.47
CA LEU G 52 -21.78 12.24 -4.05
C LEU G 52 -21.19 12.96 -5.25
N ASP G 53 -20.87 14.23 -5.05
CA ASP G 53 -20.39 15.07 -6.14
C ASP G 53 -18.96 14.72 -6.56
N GLY G 54 -18.71 14.73 -7.86
CA GLY G 54 -17.36 14.57 -8.36
C GLY G 54 -17.22 13.55 -9.47
N LEU G 55 -15.98 13.19 -9.76
CA LEU G 55 -15.67 12.31 -10.87
C LEU G 55 -15.08 10.99 -10.37
N GLU G 56 -15.61 9.87 -10.85
CA GLU G 56 -15.11 8.54 -10.46
C GLU G 56 -14.65 7.77 -11.71
N GLU G 57 -13.40 7.33 -11.71
CA GLU G 57 -12.81 6.66 -12.87
C GLU G 57 -12.89 5.14 -12.82
N LYS G 58 -13.03 4.52 -13.99
CA LYS G 58 -13.01 3.07 -14.15
C LYS G 58 -12.48 2.72 -15.54
N GLY G 59 -11.16 2.54 -15.64
CA GLY G 59 -10.54 2.27 -16.92
C GLY G 59 -10.75 3.43 -17.88
N ARG G 60 -11.21 3.13 -19.09
CA ARG G 60 -11.44 4.16 -20.10
C ARG G 60 -12.67 4.99 -19.78
N PHE G 61 -13.55 4.48 -18.92
CA PHE G 61 -14.81 5.18 -18.61
C PHE G 61 -14.74 5.94 -17.28
N SER G 62 -15.29 7.14 -17.28
CA SER G 62 -15.43 7.93 -16.07
C SER G 62 -16.86 8.38 -15.90
N SER G 63 -17.29 8.53 -14.66
CA SER G 63 -18.64 8.99 -14.36
C SER G 63 -18.57 10.20 -13.44
N PHE G 64 -19.25 11.27 -13.84
CA PHE G 64 -19.29 12.51 -13.05
C PHE G 64 -20.69 12.76 -12.52
N LEU G 65 -20.78 13.38 -11.35
CA LEU G 65 -22.07 13.78 -10.81
C LEU G 65 -22.01 15.17 -10.14
N SER G 66 -23.03 15.98 -10.40
CA SER G 66 -23.31 17.21 -9.66
C SER G 66 -24.75 17.17 -9.13
N ARG G 67 -24.91 17.03 -7.82
CA ARG G 67 -26.26 16.94 -7.25
C ARG G 67 -27.00 18.27 -7.36
N SER G 68 -26.27 19.37 -7.18
CA SER G 68 -26.89 20.69 -7.19
C SER G 68 -27.39 21.06 -8.59
N LYS G 69 -26.65 20.64 -9.62
CA LYS G 69 -27.07 20.91 -10.99
C LYS G 69 -27.95 19.79 -11.53
N GLY G 70 -28.04 18.70 -10.76
CA GLY G 70 -28.87 17.58 -11.15
C GLY G 70 -28.46 16.98 -12.49
N TYR G 71 -27.17 16.73 -12.66
CA TYR G 71 -26.73 16.02 -13.85
C TYR G 71 -25.48 15.20 -13.64
N SER G 72 -25.34 14.23 -14.53
CA SER G 72 -24.19 13.36 -14.55
C SER G 72 -23.73 13.22 -15.99
N TYR G 73 -22.47 12.87 -16.20
CA TYR G 73 -22.08 12.41 -17.52
C TYR G 73 -21.23 11.18 -17.41
N LEU G 74 -21.34 10.36 -18.44
CA LEU G 74 -20.47 9.23 -18.64
C LEU G 74 -19.42 9.64 -19.67
N LEU G 75 -18.15 9.54 -19.29
CA LEU G 75 -17.06 9.95 -20.16
C LEU G 75 -16.34 8.73 -20.72
N LEU G 76 -16.29 8.61 -22.04
CA LEU G 76 -15.61 7.48 -22.69
C LEU G 76 -14.40 7.98 -23.47
N LYS G 77 -13.21 7.57 -23.05
CA LYS G 77 -11.98 8.00 -23.72
C LYS G 77 -11.50 6.94 -24.70
N GLU G 78 -10.73 7.36 -25.71
CA GLU G 78 -10.08 6.46 -26.66
C GLU G 78 -11.07 5.48 -27.25
N LEU G 79 -12.15 6.03 -27.80
CA LEU G 79 -13.28 5.25 -28.32
C LEU G 79 -12.86 4.11 -29.25
N GLN G 80 -13.47 2.95 -29.06
CA GLN G 80 -13.26 1.80 -29.95
C GLN G 80 -14.61 1.37 -30.53
N MET G 81 -14.58 0.64 -31.65
CA MET G 81 -15.83 0.20 -32.27
C MET G 81 -16.73 -0.53 -31.27
N LYS G 82 -16.14 -1.34 -30.39
CA LYS G 82 -16.90 -2.09 -29.39
C LYS G 82 -17.63 -1.21 -28.37
N ASP G 83 -17.38 0.09 -28.41
CA ASP G 83 -18.07 1.00 -27.50
C ASP G 83 -19.44 1.34 -28.09
N SER G 84 -19.66 0.93 -29.35
CA SER G 84 -20.95 1.15 -30.00
C SER G 84 -22.02 0.40 -29.22
N ALA G 85 -22.93 1.14 -28.62
CA ALA G 85 -23.95 0.58 -27.76
C ALA G 85 -24.90 1.68 -27.32
N SER G 86 -25.97 1.30 -26.64
CA SER G 86 -26.76 2.31 -25.96
C SER G 86 -26.25 2.49 -24.53
N TYR G 87 -26.36 3.70 -24.01
CA TYR G 87 -25.94 3.96 -22.63
C TYR G 87 -27.15 4.48 -21.86
N LEU G 88 -27.53 3.75 -20.81
CA LEU G 88 -28.76 4.02 -20.08
C LEU G 88 -28.44 4.69 -18.76
N CYS G 89 -29.11 5.81 -18.51
CA CYS G 89 -29.01 6.51 -17.23
C CYS G 89 -30.19 6.10 -16.33
N ALA G 90 -29.94 5.84 -15.05
CA ALA G 90 -31.03 5.55 -14.10
C ALA G 90 -30.78 6.21 -12.74
N VAL G 91 -31.81 6.89 -12.23
CA VAL G 91 -31.71 7.57 -10.95
C VAL G 91 -32.59 6.91 -9.90
N MET G 92 -32.06 6.75 -8.70
CA MET G 92 -32.82 6.22 -7.59
C MET G 92 -33.47 7.37 -6.81
N ASP G 93 -34.79 7.33 -6.68
CA ASP G 93 -35.52 8.46 -6.15
C ASP G 93 -35.69 8.31 -4.65
N SER G 94 -36.55 9.14 -4.07
CA SER G 94 -36.65 9.24 -2.62
C SER G 94 -37.19 7.98 -1.98
N ASN G 95 -37.84 7.14 -2.78
CA ASN G 95 -38.35 5.85 -2.31
C ASN G 95 -37.55 4.69 -2.88
N TYR G 96 -36.30 5.00 -3.23
CA TYR G 96 -35.30 4.01 -3.63
C TYR G 96 -35.74 3.20 -4.84
N GLN G 97 -36.61 3.76 -5.66
CA GLN G 97 -37.01 3.17 -6.95
C GLN G 97 -36.21 3.80 -8.09
N LEU G 98 -35.82 2.97 -9.04
CA LEU G 98 -35.09 3.45 -10.20
C LEU G 98 -36.04 4.11 -11.20
N ILE G 99 -35.59 5.22 -11.76
CA ILE G 99 -36.27 5.86 -12.88
C ILE G 99 -35.27 5.96 -14.02
N TRP G 100 -35.62 5.34 -15.15
CA TRP G 100 -34.70 5.16 -16.26
C TRP G 100 -34.83 6.21 -17.36
N GLY G 101 -33.70 6.66 -17.87
CA GLY G 101 -33.68 7.52 -19.04
C GLY G 101 -33.94 6.67 -20.27
N ALA G 102 -34.29 7.30 -21.38
CA ALA G 102 -34.65 6.54 -22.58
C ALA G 102 -33.42 5.99 -23.33
N GLY G 103 -32.22 6.29 -22.82
CA GLY G 103 -31.00 5.76 -23.41
C GLY G 103 -30.38 6.62 -24.50
N THR G 104 -29.06 6.59 -24.56
CA THR G 104 -28.32 7.25 -25.63
C THR G 104 -27.61 6.21 -26.51
N LYS G 105 -28.00 6.14 -27.78
CA LYS G 105 -27.30 5.29 -28.74
C LYS G 105 -26.00 5.96 -29.20
N LEU G 106 -24.88 5.33 -28.90
CA LEU G 106 -23.58 5.88 -29.29
C LEU G 106 -23.09 5.20 -30.59
N ILE G 107 -22.90 6.01 -31.63
CA ILE G 107 -22.42 5.50 -32.91
C ILE G 107 -20.98 5.93 -33.09
N ILE G 108 -20.13 5.00 -33.51
CA ILE G 108 -18.72 5.29 -33.67
C ILE G 108 -18.26 5.10 -35.10
N LYS G 109 -17.66 6.15 -35.65
CA LYS G 109 -17.07 6.12 -36.98
C LYS G 109 -15.68 5.53 -36.94
N PRO G 110 -15.46 4.44 -37.69
CA PRO G 110 -14.10 3.87 -37.77
C PRO G 110 -13.12 4.79 -38.49
N ASP G 111 -11.86 4.69 -38.10
CA ASP G 111 -10.78 5.35 -38.82
C ASP G 111 -10.39 4.53 -40.06
N ILE G 112 -10.87 4.95 -41.22
CA ILE G 112 -10.56 4.20 -42.44
C ILE G 112 -9.21 4.65 -42.98
N GLN G 113 -8.24 3.75 -42.88
CA GLN G 113 -6.83 4.02 -43.19
C GLN G 113 -6.60 4.31 -44.67
N ASN G 114 -6.99 3.35 -45.52
CA ASN G 114 -6.84 3.47 -46.96
C ASN G 114 -8.19 3.36 -47.66
N PRO G 115 -8.91 4.48 -47.79
CA PRO G 115 -10.22 4.42 -48.45
C PRO G 115 -10.09 4.04 -49.92
N ASP G 116 -10.98 3.16 -50.36
CA ASP G 116 -10.97 2.70 -51.73
C ASP G 116 -12.41 2.50 -52.19
N PRO G 117 -13.20 3.60 -52.18
CA PRO G 117 -14.64 3.47 -52.42
C PRO G 117 -14.94 2.84 -53.77
N ALA G 118 -15.93 1.97 -53.76
CA ALA G 118 -16.29 1.22 -54.93
C ALA G 118 -17.70 0.66 -54.78
N VAL G 119 -18.37 0.47 -55.90
CA VAL G 119 -19.64 -0.26 -55.94
C VAL G 119 -19.44 -1.52 -56.77
N TYR G 120 -19.69 -2.68 -56.16
CA TYR G 120 -19.51 -3.93 -56.87
C TYR G 120 -20.85 -4.62 -57.09
N GLN G 121 -20.95 -5.37 -58.19
CA GLN G 121 -22.12 -6.21 -58.39
C GLN G 121 -21.76 -7.61 -58.00
N LEU G 122 -22.49 -8.18 -57.04
CA LEU G 122 -22.22 -9.53 -56.62
C LEU G 122 -22.81 -10.48 -57.63
N ARG G 123 -22.39 -11.73 -57.61
CA ARG G 123 -22.90 -12.71 -58.55
C ARG G 123 -24.35 -13.05 -58.22
N ASP G 124 -25.16 -13.20 -59.24
CA ASP G 124 -26.53 -13.67 -59.09
C ASP G 124 -26.56 -15.01 -58.37
N SER G 125 -27.61 -15.25 -57.60
CA SER G 125 -27.89 -16.58 -57.03
C SER G 125 -28.90 -17.34 -57.89
N LYS G 126 -28.61 -18.62 -58.13
CA LYS G 126 -29.52 -19.50 -58.89
C LYS G 126 -30.90 -19.57 -58.27
N SER G 127 -30.99 -19.23 -56.98
CA SER G 127 -32.22 -19.42 -56.22
C SER G 127 -32.94 -18.12 -55.90
N SER G 128 -32.50 -17.03 -56.49
CA SER G 128 -33.09 -15.73 -56.17
C SER G 128 -33.39 -14.87 -57.40
N ASP G 129 -34.54 -14.22 -57.32
CA ASP G 129 -34.97 -13.08 -58.11
C ASP G 129 -34.02 -11.85 -58.20
N LYS G 130 -33.14 -11.69 -57.24
CA LYS G 130 -32.52 -10.39 -56.98
C LYS G 130 -31.17 -10.12 -57.65
N SER G 131 -30.94 -8.87 -58.07
CA SER G 131 -29.57 -8.40 -58.31
C SER G 131 -29.07 -7.66 -57.07
N VAL G 132 -27.80 -7.88 -56.71
CA VAL G 132 -27.22 -7.32 -55.49
C VAL G 132 -25.97 -6.49 -55.75
N CYS G 133 -25.96 -5.30 -55.15
CA CYS G 133 -24.89 -4.32 -55.29
C CYS G 133 -24.27 -3.98 -53.94
N LEU G 134 -22.95 -3.91 -53.89
CA LEU G 134 -22.26 -3.60 -52.64
C LEU G 134 -21.46 -2.31 -52.79
N PHE G 135 -21.82 -1.32 -51.99
CA PHE G 135 -21.06 -0.07 -51.87
C PHE G 135 -20.10 -0.27 -50.71
N THR G 136 -18.79 -0.18 -50.96
CA THR G 136 -17.86 -0.61 -49.92
C THR G 136 -16.54 0.17 -49.91
N ASP G 137 -15.83 0.06 -48.79
CA ASP G 137 -14.48 0.60 -48.58
C ASP G 137 -14.40 2.12 -48.64
N PHE G 138 -15.53 2.78 -48.40
CA PHE G 138 -15.58 4.24 -48.36
C PHE G 138 -15.26 4.79 -46.98
N ASP G 139 -14.88 6.06 -46.95
CA ASP G 139 -14.56 6.76 -45.72
C ASP G 139 -15.81 6.93 -44.84
N SER G 140 -15.62 6.98 -43.53
CA SER G 140 -16.72 7.03 -42.57
C SER G 140 -17.53 8.32 -42.63
N GLN G 141 -17.04 9.33 -43.34
CA GLN G 141 -17.78 10.56 -43.51
C GLN G 141 -18.94 10.39 -44.48
N THR G 142 -18.87 9.37 -45.32
CA THR G 142 -19.94 9.09 -46.28
C THR G 142 -21.19 8.58 -45.56
N ASN G 143 -22.34 9.16 -45.90
CA ASN G 143 -23.63 8.71 -45.37
C ASN G 143 -24.39 7.96 -46.46
N VAL G 144 -25.09 6.90 -46.10
CA VAL G 144 -25.90 6.16 -47.08
C VAL G 144 -27.37 6.51 -46.95
N SER G 145 -27.97 7.02 -48.03
CA SER G 145 -29.39 7.36 -48.03
C SER G 145 -30.27 6.18 -48.42
N GLN G 146 -31.50 6.18 -47.90
CA GLN G 146 -32.51 5.19 -48.26
C GLN G 146 -32.86 5.28 -49.75
N SER G 147 -33.45 4.23 -50.31
CA SER G 147 -33.82 4.25 -51.72
C SER G 147 -35.01 5.16 -51.98
N LYS G 148 -35.01 5.82 -53.14
CA LYS G 148 -36.15 6.63 -53.57
C LYS G 148 -37.15 5.77 -54.34
N ASP G 149 -36.68 4.61 -54.81
CA ASP G 149 -37.53 3.65 -55.52
C ASP G 149 -38.04 2.59 -54.54
N SER G 150 -39.36 2.42 -54.49
CA SER G 150 -39.98 1.52 -53.53
C SER G 150 -39.67 0.06 -53.79
N ASP G 151 -39.13 -0.25 -54.97
CA ASP G 151 -38.76 -1.63 -55.29
C ASP G 151 -37.25 -1.83 -55.24
N VAL G 152 -36.52 -0.81 -54.81
CA VAL G 152 -35.11 -0.99 -54.52
C VAL G 152 -34.92 -0.91 -53.01
N TYR G 153 -34.17 -1.86 -52.47
CA TYR G 153 -33.92 -1.88 -51.04
C TYR G 153 -32.46 -1.57 -50.75
N ILE G 154 -32.23 -0.62 -49.85
CA ILE G 154 -30.89 -0.22 -49.50
C ILE G 154 -30.68 -0.26 -47.98
N THR G 155 -29.64 -0.96 -47.60
CA THR G 155 -29.26 -1.18 -46.21
C THR G 155 -28.27 -0.10 -45.73
N ASP G 156 -28.32 0.26 -44.45
CA ASP G 156 -27.43 1.31 -43.91
C ASP G 156 -25.99 0.79 -43.74
N LYS G 157 -25.04 1.70 -43.59
CA LYS G 157 -23.64 1.29 -43.58
C LYS G 157 -23.34 0.44 -42.35
N CYS G 158 -22.44 -0.52 -42.54
CA CYS G 158 -22.15 -1.54 -41.56
C CYS G 158 -20.64 -1.65 -41.48
N VAL G 159 -20.06 -1.64 -40.28
CA VAL G 159 -18.61 -1.72 -40.15
C VAL G 159 -18.15 -3.15 -39.88
N LEU G 160 -17.41 -3.73 -40.83
CA LEU G 160 -16.91 -5.08 -40.60
C LEU G 160 -15.43 -5.03 -40.28
N ASP G 161 -15.00 -6.00 -39.48
CA ASP G 161 -13.65 -6.03 -38.97
C ASP G 161 -13.00 -7.38 -39.31
N MET G 162 -12.04 -7.35 -40.23
CA MET G 162 -11.28 -8.54 -40.54
C MET G 162 -10.09 -8.63 -39.60
N ARG G 163 -10.29 -9.29 -38.47
CA ARG G 163 -9.33 -9.25 -37.35
C ARG G 163 -7.97 -9.83 -37.72
N SER G 164 -7.97 -10.84 -38.59
CA SER G 164 -6.73 -11.48 -39.04
C SER G 164 -5.80 -10.49 -39.73
N MET G 165 -6.38 -9.54 -40.48
CA MET G 165 -5.57 -8.55 -41.19
C MET G 165 -5.61 -7.18 -40.52
N ASP G 166 -6.23 -7.11 -39.35
CA ASP G 166 -6.43 -5.85 -38.64
C ASP G 166 -6.98 -4.77 -39.58
N PHE G 167 -8.06 -5.10 -40.27
CA PHE G 167 -8.60 -4.27 -41.34
C PHE G 167 -10.09 -4.02 -41.13
N LYS G 168 -10.52 -2.76 -41.21
CA LYS G 168 -11.93 -2.42 -41.09
C LYS G 168 -12.46 -1.77 -42.37
N SER G 169 -13.73 -2.01 -42.68
CA SER G 169 -14.35 -1.36 -43.84
C SER G 169 -15.86 -1.12 -43.69
N ASN G 170 -16.30 0.04 -44.18
CA ASN G 170 -17.72 0.33 -44.33
C ASN G 170 -18.30 -0.31 -45.57
N SER G 171 -19.58 -0.69 -45.50
CA SER G 171 -20.33 -1.01 -46.69
C SER G 171 -21.83 -0.98 -46.48
N ALA G 172 -22.55 -0.80 -47.57
CA ALA G 172 -24.00 -0.85 -47.60
C ALA G 172 -24.42 -1.71 -48.78
N VAL G 173 -25.56 -2.38 -48.64
CA VAL G 173 -26.04 -3.29 -49.67
C VAL G 173 -27.34 -2.76 -50.30
N ALA G 174 -27.42 -2.81 -51.61
CA ALA G 174 -28.65 -2.47 -52.33
C ALA G 174 -29.07 -3.65 -53.19
N TRP G 175 -30.37 -3.88 -53.30
CA TRP G 175 -30.85 -4.95 -54.15
C TRP G 175 -32.25 -4.71 -54.69
N SER G 176 -32.55 -5.35 -55.81
CA SER G 176 -33.84 -5.23 -56.45
C SER G 176 -34.02 -6.37 -57.44
N ASN G 177 -35.26 -6.67 -57.80
CA ASN G 177 -35.49 -7.64 -58.87
C ASN G 177 -36.01 -6.94 -60.12
N LYS G 178 -36.08 -5.61 -60.07
CA LYS G 178 -36.52 -4.82 -61.21
C LYS G 178 -35.59 -4.99 -62.39
N SER G 179 -36.16 -5.02 -63.58
CA SER G 179 -35.37 -5.14 -64.80
C SER G 179 -34.52 -3.89 -65.01
N ASP G 180 -34.98 -2.77 -64.45
CA ASP G 180 -34.25 -1.51 -64.48
C ASP G 180 -32.87 -1.64 -63.85
N PHE G 181 -32.86 -2.26 -62.68
CA PHE G 181 -31.77 -2.18 -61.70
C PHE G 181 -30.35 -2.41 -62.23
N ALA G 182 -29.51 -1.39 -62.04
CA ALA G 182 -28.08 -1.49 -62.29
C ALA G 182 -27.33 -0.95 -61.09
N CYS G 183 -26.17 -1.54 -60.81
CA CYS G 183 -25.40 -1.12 -59.66
C CYS G 183 -24.84 0.28 -59.89
N ALA G 184 -24.64 0.63 -61.16
CA ALA G 184 -24.15 1.95 -61.53
C ALA G 184 -25.06 3.07 -61.00
N ASN G 185 -26.35 2.77 -60.87
CA ASN G 185 -27.33 3.75 -60.41
C ASN G 185 -27.92 3.43 -59.04
N ALA G 186 -27.57 2.28 -58.49
CA ALA G 186 -28.17 1.78 -57.25
C ALA G 186 -28.15 2.79 -56.10
N PHE G 187 -27.03 3.47 -55.92
CA PHE G 187 -26.85 4.42 -54.81
C PHE G 187 -26.92 5.87 -55.26
N ASN G 188 -27.71 6.13 -56.31
CA ASN G 188 -27.86 7.47 -56.88
C ASN G 188 -28.44 8.51 -55.94
N ASN G 189 -29.19 8.07 -54.93
CA ASN G 189 -29.76 9.03 -54.00
C ASN G 189 -28.85 9.32 -52.80
N SER G 190 -27.68 8.70 -52.80
CA SER G 190 -26.68 8.99 -51.78
C SER G 190 -25.63 9.92 -52.35
N ILE G 191 -25.00 10.70 -51.48
CA ILE G 191 -23.83 11.48 -51.86
C ILE G 191 -22.61 10.58 -51.65
N ILE G 192 -22.04 10.09 -52.75
CA ILE G 192 -20.92 9.16 -52.68
C ILE G 192 -19.63 9.86 -53.13
N PRO G 193 -18.47 9.38 -52.67
CA PRO G 193 -17.19 9.99 -53.05
C PRO G 193 -17.02 10.08 -54.56
N GLU G 194 -16.44 11.19 -54.99
CA GLU G 194 -16.14 11.46 -56.39
C GLU G 194 -15.37 10.35 -57.06
N ASP G 195 -14.43 9.77 -56.31
CA ASP G 195 -13.53 8.78 -56.88
C ASP G 195 -14.03 7.36 -56.69
N THR G 196 -15.34 7.20 -56.44
CA THR G 196 -15.90 5.88 -56.26
C THR G 196 -15.66 5.02 -57.51
N PHE G 197 -15.12 3.82 -57.30
CA PHE G 197 -14.78 2.90 -58.38
C PHE G 197 -16.01 2.13 -58.86
N PHE G 198 -16.31 2.24 -60.16
CA PHE G 198 -17.42 1.54 -60.80
C PHE G 198 -16.95 0.61 -61.90
N PRO G 199 -16.69 -0.66 -61.57
CA PRO G 199 -16.26 -1.63 -62.58
C PRO G 199 -17.31 -1.83 -63.69
N SER G 200 -16.85 -1.91 -64.93
CA SER G 200 -17.75 -2.10 -66.06
C SER G 200 -18.57 -3.39 -65.95
N PRO G 201 -19.82 -3.34 -66.45
CA PRO G 201 -20.72 -4.49 -66.46
C PRO G 201 -20.17 -5.64 -67.30
N ILE H 2 -21.72 -20.29 -12.22
CA ILE H 2 -22.93 -19.91 -11.49
C ILE H 2 -24.15 -19.92 -12.41
N ALA H 3 -23.95 -19.45 -13.64
CA ALA H 3 -25.02 -19.28 -14.63
C ALA H 3 -26.11 -18.33 -14.12
N GLY H 4 -25.67 -17.31 -13.39
CA GLY H 4 -26.49 -16.22 -12.89
C GLY H 4 -27.99 -16.21 -13.07
N ILE H 5 -28.47 -15.35 -13.95
CA ILE H 5 -29.91 -15.18 -14.12
C ILE H 5 -30.36 -15.57 -15.55
N THR H 6 -31.37 -16.44 -15.64
CA THR H 6 -31.86 -16.90 -16.94
C THR H 6 -33.34 -16.62 -17.15
N GLN H 7 -33.65 -16.28 -18.39
CA GLN H 7 -34.98 -15.89 -18.83
C GLN H 7 -35.44 -16.80 -19.97
N ALA H 8 -36.69 -17.27 -19.92
CA ALA H 8 -37.20 -18.16 -20.97
C ALA H 8 -38.71 -18.07 -21.17
N PRO H 9 -39.17 -18.14 -22.42
CA PRO H 9 -38.38 -18.20 -23.67
C PRO H 9 -37.79 -16.85 -24.04
N THR H 10 -36.87 -16.81 -25.00
CA THR H 10 -36.22 -15.57 -25.40
C THR H 10 -36.89 -14.88 -26.60
N SER H 11 -37.69 -15.65 -27.34
CA SER H 11 -38.47 -15.13 -28.48
C SER H 11 -39.82 -15.82 -28.52
N GLN H 12 -40.90 -15.08 -28.77
CA GLN H 12 -42.22 -15.69 -28.83
C GLN H 12 -43.22 -14.85 -29.60
N ILE H 13 -43.81 -15.46 -30.62
CA ILE H 13 -45.00 -14.90 -31.27
C ILE H 13 -46.22 -15.40 -30.51
N LEU H 14 -47.20 -14.54 -30.35
CA LEU H 14 -48.37 -14.87 -29.54
C LEU H 14 -49.65 -14.33 -30.16
N ALA H 15 -50.67 -15.18 -30.28
CA ALA H 15 -51.99 -14.72 -30.73
C ALA H 15 -52.68 -13.95 -29.61
N ALA H 16 -53.38 -12.88 -29.96
CA ALA H 16 -54.07 -12.06 -28.97
C ALA H 16 -55.15 -12.88 -28.26
N GLY H 17 -55.10 -12.86 -26.94
CA GLY H 17 -56.06 -13.61 -26.15
C GLY H 17 -55.42 -14.78 -25.41
N ARG H 18 -54.26 -15.22 -25.90
CA ARG H 18 -53.57 -16.37 -25.32
C ARG H 18 -52.90 -16.01 -24.00
N ARG H 19 -52.80 -16.98 -23.10
CA ARG H 19 -52.16 -16.78 -21.81
C ARG H 19 -50.71 -17.23 -21.87
N MET H 20 -49.81 -16.37 -21.40
CA MET H 20 -48.37 -16.60 -21.48
C MET H 20 -47.66 -16.36 -20.15
N THR H 21 -46.77 -17.27 -19.77
CA THR H 21 -45.91 -17.01 -18.62
C THR H 21 -44.46 -16.98 -19.05
N LEU H 22 -43.74 -15.94 -18.65
CA LEU H 22 -42.31 -15.85 -18.87
C LEU H 22 -41.57 -16.25 -17.62
N ARG H 23 -40.62 -17.17 -17.76
CA ARG H 23 -39.88 -17.67 -16.62
C ARG H 23 -38.60 -16.87 -16.37
N CYS H 24 -38.27 -16.69 -15.11
CA CYS H 24 -37.03 -16.06 -14.73
C CYS H 24 -36.47 -16.76 -13.50
N THR H 25 -35.23 -17.20 -13.58
CA THR H 25 -34.59 -17.88 -12.47
C THR H 25 -33.20 -17.30 -12.27
N GLN H 26 -32.80 -17.18 -11.01
CA GLN H 26 -31.44 -16.78 -10.74
C GLN H 26 -30.88 -17.64 -9.62
N ASP H 27 -29.60 -17.90 -9.73
CA ASP H 27 -28.87 -18.89 -8.94
C ASP H 27 -27.98 -18.19 -7.91
N MET H 28 -28.11 -16.87 -7.83
CA MET H 28 -27.18 -16.02 -7.06
C MET H 28 -27.67 -15.64 -5.66
N ARG H 29 -28.80 -16.20 -5.25
CA ARG H 29 -29.43 -15.93 -3.98
C ARG H 29 -29.77 -14.44 -3.80
N HIS H 30 -30.05 -13.75 -4.90
CA HIS H 30 -30.46 -12.36 -4.81
C HIS H 30 -31.87 -12.30 -4.23
N ASN H 31 -32.11 -11.36 -3.32
CA ASN H 31 -33.42 -11.23 -2.73
C ASN H 31 -34.39 -10.42 -3.59
N ALA H 32 -33.88 -9.51 -4.40
CA ALA H 32 -34.75 -8.64 -5.18
C ALA H 32 -34.76 -9.02 -6.66
N MET H 33 -35.97 -9.11 -7.24
CA MET H 33 -36.12 -9.39 -8.67
C MET H 33 -37.12 -8.42 -9.31
N TYR H 34 -36.96 -8.19 -10.61
CA TYR H 34 -37.70 -7.14 -11.32
C TYR H 34 -38.14 -7.57 -12.70
N TRP H 35 -39.31 -7.13 -13.15
CA TRP H 35 -39.68 -7.28 -14.56
C TRP H 35 -39.86 -5.90 -15.19
N TYR H 36 -39.07 -5.64 -16.23
CA TYR H 36 -39.16 -4.44 -17.07
C TYR H 36 -39.66 -4.78 -18.48
N ARG H 37 -40.33 -3.83 -19.10
CA ARG H 37 -40.50 -3.91 -20.55
C ARG H 37 -39.71 -2.78 -21.18
N GLN H 38 -39.09 -3.08 -22.32
CA GLN H 38 -38.33 -2.09 -23.05
C GLN H 38 -39.01 -1.82 -24.37
N ASP H 39 -39.40 -0.57 -24.57
CA ASP H 39 -40.02 -0.14 -25.81
C ASP H 39 -39.26 1.03 -26.40
N LEU H 40 -39.27 1.12 -27.73
CA LEU H 40 -38.56 2.16 -28.45
C LEU H 40 -38.92 3.57 -27.97
N GLY H 41 -37.91 4.37 -27.70
CA GLY H 41 -38.11 5.76 -27.32
C GLY H 41 -38.46 5.98 -25.86
N LEU H 42 -38.47 4.89 -25.09
CA LEU H 42 -38.78 5.00 -23.67
C LEU H 42 -37.68 4.41 -22.82
N GLY H 43 -37.58 4.87 -21.59
CA GLY H 43 -36.74 4.21 -20.62
C GLY H 43 -37.43 2.94 -20.17
N LEU H 44 -36.66 2.00 -19.62
CA LEU H 44 -37.22 0.79 -19.05
C LEU H 44 -38.36 1.14 -18.10
N ARG H 45 -39.48 0.42 -18.23
CA ARG H 45 -40.63 0.66 -17.38
C ARG H 45 -40.87 -0.56 -16.52
N LEU H 46 -40.91 -0.36 -15.21
CA LEU H 46 -41.06 -1.45 -14.26
C LEU H 46 -42.48 -2.03 -14.28
N ILE H 47 -42.59 -3.35 -14.38
CA ILE H 47 -43.92 -3.98 -14.43
C ILE H 47 -44.41 -4.43 -13.05
N HIS H 48 -43.75 -5.42 -12.47
CA HIS H 48 -43.80 -5.66 -11.03
C HIS H 48 -42.43 -5.92 -10.51
N TYR H 49 -42.34 -6.11 -9.21
CA TYR H 49 -41.07 -6.41 -8.57
C TYR H 49 -41.27 -7.20 -7.29
N SER H 50 -40.18 -7.68 -6.74
CA SER H 50 -40.22 -8.46 -5.51
C SER H 50 -38.95 -8.25 -4.72
N ASN H 51 -39.08 -7.71 -3.51
CA ASN H 51 -37.89 -7.37 -2.71
C ASN H 51 -37.29 -8.57 -2.01
N THR H 52 -38.11 -9.61 -1.81
CA THR H 52 -37.69 -10.82 -1.11
C THR H 52 -38.74 -11.89 -1.34
N ALA H 53 -38.39 -13.15 -1.08
CA ALA H 53 -39.33 -14.25 -1.25
C ALA H 53 -40.56 -14.01 -0.39
N GLY H 54 -41.72 -14.36 -0.92
CA GLY H 54 -42.95 -14.23 -0.15
C GLY H 54 -43.71 -12.94 -0.36
N THR H 55 -43.18 -12.05 -1.20
CA THR H 55 -43.88 -10.79 -1.44
C THR H 55 -43.58 -10.22 -2.83
N THR H 56 -44.57 -9.52 -3.38
CA THR H 56 -44.40 -8.79 -4.63
C THR H 56 -45.11 -7.45 -4.56
N GLY H 57 -44.68 -6.52 -5.41
CA GLY H 57 -45.33 -5.22 -5.52
C GLY H 57 -45.53 -4.81 -6.97
N LYS H 58 -46.40 -3.83 -7.18
CA LYS H 58 -46.69 -3.36 -8.54
C LYS H 58 -45.75 -2.23 -8.96
N GLY H 59 -45.36 -2.24 -10.23
CA GLY H 59 -44.49 -1.21 -10.76
C GLY H 59 -45.27 -0.09 -11.44
N GLU H 60 -44.67 0.53 -12.44
CA GLU H 60 -45.31 1.61 -13.18
C GLU H 60 -46.44 1.10 -14.08
N VAL H 61 -46.22 -0.03 -14.75
CA VAL H 61 -47.18 -0.53 -15.72
C VAL H 61 -47.67 -1.97 -15.44
N PRO H 62 -48.36 -2.16 -14.31
CA PRO H 62 -48.79 -3.49 -13.86
C PRO H 62 -49.98 -4.10 -14.60
N ASP H 63 -50.81 -3.27 -15.23
CA ASP H 63 -52.09 -3.77 -15.74
C ASP H 63 -51.87 -4.72 -16.90
N GLY H 64 -52.47 -5.91 -16.79
CA GLY H 64 -52.35 -6.94 -17.81
C GLY H 64 -51.29 -7.99 -17.48
N TYR H 65 -50.66 -7.86 -16.30
CA TYR H 65 -49.61 -8.78 -15.89
C TYR H 65 -49.75 -9.19 -14.43
N SER H 66 -49.27 -10.39 -14.10
CA SER H 66 -49.16 -10.81 -12.69
C SER H 66 -47.82 -11.50 -12.43
N VAL H 67 -47.44 -11.55 -11.16
CA VAL H 67 -46.23 -12.25 -10.74
C VAL H 67 -46.47 -13.08 -9.49
N SER H 68 -45.52 -13.96 -9.16
CA SER H 68 -45.53 -14.64 -7.88
C SER H 68 -44.07 -14.81 -7.44
N ARG H 69 -43.85 -14.98 -6.14
CA ARG H 69 -42.51 -15.17 -5.60
C ARG H 69 -42.58 -16.06 -4.37
N ALA H 70 -42.98 -17.32 -4.58
CA ALA H 70 -43.00 -18.28 -3.48
C ALA H 70 -41.59 -18.48 -2.95
N ASN H 71 -40.61 -18.40 -3.85
CA ASN H 71 -39.24 -18.76 -3.54
C ASN H 71 -38.25 -17.73 -4.02
N THR H 72 -37.03 -17.79 -3.50
CA THR H 72 -36.01 -16.81 -3.82
C THR H 72 -35.58 -16.83 -5.28
N ASP H 73 -35.47 -18.03 -5.84
CA ASP H 73 -34.90 -18.20 -7.18
C ASP H 73 -35.81 -17.81 -8.35
N ASP H 74 -37.12 -17.87 -8.15
CA ASP H 74 -38.05 -17.79 -9.27
C ASP H 74 -38.95 -16.56 -9.24
N PHE H 75 -39.17 -15.97 -10.41
CA PHE H 75 -40.04 -14.79 -10.52
C PHE H 75 -40.77 -14.81 -11.86
N PRO H 76 -41.77 -15.72 -12.00
CA PRO H 76 -42.51 -15.86 -13.26
C PRO H 76 -43.44 -14.68 -13.53
N LEU H 77 -43.41 -14.18 -14.77
CA LEU H 77 -44.28 -13.11 -15.22
C LEU H 77 -45.41 -13.68 -16.06
N THR H 78 -46.64 -13.57 -15.58
CA THR H 78 -47.77 -14.11 -16.31
C THR H 78 -48.58 -13.00 -16.98
N LEU H 79 -48.80 -13.17 -18.29
CA LEU H 79 -49.78 -12.40 -19.02
C LEU H 79 -51.06 -13.22 -19.13
N ALA H 80 -52.10 -12.84 -18.40
CA ALA H 80 -53.30 -13.68 -18.32
C ALA H 80 -54.07 -13.75 -19.63
N SER H 81 -54.01 -12.69 -20.42
CA SER H 81 -54.71 -12.65 -21.70
C SER H 81 -54.08 -11.64 -22.65
N ALA H 82 -53.10 -12.11 -23.42
CA ALA H 82 -52.25 -11.28 -24.27
C ALA H 82 -53.00 -10.25 -25.11
N VAL H 83 -52.43 -9.05 -25.14
CA VAL H 83 -52.96 -7.94 -25.91
C VAL H 83 -51.82 -7.40 -26.78
N PRO H 84 -52.15 -6.90 -27.98
CA PRO H 84 -51.16 -6.32 -28.90
C PRO H 84 -50.20 -5.33 -28.24
N SER H 85 -50.70 -4.48 -27.35
CA SER H 85 -49.82 -3.48 -26.72
C SER H 85 -48.78 -4.12 -25.79
N GLN H 86 -48.93 -5.40 -25.49
CA GLN H 86 -47.92 -6.12 -24.69
C GLN H 86 -46.79 -6.66 -25.58
N THR H 87 -46.84 -6.32 -26.87
CA THR H 87 -45.70 -6.50 -27.73
C THR H 87 -44.56 -5.63 -27.21
N SER H 88 -43.47 -6.28 -26.83
CA SER H 88 -42.36 -5.58 -26.20
C SER H 88 -41.15 -6.51 -26.04
N VAL H 89 -40.11 -5.97 -25.44
CA VAL H 89 -38.97 -6.79 -25.02
C VAL H 89 -38.94 -6.79 -23.51
N TYR H 90 -39.03 -7.99 -22.92
CA TYR H 90 -39.15 -8.11 -21.49
C TYR H 90 -37.84 -8.51 -20.83
N PHE H 91 -37.44 -7.73 -19.84
CA PHE H 91 -36.22 -8.02 -19.10
C PHE H 91 -36.49 -8.33 -17.65
N CYS H 92 -36.05 -9.50 -17.22
CA CYS H 92 -36.00 -9.83 -15.81
C CYS H 92 -34.66 -9.38 -15.25
N ALA H 93 -34.66 -8.75 -14.08
CA ALA H 93 -33.38 -8.38 -13.47
C ALA H 93 -33.41 -8.72 -12.00
N SER H 94 -32.24 -9.03 -11.44
CA SER H 94 -32.15 -9.28 -10.02
C SER H 94 -31.09 -8.41 -9.36
N SER H 95 -31.24 -8.22 -8.06
CA SER H 95 -30.27 -7.49 -7.27
C SER H 95 -30.19 -8.13 -5.89
N GLU H 96 -29.00 -8.16 -5.32
CA GLU H 96 -28.78 -8.81 -4.03
C GLU H 96 -29.77 -8.30 -2.99
N ALA H 97 -29.94 -6.97 -2.95
CA ALA H 97 -30.93 -6.32 -2.10
C ALA H 97 -31.63 -5.21 -2.86
N GLY H 98 -32.88 -4.93 -2.50
CA GLY H 98 -33.64 -3.90 -3.16
C GLY H 98 -33.33 -2.54 -2.57
N GLY H 99 -33.19 -1.54 -3.42
CA GLY H 99 -33.16 -0.16 -2.99
C GLY H 99 -31.85 0.37 -2.44
N ASN H 100 -30.75 -0.35 -2.66
CA ASN H 100 -29.44 0.14 -2.23
C ASN H 100 -28.52 0.30 -3.44
N THR H 101 -27.21 0.39 -3.20
CA THR H 101 -26.28 0.69 -4.30
C THR H 101 -25.89 -0.53 -5.13
N GLY H 102 -26.21 -1.74 -4.66
CA GLY H 102 -25.87 -2.94 -5.41
C GLY H 102 -26.57 -2.94 -6.77
N GLU H 103 -25.82 -3.28 -7.81
CA GLU H 103 -26.34 -3.12 -9.17
C GLU H 103 -27.33 -4.21 -9.55
N LEU H 104 -27.98 -4.02 -10.70
CA LEU H 104 -28.88 -5.01 -11.24
C LEU H 104 -28.12 -5.94 -12.18
N PHE H 105 -28.56 -7.20 -12.21
CA PHE H 105 -28.10 -8.18 -13.17
C PHE H 105 -29.27 -8.60 -14.06
N PHE H 106 -29.12 -8.40 -15.37
CA PHE H 106 -30.14 -8.76 -16.35
C PHE H 106 -29.75 -10.16 -16.92
N GLY H 107 -30.70 -11.03 -17.32
CA GLY H 107 -31.93 -10.69 -17.99
C GLY H 107 -31.62 -10.72 -19.47
N GLU H 108 -31.89 -11.82 -20.17
CA GLU H 108 -31.34 -11.96 -21.52
C GLU H 108 -31.89 -11.06 -22.67
N GLY H 109 -33.13 -10.58 -22.71
CA GLY H 109 -34.31 -11.05 -22.01
C GLY H 109 -35.24 -11.69 -23.04
N SER H 110 -36.50 -11.28 -23.12
CA SER H 110 -37.46 -12.01 -23.96
C SER H 110 -38.28 -11.15 -24.92
N ARG H 111 -38.15 -11.43 -26.20
CA ARG H 111 -38.89 -10.67 -27.21
C ARG H 111 -40.26 -11.31 -27.48
N LEU H 112 -41.29 -10.51 -27.30
CA LEU H 112 -42.66 -10.99 -27.41
C LEU H 112 -43.43 -10.10 -28.36
N THR H 113 -44.03 -10.71 -29.38
CA THR H 113 -44.87 -9.98 -30.31
C THR H 113 -46.27 -10.58 -30.28
N VAL H 114 -47.24 -9.76 -29.91
CA VAL H 114 -48.63 -10.17 -29.82
C VAL H 114 -49.41 -9.67 -31.03
N LEU H 115 -50.04 -10.60 -31.74
CA LEU H 115 -50.79 -10.30 -32.97
C LEU H 115 -52.26 -10.65 -32.81
N GLU H 116 -53.13 -9.78 -33.31
CA GLU H 116 -54.56 -10.04 -33.28
C GLU H 116 -54.86 -11.18 -34.24
N ASP H 117 -54.07 -11.26 -35.30
CA ASP H 117 -54.27 -12.27 -36.34
C ASP H 117 -52.90 -12.73 -36.84
N LEU H 118 -52.72 -14.04 -37.00
CA LEU H 118 -51.44 -14.58 -37.42
C LEU H 118 -51.28 -14.64 -38.94
N LYS H 119 -52.25 -14.09 -39.67
CA LYS H 119 -52.35 -14.31 -41.12
C LYS H 119 -51.21 -13.74 -41.94
N ASN H 120 -50.45 -12.81 -41.38
CA ASN H 120 -49.41 -12.12 -42.15
C ASN H 120 -48.01 -12.54 -41.71
N VAL H 121 -47.94 -13.55 -40.83
CA VAL H 121 -46.66 -14.10 -40.41
C VAL H 121 -45.98 -14.80 -41.59
N PHE H 122 -44.71 -14.48 -41.78
CA PHE H 122 -43.92 -14.97 -42.90
C PHE H 122 -42.50 -15.29 -42.44
N PRO H 123 -41.97 -16.45 -42.86
CA PRO H 123 -40.56 -16.75 -42.60
C PRO H 123 -39.65 -16.03 -43.61
N PRO H 124 -38.34 -15.93 -43.33
CA PRO H 124 -37.49 -15.23 -44.30
C PRO H 124 -37.17 -16.07 -45.54
N GLU H 125 -37.08 -15.40 -46.69
CA GLU H 125 -36.38 -15.99 -47.83
C GLU H 125 -34.90 -15.68 -47.64
N VAL H 126 -34.06 -16.71 -47.75
CA VAL H 126 -32.62 -16.50 -47.54
C VAL H 126 -31.87 -16.81 -48.82
N ALA H 127 -30.98 -15.92 -49.21
CA ALA H 127 -30.17 -16.12 -50.43
C ALA H 127 -28.75 -15.58 -50.21
N VAL H 128 -27.79 -16.28 -50.80
CA VAL H 128 -26.39 -15.92 -50.67
C VAL H 128 -25.84 -15.55 -52.04
N PHE H 129 -25.13 -14.43 -52.10
CA PHE H 129 -24.58 -13.93 -53.34
C PHE H 129 -23.06 -13.92 -53.28
N GLU H 130 -22.44 -14.49 -54.30
CA GLU H 130 -20.99 -14.69 -54.30
C GLU H 130 -20.24 -13.41 -54.69
N PRO H 131 -18.97 -13.30 -54.24
CA PRO H 131 -18.28 -12.02 -54.38
C PRO H 131 -18.11 -11.59 -55.82
N SER H 132 -17.99 -10.28 -56.01
CA SER H 132 -17.61 -9.70 -57.28
C SER H 132 -16.17 -10.05 -57.65
N GLU H 133 -15.96 -10.54 -58.87
CA GLU H 133 -14.61 -10.75 -59.38
C GLU H 133 -13.83 -9.45 -59.46
N ALA H 134 -14.53 -8.36 -59.76
CA ALA H 134 -13.90 -7.04 -59.77
C ALA H 134 -13.36 -6.70 -58.38
N GLU H 135 -14.10 -7.05 -57.34
CA GLU H 135 -13.64 -6.77 -55.97
C GLU H 135 -12.37 -7.53 -55.69
N ILE H 136 -12.37 -8.81 -56.07
CA ILE H 136 -11.23 -9.69 -55.85
C ILE H 136 -9.99 -9.12 -56.58
N SER H 137 -10.16 -8.73 -57.83
CA SER H 137 -9.07 -8.14 -58.62
C SER H 137 -8.54 -6.86 -57.99
N HIS H 138 -9.44 -6.02 -57.51
CA HIS H 138 -9.09 -4.68 -57.08
C HIS H 138 -8.52 -4.63 -55.68
N THR H 139 -9.01 -5.50 -54.80
CA THR H 139 -8.73 -5.36 -53.37
C THR H 139 -8.06 -6.58 -52.77
N GLN H 140 -8.03 -7.66 -53.55
CA GLN H 140 -7.58 -8.97 -53.09
C GLN H 140 -8.36 -9.43 -51.86
N LYS H 141 -9.60 -8.98 -51.75
CA LYS H 141 -10.53 -9.47 -50.73
C LYS H 141 -11.83 -9.90 -51.40
N ALA H 142 -12.65 -10.66 -50.69
CA ALA H 142 -13.89 -11.15 -51.29
C ALA H 142 -15.08 -11.06 -50.35
N THR H 143 -16.12 -10.34 -50.75
CA THR H 143 -17.27 -10.17 -49.86
C THR H 143 -18.48 -10.95 -50.35
N LEU H 144 -18.92 -11.92 -49.56
CA LEU H 144 -20.20 -12.58 -49.80
C LEU H 144 -21.32 -11.80 -49.13
N VAL H 145 -22.50 -11.78 -49.75
CA VAL H 145 -23.65 -11.13 -49.13
C VAL H 145 -24.76 -12.14 -48.88
N CYS H 146 -25.36 -12.06 -47.70
CA CYS H 146 -26.55 -12.84 -47.42
C CYS H 146 -27.74 -11.92 -47.22
N LEU H 147 -28.86 -12.26 -47.86
CA LEU H 147 -30.09 -11.49 -47.72
C LEU H 147 -31.19 -12.36 -47.15
N ALA H 148 -31.80 -11.90 -46.06
CA ALA H 148 -32.98 -12.50 -45.45
C ALA H 148 -34.13 -11.52 -45.63
N THR H 149 -35.08 -11.88 -46.48
CA THR H 149 -36.12 -10.93 -46.89
C THR H 149 -37.55 -11.48 -46.73
N GLY H 150 -38.50 -10.54 -46.65
CA GLY H 150 -39.90 -10.89 -46.60
C GLY H 150 -40.39 -11.56 -45.32
N PHE H 151 -39.70 -11.36 -44.20
CA PHE H 151 -40.16 -12.01 -42.97
C PHE H 151 -40.99 -11.09 -42.07
N TYR H 152 -41.83 -11.70 -41.24
CA TYR H 152 -42.68 -10.97 -40.30
C TYR H 152 -43.27 -11.90 -39.24
N PRO H 153 -43.16 -11.51 -37.96
CA PRO H 153 -42.45 -10.33 -37.49
C PRO H 153 -40.95 -10.47 -37.58
N ASP H 154 -40.23 -9.58 -36.90
CA ASP H 154 -38.79 -9.43 -37.09
C ASP H 154 -37.96 -10.25 -36.11
N HIS H 155 -38.48 -11.42 -35.71
CA HIS H 155 -37.74 -12.29 -34.79
C HIS H 155 -36.80 -13.22 -35.57
N VAL H 156 -35.64 -12.71 -35.96
CA VAL H 156 -34.65 -13.49 -36.70
C VAL H 156 -33.24 -13.37 -36.11
N GLU H 157 -32.46 -14.45 -36.25
CA GLU H 157 -31.04 -14.41 -35.92
C GLU H 157 -30.24 -14.98 -37.08
N LEU H 158 -29.40 -14.14 -37.67
CA LEU H 158 -28.58 -14.56 -38.81
C LEU H 158 -27.17 -14.93 -38.37
N SER H 159 -26.67 -16.05 -38.90
CA SER H 159 -25.29 -16.45 -38.64
C SER H 159 -24.61 -16.97 -39.90
N TRP H 160 -23.29 -16.82 -39.94
CA TRP H 160 -22.47 -17.37 -41.01
C TRP H 160 -21.74 -18.62 -40.56
N TRP H 161 -21.62 -19.58 -41.46
CA TRP H 161 -20.98 -20.85 -41.14
C TRP H 161 -19.94 -21.16 -42.19
N VAL H 162 -18.70 -21.34 -41.76
CA VAL H 162 -17.63 -21.61 -42.71
C VAL H 162 -17.03 -22.97 -42.39
N ASN H 163 -17.12 -23.88 -43.36
CA ASN H 163 -16.70 -25.26 -43.18
C ASN H 163 -17.30 -25.86 -41.90
N GLY H 164 -18.61 -25.70 -41.73
CA GLY H 164 -19.31 -26.32 -40.62
C GLY H 164 -19.25 -25.58 -39.30
N LYS H 165 -18.43 -24.54 -39.22
CA LYS H 165 -18.26 -23.82 -37.96
C LYS H 165 -18.76 -22.38 -38.08
N GLU H 166 -19.41 -21.89 -37.02
CA GLU H 166 -19.89 -20.52 -37.03
C GLU H 166 -18.72 -19.54 -36.95
N VAL H 167 -18.80 -18.46 -37.73
CA VAL H 167 -17.76 -17.44 -37.72
C VAL H 167 -18.32 -16.07 -37.35
N HIS H 168 -17.46 -15.19 -36.87
CA HIS H 168 -17.83 -13.83 -36.52
C HIS H 168 -16.85 -12.80 -37.09
N SER H 169 -15.58 -13.19 -37.22
CA SER H 169 -14.59 -12.30 -37.82
C SER H 169 -14.91 -12.06 -39.29
N GLY H 170 -14.87 -10.78 -39.69
CA GLY H 170 -15.13 -10.40 -41.06
C GLY H 170 -16.61 -10.36 -41.41
N VAL H 171 -17.45 -10.41 -40.37
CA VAL H 171 -18.90 -10.41 -40.54
C VAL H 171 -19.50 -9.07 -40.15
N CYS H 172 -20.40 -8.54 -40.97
CA CYS H 172 -21.22 -7.44 -40.48
C CYS H 172 -22.67 -7.62 -40.88
N THR H 173 -23.54 -7.75 -39.87
CA THR H 173 -24.99 -7.91 -40.08
C THR H 173 -25.67 -6.63 -39.66
N ASP H 174 -26.64 -6.12 -40.43
CA ASP H 174 -27.37 -4.92 -40.00
C ASP H 174 -27.87 -5.06 -38.57
N PRO H 175 -27.75 -3.98 -37.78
CA PRO H 175 -28.23 -4.00 -36.40
C PRO H 175 -29.73 -4.10 -36.37
N GLN H 176 -30.37 -3.45 -37.35
CA GLN H 176 -31.82 -3.44 -37.45
C GLN H 176 -32.27 -3.92 -38.82
N PRO H 177 -33.35 -4.70 -38.85
CA PRO H 177 -33.96 -5.08 -40.13
C PRO H 177 -34.67 -3.87 -40.75
N LEU H 178 -34.72 -3.78 -42.08
CA LEU H 178 -35.44 -2.68 -42.69
C LEU H 178 -36.85 -3.09 -43.12
N LYS H 179 -37.79 -2.16 -42.96
CA LYS H 179 -39.15 -2.34 -43.47
C LYS H 179 -39.14 -2.23 -44.98
N GLU H 180 -39.68 -3.25 -45.64
CA GLU H 180 -39.72 -3.29 -47.10
C GLU H 180 -40.72 -2.26 -47.62
N GLN H 181 -41.79 -2.06 -46.87
CA GLN H 181 -42.76 -1.01 -47.18
C GLN H 181 -42.99 -0.13 -45.95
N PRO H 182 -42.10 0.85 -45.72
CA PRO H 182 -42.07 1.72 -44.54
C PRO H 182 -43.41 2.33 -44.15
N ALA H 183 -44.33 2.46 -45.11
CA ALA H 183 -45.61 3.12 -44.85
C ALA H 183 -46.62 2.19 -44.18
N LEU H 184 -46.51 0.90 -44.43
CA LEU H 184 -47.49 -0.07 -43.91
C LEU H 184 -47.17 -0.52 -42.49
N ASN H 185 -48.20 -0.57 -41.65
CA ASN H 185 -48.04 -0.95 -40.25
C ASN H 185 -47.58 -2.39 -40.06
N ASP H 186 -48.00 -3.28 -40.95
CA ASP H 186 -47.61 -4.68 -40.87
C ASP H 186 -46.60 -5.07 -41.95
N SER H 187 -45.77 -4.10 -42.34
CA SER H 187 -44.74 -4.34 -43.34
C SER H 187 -43.86 -5.53 -43.00
N ARG H 188 -43.48 -6.30 -44.01
CA ARG H 188 -42.50 -7.35 -43.82
C ARG H 188 -41.09 -6.76 -43.80
N TYR H 189 -40.13 -7.56 -43.36
CA TYR H 189 -38.79 -7.07 -43.10
C TYR H 189 -37.72 -7.70 -43.97
N ALA H 190 -36.60 -6.98 -44.11
CA ALA H 190 -35.39 -7.48 -44.75
C ALA H 190 -34.17 -7.24 -43.85
N LEU H 191 -33.19 -8.11 -43.96
CA LEU H 191 -31.96 -8.03 -43.17
C LEU H 191 -30.80 -8.44 -44.06
N SER H 192 -29.72 -7.66 -44.08
CA SER H 192 -28.56 -8.01 -44.90
C SER H 192 -27.35 -8.33 -44.02
N SER H 193 -26.51 -9.24 -44.48
CA SER H 193 -25.26 -9.49 -43.77
C SER H 193 -24.13 -9.66 -44.77
N ARG H 194 -22.91 -9.35 -44.34
CA ARG H 194 -21.76 -9.59 -45.20
C ARG H 194 -20.69 -10.38 -44.49
N LEU H 195 -20.01 -11.21 -45.26
CA LEU H 195 -18.83 -11.93 -44.79
C LEU H 195 -17.71 -11.65 -45.78
N ARG H 196 -16.63 -11.06 -45.28
CA ARG H 196 -15.48 -10.72 -46.12
C ARG H 196 -14.27 -11.57 -45.77
N VAL H 197 -13.71 -12.22 -46.77
CA VAL H 197 -12.52 -13.03 -46.59
C VAL H 197 -11.42 -12.57 -47.54
N SER H 198 -10.19 -13.05 -47.31
CA SER H 198 -9.13 -12.89 -48.29
C SER H 198 -9.53 -13.57 -49.59
N ALA H 199 -8.98 -13.08 -50.69
CA ALA H 199 -9.21 -13.70 -51.99
C ALA H 199 -8.66 -15.13 -52.00
N THR H 200 -7.48 -15.34 -51.40
CA THR H 200 -6.91 -16.68 -51.33
C THR H 200 -7.82 -17.67 -50.59
N PHE H 201 -8.51 -17.20 -49.56
CA PHE H 201 -9.45 -18.06 -48.84
C PHE H 201 -10.64 -18.38 -49.74
N TRP H 202 -11.21 -17.34 -50.36
CA TRP H 202 -12.34 -17.53 -51.25
C TRP H 202 -11.97 -18.45 -52.42
N GLN H 203 -10.72 -18.37 -52.87
CA GLN H 203 -10.29 -19.12 -54.05
C GLN H 203 -9.92 -20.58 -53.77
N ASN H 204 -10.13 -21.05 -52.55
CA ASN H 204 -9.97 -22.47 -52.25
C ASN H 204 -11.30 -23.15 -52.53
N PRO H 205 -11.29 -24.12 -53.47
CA PRO H 205 -12.55 -24.76 -53.88
C PRO H 205 -13.22 -25.63 -52.82
N ARG H 206 -12.53 -25.93 -51.71
CA ARG H 206 -13.15 -26.76 -50.68
C ARG H 206 -13.74 -25.98 -49.50
N ASN H 207 -13.64 -24.66 -49.53
CA ASN H 207 -14.19 -23.84 -48.46
C ASN H 207 -15.70 -23.70 -48.61
N HIS H 208 -16.45 -24.08 -47.58
CA HIS H 208 -17.91 -24.00 -47.58
C HIS H 208 -18.39 -22.76 -46.87
N PHE H 209 -19.34 -22.06 -47.48
CA PHE H 209 -19.94 -20.88 -46.89
C PHE H 209 -21.46 -21.07 -46.81
N ARG H 210 -22.03 -20.88 -45.63
CA ARG H 210 -23.47 -21.01 -45.44
C ARG H 210 -23.99 -19.87 -44.59
N CYS H 211 -25.06 -19.24 -45.06
CA CYS H 211 -25.79 -18.25 -44.29
C CYS H 211 -27.01 -18.90 -43.65
N GLN H 212 -27.12 -18.82 -42.34
CA GLN H 212 -28.23 -19.42 -41.61
C GLN H 212 -29.14 -18.38 -40.95
N VAL H 213 -30.46 -18.50 -41.12
CA VAL H 213 -31.36 -17.60 -40.41
C VAL H 213 -32.38 -18.37 -39.59
N GLN H 214 -32.27 -18.20 -38.28
CA GLN H 214 -33.26 -18.73 -37.34
C GLN H 214 -34.45 -17.78 -37.32
N PHE H 215 -35.64 -18.34 -37.48
CA PHE H 215 -36.87 -17.55 -37.44
C PHE H 215 -37.71 -18.11 -36.32
N TYR H 216 -38.21 -17.23 -35.45
CA TYR H 216 -39.14 -17.64 -34.41
C TYR H 216 -40.53 -17.32 -34.89
N GLY H 217 -41.32 -18.36 -35.09
CA GLY H 217 -42.64 -18.23 -35.69
C GLY H 217 -43.72 -18.94 -34.90
N LEU H 218 -44.64 -19.59 -35.61
CA LEU H 218 -45.79 -20.19 -34.97
C LEU H 218 -45.43 -21.51 -34.32
N SER H 219 -46.27 -21.97 -33.41
CA SER H 219 -46.06 -23.26 -32.76
C SER H 219 -47.15 -24.23 -33.18
N GLU H 220 -46.98 -25.49 -32.78
CA GLU H 220 -47.93 -26.55 -33.11
C GLU H 220 -49.37 -26.16 -32.79
N ASN H 221 -49.58 -25.60 -31.60
CA ASN H 221 -50.93 -25.27 -31.13
C ASN H 221 -51.53 -24.00 -31.75
N ASP H 222 -50.71 -23.19 -32.43
CA ASP H 222 -51.25 -22.07 -33.17
C ASP H 222 -52.13 -22.53 -34.33
N GLU H 223 -53.29 -21.90 -34.49
CA GLU H 223 -54.20 -22.18 -35.59
C GLU H 223 -53.65 -21.63 -36.89
N TRP H 224 -53.77 -22.40 -37.97
CA TRP H 224 -53.35 -21.93 -39.28
C TRP H 224 -54.38 -22.24 -40.34
N THR H 225 -54.78 -21.20 -41.09
CA THR H 225 -55.82 -21.37 -42.11
C THR H 225 -55.44 -20.92 -43.51
N GLN H 226 -54.24 -20.35 -43.68
CA GLN H 226 -53.82 -19.84 -44.99
C GLN H 226 -53.40 -20.95 -45.96
N ASP H 227 -53.43 -20.62 -47.26
CA ASP H 227 -53.07 -21.56 -48.32
C ASP H 227 -51.59 -21.87 -48.33
N ARG H 228 -50.79 -20.97 -47.78
CA ARG H 228 -49.34 -21.17 -47.78
C ARG H 228 -48.93 -21.97 -46.56
N ALA H 229 -47.67 -22.39 -46.54
CA ALA H 229 -47.13 -23.19 -45.46
C ALA H 229 -47.22 -22.46 -44.13
N LYS H 230 -47.66 -23.18 -43.10
CA LYS H 230 -47.67 -22.63 -41.75
C LYS H 230 -46.26 -22.15 -41.38
N PRO H 231 -46.13 -20.85 -41.09
CA PRO H 231 -44.86 -20.19 -40.76
C PRO H 231 -44.39 -20.51 -39.35
N VAL H 232 -44.08 -21.79 -39.14
CA VAL H 232 -43.59 -22.29 -37.86
C VAL H 232 -42.15 -21.81 -37.59
N THR H 233 -41.71 -21.90 -36.34
CA THR H 233 -40.34 -21.62 -35.97
C THR H 233 -39.39 -22.52 -36.76
N GLN H 234 -38.43 -21.92 -37.45
CA GLN H 234 -37.65 -22.68 -38.41
C GLN H 234 -36.30 -22.05 -38.72
N ILE H 235 -35.45 -22.86 -39.34
CA ILE H 235 -34.16 -22.38 -39.80
C ILE H 235 -34.10 -22.46 -41.33
N VAL H 236 -33.88 -21.30 -41.95
CA VAL H 236 -33.75 -21.18 -43.40
C VAL H 236 -32.31 -20.84 -43.76
N SER H 237 -31.73 -21.57 -44.71
CA SER H 237 -30.32 -21.42 -45.08
C SER H 237 -30.05 -21.30 -46.56
N ALA H 238 -28.89 -20.77 -46.90
CA ALA H 238 -28.39 -20.76 -48.28
C ALA H 238 -26.86 -20.86 -48.24
N GLU H 239 -26.27 -21.46 -49.27
CA GLU H 239 -24.84 -21.76 -49.24
C GLU H 239 -24.09 -21.29 -50.49
N ALA H 240 -22.77 -21.33 -50.38
CA ALA H 240 -21.87 -21.11 -51.52
C ALA H 240 -20.56 -21.87 -51.29
N TRP H 241 -19.93 -22.30 -52.39
CA TRP H 241 -18.60 -22.90 -52.30
C TRP H 241 -17.58 -21.96 -52.90
N GLY H 242 -16.34 -22.07 -52.45
CA GLY H 242 -15.24 -21.30 -53.02
C GLY H 242 -15.02 -21.59 -54.49
N ARG H 243 -14.32 -20.68 -55.16
CA ARG H 243 -14.24 -20.67 -56.63
C ARG H 243 -12.83 -20.40 -57.13
N ALA H 244 -12.40 -21.15 -58.14
CA ALA H 244 -11.11 -20.92 -58.76
C ALA H 244 -11.18 -21.09 -60.28
#